data_1MDI
# 
_entry.id   1MDI 
# 
_audit_conform.dict_name       mmcif_pdbx.dic 
_audit_conform.dict_version    5.397 
_audit_conform.dict_location   http://mmcif.pdb.org/dictionaries/ascii/mmcif_pdbx.dic 
# 
loop_
_database_2.database_id 
_database_2.database_code 
_database_2.pdbx_database_accession 
_database_2.pdbx_DOI 
PDB   1MDI         pdb_00001mdi 10.2210/pdb1mdi/pdb 
WWPDB D_1000174959 ?            ?                   
# 
loop_
_pdbx_audit_revision_history.ordinal 
_pdbx_audit_revision_history.data_content_type 
_pdbx_audit_revision_history.major_revision 
_pdbx_audit_revision_history.minor_revision 
_pdbx_audit_revision_history.revision_date 
1 'Structure model' 1 0 1995-06-03 
2 'Structure model' 1 1 2008-03-24 
3 'Structure model' 1 2 2011-07-13 
4 'Structure model' 1 3 2022-02-23 
5 'Structure model' 1 4 2024-10-16 
# 
_pdbx_audit_revision_details.ordinal             1 
_pdbx_audit_revision_details.revision_ordinal    1 
_pdbx_audit_revision_details.data_content_type   'Structure model' 
_pdbx_audit_revision_details.provider            repository 
_pdbx_audit_revision_details.type                'Initial release' 
_pdbx_audit_revision_details.description         ? 
_pdbx_audit_revision_details.details             ? 
# 
loop_
_pdbx_audit_revision_group.ordinal 
_pdbx_audit_revision_group.revision_ordinal 
_pdbx_audit_revision_group.data_content_type 
_pdbx_audit_revision_group.group 
1 2 'Structure model' 'Version format compliance' 
2 3 'Structure model' 'Version format compliance' 
3 4 'Structure model' 'Database references'       
4 4 'Structure model' 'Derived calculations'      
5 4 'Structure model' Other                       
6 5 'Structure model' 'Data collection'           
7 5 'Structure model' 'Structure summary'         
# 
loop_
_pdbx_audit_revision_category.ordinal 
_pdbx_audit_revision_category.revision_ordinal 
_pdbx_audit_revision_category.data_content_type 
_pdbx_audit_revision_category.category 
1 4 'Structure model' database_2                
2 4 'Structure model' pdbx_database_status      
3 4 'Structure model' pdbx_struct_assembly      
4 4 'Structure model' pdbx_struct_oper_list     
5 4 'Structure model' struct_ref_seq_dif        
6 5 'Structure model' chem_comp_atom            
7 5 'Structure model' chem_comp_bond            
8 5 'Structure model' pdbx_entry_details        
9 5 'Structure model' pdbx_modification_feature 
# 
loop_
_pdbx_audit_revision_item.ordinal 
_pdbx_audit_revision_item.revision_ordinal 
_pdbx_audit_revision_item.data_content_type 
_pdbx_audit_revision_item.item 
1 4 'Structure model' '_database_2.pdbx_DOI'                         
2 4 'Structure model' '_database_2.pdbx_database_accession'          
3 4 'Structure model' '_pdbx_database_status.process_site'           
4 4 'Structure model' '_struct_ref_seq_dif.details'                  
5 5 'Structure model' '_pdbx_entry_details.has_protein_modification' 
# 
_pdbx_database_status.status_code                     REL 
_pdbx_database_status.entry_id                        1MDI 
_pdbx_database_status.recvd_initial_deposition_date   1995-02-27 
_pdbx_database_status.deposit_site                    ? 
_pdbx_database_status.process_site                    BNL 
_pdbx_database_status.status_code_sf                  ? 
_pdbx_database_status.status_code_mr                  REL 
_pdbx_database_status.SG_entry                        ? 
_pdbx_database_status.pdb_format_compatible           Y 
_pdbx_database_status.status_code_cs                  ? 
_pdbx_database_status.status_code_nmr_data            ? 
_pdbx_database_status.methods_development_category    ? 
# 
loop_
_pdbx_database_related.db_name 
_pdbx_database_related.db_id 
_pdbx_database_related.details 
_pdbx_database_related.content_type 
PDB 1MDJ . ensemble 
PDB 1MDK . ensemble 
# 
loop_
_audit_author.name 
_audit_author.pdbx_ordinal 
'Clore, G.M.'      1 
'Qin, J.'          2 
'Gronenborn, A.M.' 3 
# 
_citation.id                        primary 
_citation.title                     
;Solution structure of human thioredoxin in a mixed disulfide intermediate complex with its target peptide from the transcription factor NF kappa B.
;
_citation.journal_abbrev            Structure 
_citation.journal_volume            3 
_citation.page_first                289 
_citation.page_last                 297 
_citation.year                      1995 
_citation.journal_id_ASTM           STRUE6 
_citation.country                   UK 
_citation.journal_id_ISSN           0969-2126 
_citation.journal_id_CSD            2005 
_citation.book_publisher            ? 
_citation.pdbx_database_id_PubMed   7788295 
_citation.pdbx_database_id_DOI      '10.1016/S0969-2126(01)00159-9' 
# 
loop_
_citation_author.citation_id 
_citation_author.name 
_citation_author.ordinal 
_citation_author.identifier_ORCID 
primary 'Qin, J.'          1 ? 
primary 'Clore, G.M.'      2 ? 
primary 'Kennedy, W.M.'    3 ? 
primary 'Huth, J.R.'       4 ? 
primary 'Gronenborn, A.M.' 5 ? 
# 
loop_
_entity.id 
_entity.type 
_entity.src_method 
_entity.pdbx_description 
_entity.formula_weight 
_entity.pdbx_number_of_molecules 
_entity.pdbx_ec 
_entity.pdbx_mutation 
_entity.pdbx_fragment 
_entity.details 
1 polymer man THIOREDOXIN                 11592.125 1 ? ? ? ? 
2 polymer man 'TARGET SITE IN HUMAN NFKB' 1557.755  1 ? ? ? ? 
3 water   nat water                       18.015    6 ? ? ? ? 
# 
loop_
_entity_poly.entity_id 
_entity_poly.type 
_entity_poly.nstd_linkage 
_entity_poly.nstd_monomer 
_entity_poly.pdbx_seq_one_letter_code 
_entity_poly.pdbx_seq_one_letter_code_can 
_entity_poly.pdbx_strand_id 
_entity_poly.pdbx_target_identifier 
1 'polypeptide(L)' no no 
;MVKQIESKTAFQEALDAAGDKLVVVDFSATWCGPAKMIKPFFHSLSEKYSNVIFLEVDVDDAQDVASEAEVKATPTFQFF
KKGQKVGEFSGANKEKLEATINELV
;
;MVKQIESKTAFQEALDAAGDKLVVVDFSATWCGPAKMIKPFFHSLSEKYSNVIFLEVDVDDAQDVASEAEVKATPTFQFF
KKGQKVGEFSGANKEKLEATINELV
;
A ? 
2 'polypeptide(L)' no no FRFRYVCEGPSHG FRFRYVCEGPSHG B ? 
# 
_pdbx_entity_nonpoly.entity_id   3 
_pdbx_entity_nonpoly.name        water 
_pdbx_entity_nonpoly.comp_id     HOH 
# 
loop_
_entity_poly_seq.entity_id 
_entity_poly_seq.num 
_entity_poly_seq.mon_id 
_entity_poly_seq.hetero 
1 1   MET n 
1 2   VAL n 
1 3   LYS n 
1 4   GLN n 
1 5   ILE n 
1 6   GLU n 
1 7   SER n 
1 8   LYS n 
1 9   THR n 
1 10  ALA n 
1 11  PHE n 
1 12  GLN n 
1 13  GLU n 
1 14  ALA n 
1 15  LEU n 
1 16  ASP n 
1 17  ALA n 
1 18  ALA n 
1 19  GLY n 
1 20  ASP n 
1 21  LYS n 
1 22  LEU n 
1 23  VAL n 
1 24  VAL n 
1 25  VAL n 
1 26  ASP n 
1 27  PHE n 
1 28  SER n 
1 29  ALA n 
1 30  THR n 
1 31  TRP n 
1 32  CYS n 
1 33  GLY n 
1 34  PRO n 
1 35  ALA n 
1 36  LYS n 
1 37  MET n 
1 38  ILE n 
1 39  LYS n 
1 40  PRO n 
1 41  PHE n 
1 42  PHE n 
1 43  HIS n 
1 44  SER n 
1 45  LEU n 
1 46  SER n 
1 47  GLU n 
1 48  LYS n 
1 49  TYR n 
1 50  SER n 
1 51  ASN n 
1 52  VAL n 
1 53  ILE n 
1 54  PHE n 
1 55  LEU n 
1 56  GLU n 
1 57  VAL n 
1 58  ASP n 
1 59  VAL n 
1 60  ASP n 
1 61  ASP n 
1 62  ALA n 
1 63  GLN n 
1 64  ASP n 
1 65  VAL n 
1 66  ALA n 
1 67  SER n 
1 68  GLU n 
1 69  ALA n 
1 70  GLU n 
1 71  VAL n 
1 72  LYS n 
1 73  ALA n 
1 74  THR n 
1 75  PRO n 
1 76  THR n 
1 77  PHE n 
1 78  GLN n 
1 79  PHE n 
1 80  PHE n 
1 81  LYS n 
1 82  LYS n 
1 83  GLY n 
1 84  GLN n 
1 85  LYS n 
1 86  VAL n 
1 87  GLY n 
1 88  GLU n 
1 89  PHE n 
1 90  SER n 
1 91  GLY n 
1 92  ALA n 
1 93  ASN n 
1 94  LYS n 
1 95  GLU n 
1 96  LYS n 
1 97  LEU n 
1 98  GLU n 
1 99  ALA n 
1 100 THR n 
1 101 ILE n 
1 102 ASN n 
1 103 GLU n 
1 104 LEU n 
1 105 VAL n 
2 1   PHE n 
2 2   ARG n 
2 3   PHE n 
2 4   ARG n 
2 5   TYR n 
2 6   VAL n 
2 7   CYS n 
2 8   GLU n 
2 9   GLY n 
2 10  PRO n 
2 11  SER n 
2 12  HIS n 
2 13  GLY n 
# 
_entity_src_gen.entity_id                          1 
_entity_src_gen.pdbx_src_id                        1 
_entity_src_gen.pdbx_alt_source_flag               sample 
_entity_src_gen.pdbx_seq_type                      ? 
_entity_src_gen.pdbx_beg_seq_num                   ? 
_entity_src_gen.pdbx_end_seq_num                   ? 
_entity_src_gen.gene_src_common_name               human 
_entity_src_gen.gene_src_genus                     Homo 
_entity_src_gen.pdbx_gene_src_gene                 ? 
_entity_src_gen.gene_src_species                   ? 
_entity_src_gen.gene_src_strain                    ? 
_entity_src_gen.gene_src_tissue                    ? 
_entity_src_gen.gene_src_tissue_fraction           ? 
_entity_src_gen.gene_src_details                   ? 
_entity_src_gen.pdbx_gene_src_fragment             ? 
_entity_src_gen.pdbx_gene_src_scientific_name      'Homo sapiens' 
_entity_src_gen.pdbx_gene_src_ncbi_taxonomy_id     9606 
_entity_src_gen.pdbx_gene_src_variant              ? 
_entity_src_gen.pdbx_gene_src_cell_line            ? 
_entity_src_gen.pdbx_gene_src_atcc                 ? 
_entity_src_gen.pdbx_gene_src_organ                ? 
_entity_src_gen.pdbx_gene_src_organelle            ? 
_entity_src_gen.pdbx_gene_src_cell                 ? 
_entity_src_gen.pdbx_gene_src_cellular_location    ? 
_entity_src_gen.host_org_common_name               ? 
_entity_src_gen.pdbx_host_org_scientific_name      ? 
_entity_src_gen.pdbx_host_org_ncbi_taxonomy_id     ? 
_entity_src_gen.host_org_genus                     ? 
_entity_src_gen.pdbx_host_org_gene                 ? 
_entity_src_gen.pdbx_host_org_organ                ? 
_entity_src_gen.host_org_species                   ? 
_entity_src_gen.pdbx_host_org_tissue               ? 
_entity_src_gen.pdbx_host_org_tissue_fraction      ? 
_entity_src_gen.pdbx_host_org_strain               ? 
_entity_src_gen.pdbx_host_org_variant              ? 
_entity_src_gen.pdbx_host_org_cell_line            ? 
_entity_src_gen.pdbx_host_org_atcc                 ? 
_entity_src_gen.pdbx_host_org_culture_collection   ? 
_entity_src_gen.pdbx_host_org_cell                 ? 
_entity_src_gen.pdbx_host_org_organelle            ? 
_entity_src_gen.pdbx_host_org_cellular_location    ? 
_entity_src_gen.pdbx_host_org_vector_type          ? 
_entity_src_gen.pdbx_host_org_vector               ? 
_entity_src_gen.host_org_details                   ? 
_entity_src_gen.expression_system_id               ? 
_entity_src_gen.plasmid_name                       ? 
_entity_src_gen.plasmid_details                    ? 
_entity_src_gen.pdbx_description                   ? 
# 
loop_
_chem_comp.id 
_chem_comp.type 
_chem_comp.mon_nstd_flag 
_chem_comp.name 
_chem_comp.pdbx_synonyms 
_chem_comp.formula 
_chem_comp.formula_weight 
ALA 'L-peptide linking' y ALANINE         ? 'C3 H7 N O2'     89.093  
ARG 'L-peptide linking' y ARGININE        ? 'C6 H15 N4 O2 1' 175.209 
ASN 'L-peptide linking' y ASPARAGINE      ? 'C4 H8 N2 O3'    132.118 
ASP 'L-peptide linking' y 'ASPARTIC ACID' ? 'C4 H7 N O4'     133.103 
CYS 'L-peptide linking' y CYSTEINE        ? 'C3 H7 N O2 S'   121.158 
GLN 'L-peptide linking' y GLUTAMINE       ? 'C5 H10 N2 O3'   146.144 
GLU 'L-peptide linking' y 'GLUTAMIC ACID' ? 'C5 H9 N O4'     147.129 
GLY 'peptide linking'   y GLYCINE         ? 'C2 H5 N O2'     75.067  
HIS 'L-peptide linking' y HISTIDINE       ? 'C6 H10 N3 O2 1' 156.162 
HOH non-polymer         . WATER           ? 'H2 O'           18.015  
ILE 'L-peptide linking' y ISOLEUCINE      ? 'C6 H13 N O2'    131.173 
LEU 'L-peptide linking' y LEUCINE         ? 'C6 H13 N O2'    131.173 
LYS 'L-peptide linking' y LYSINE          ? 'C6 H15 N2 O2 1' 147.195 
MET 'L-peptide linking' y METHIONINE      ? 'C5 H11 N O2 S'  149.211 
PHE 'L-peptide linking' y PHENYLALANINE   ? 'C9 H11 N O2'    165.189 
PRO 'L-peptide linking' y PROLINE         ? 'C5 H9 N O2'     115.130 
SER 'L-peptide linking' y SERINE          ? 'C3 H7 N O3'     105.093 
THR 'L-peptide linking' y THREONINE       ? 'C4 H9 N O3'     119.119 
TRP 'L-peptide linking' y TRYPTOPHAN      ? 'C11 H12 N2 O2'  204.225 
TYR 'L-peptide linking' y TYROSINE        ? 'C9 H11 N O3'    181.189 
VAL 'L-peptide linking' y VALINE          ? 'C5 H11 N O2'    117.146 
# 
loop_
_pdbx_poly_seq_scheme.asym_id 
_pdbx_poly_seq_scheme.entity_id 
_pdbx_poly_seq_scheme.seq_id 
_pdbx_poly_seq_scheme.mon_id 
_pdbx_poly_seq_scheme.ndb_seq_num 
_pdbx_poly_seq_scheme.pdb_seq_num 
_pdbx_poly_seq_scheme.auth_seq_num 
_pdbx_poly_seq_scheme.pdb_mon_id 
_pdbx_poly_seq_scheme.auth_mon_id 
_pdbx_poly_seq_scheme.pdb_strand_id 
_pdbx_poly_seq_scheme.pdb_ins_code 
_pdbx_poly_seq_scheme.hetero 
A 1 1   MET 1   1   1   MET MET A . n 
A 1 2   VAL 2   2   2   VAL VAL A . n 
A 1 3   LYS 3   3   3   LYS LYS A . n 
A 1 4   GLN 4   4   4   GLN GLN A . n 
A 1 5   ILE 5   5   5   ILE ILE A . n 
A 1 6   GLU 6   6   6   GLU GLU A . n 
A 1 7   SER 7   7   7   SER SER A . n 
A 1 8   LYS 8   8   8   LYS LYS A . n 
A 1 9   THR 9   9   9   THR THR A . n 
A 1 10  ALA 10  10  10  ALA ALA A . n 
A 1 11  PHE 11  11  11  PHE PHE A . n 
A 1 12  GLN 12  12  12  GLN GLN A . n 
A 1 13  GLU 13  13  13  GLU GLU A . n 
A 1 14  ALA 14  14  14  ALA ALA A . n 
A 1 15  LEU 15  15  15  LEU LEU A . n 
A 1 16  ASP 16  16  16  ASP ASP A . n 
A 1 17  ALA 17  17  17  ALA ALA A . n 
A 1 18  ALA 18  18  18  ALA ALA A . n 
A 1 19  GLY 19  19  19  GLY GLY A . n 
A 1 20  ASP 20  20  20  ASP ASP A . n 
A 1 21  LYS 21  21  21  LYS LYS A . n 
A 1 22  LEU 22  22  22  LEU LEU A . n 
A 1 23  VAL 23  23  23  VAL VAL A . n 
A 1 24  VAL 24  24  24  VAL VAL A . n 
A 1 25  VAL 25  25  25  VAL VAL A . n 
A 1 26  ASP 26  26  26  ASP ASP A . n 
A 1 27  PHE 27  27  27  PHE PHE A . n 
A 1 28  SER 28  28  28  SER SER A . n 
A 1 29  ALA 29  29  29  ALA ALA A . n 
A 1 30  THR 30  30  30  THR THR A . n 
A 1 31  TRP 31  31  31  TRP TRP A . n 
A 1 32  CYS 32  32  32  CYS CYS A . n 
A 1 33  GLY 33  33  33  GLY GLY A . n 
A 1 34  PRO 34  34  34  PRO PRO A . n 
A 1 35  ALA 35  35  35  ALA ALA A . n 
A 1 36  LYS 36  36  36  LYS LYS A . n 
A 1 37  MET 37  37  37  MET MET A . n 
A 1 38  ILE 38  38  38  ILE ILE A . n 
A 1 39  LYS 39  39  39  LYS LYS A . n 
A 1 40  PRO 40  40  40  PRO PRO A . n 
A 1 41  PHE 41  41  41  PHE PHE A . n 
A 1 42  PHE 42  42  42  PHE PHE A . n 
A 1 43  HIS 43  43  43  HIS HIS A . n 
A 1 44  SER 44  44  44  SER SER A . n 
A 1 45  LEU 45  45  45  LEU LEU A . n 
A 1 46  SER 46  46  46  SER SER A . n 
A 1 47  GLU 47  47  47  GLU GLU A . n 
A 1 48  LYS 48  48  48  LYS LYS A . n 
A 1 49  TYR 49  49  49  TYR TYR A . n 
A 1 50  SER 50  50  50  SER SER A . n 
A 1 51  ASN 51  51  51  ASN ASN A . n 
A 1 52  VAL 52  52  52  VAL VAL A . n 
A 1 53  ILE 53  53  53  ILE ILE A . n 
A 1 54  PHE 54  54  54  PHE PHE A . n 
A 1 55  LEU 55  55  55  LEU LEU A . n 
A 1 56  GLU 56  56  56  GLU GLU A . n 
A 1 57  VAL 57  57  57  VAL VAL A . n 
A 1 58  ASP 58  58  58  ASP ASP A . n 
A 1 59  VAL 59  59  59  VAL VAL A . n 
A 1 60  ASP 60  60  60  ASP ASP A . n 
A 1 61  ASP 61  61  61  ASP ASP A . n 
A 1 62  ALA 62  62  62  ALA ALA A . n 
A 1 63  GLN 63  63  63  GLN GLN A . n 
A 1 64  ASP 64  64  64  ASP ASP A . n 
A 1 65  VAL 65  65  65  VAL VAL A . n 
A 1 66  ALA 66  66  66  ALA ALA A . n 
A 1 67  SER 67  67  67  SER SER A . n 
A 1 68  GLU 68  68  68  GLU GLU A . n 
A 1 69  ALA 69  69  69  ALA ALA A . n 
A 1 70  GLU 70  70  70  GLU GLU A . n 
A 1 71  VAL 71  71  71  VAL VAL A . n 
A 1 72  LYS 72  72  72  LYS LYS A . n 
A 1 73  ALA 73  73  73  ALA ALA A . n 
A 1 74  THR 74  74  74  THR THR A . n 
A 1 75  PRO 75  75  75  PRO PRO A . n 
A 1 76  THR 76  76  76  THR THR A . n 
A 1 77  PHE 77  77  77  PHE PHE A . n 
A 1 78  GLN 78  78  78  GLN GLN A . n 
A 1 79  PHE 79  79  79  PHE PHE A . n 
A 1 80  PHE 80  80  80  PHE PHE A . n 
A 1 81  LYS 81  81  81  LYS LYS A . n 
A 1 82  LYS 82  82  82  LYS LYS A . n 
A 1 83  GLY 83  83  83  GLY GLY A . n 
A 1 84  GLN 84  84  84  GLN GLN A . n 
A 1 85  LYS 85  85  85  LYS LYS A . n 
A 1 86  VAL 86  86  86  VAL VAL A . n 
A 1 87  GLY 87  87  87  GLY GLY A . n 
A 1 88  GLU 88  88  88  GLU GLU A . n 
A 1 89  PHE 89  89  89  PHE PHE A . n 
A 1 90  SER 90  90  90  SER SER A . n 
A 1 91  GLY 91  91  91  GLY GLY A . n 
A 1 92  ALA 92  92  92  ALA ALA A . n 
A 1 93  ASN 93  93  93  ASN ASN A . n 
A 1 94  LYS 94  94  94  LYS LYS A . n 
A 1 95  GLU 95  95  95  GLU GLU A . n 
A 1 96  LYS 96  96  96  LYS LYS A . n 
A 1 97  LEU 97  97  97  LEU LEU A . n 
A 1 98  GLU 98  98  98  GLU GLU A . n 
A 1 99  ALA 99  99  99  ALA ALA A . n 
A 1 100 THR 100 100 100 THR THR A . n 
A 1 101 ILE 101 101 101 ILE ILE A . n 
A 1 102 ASN 102 102 102 ASN ASN A . n 
A 1 103 GLU 103 103 103 GLU GLU A . n 
A 1 104 LEU 104 104 104 LEU LEU A . n 
A 1 105 VAL 105 105 105 VAL VAL A . n 
B 2 1   PHE 1   1   1   PHE PHE B . n 
B 2 2   ARG 2   2   2   ARG ARG B . n 
B 2 3   PHE 3   3   3   PHE PHE B . n 
B 2 4   ARG 4   4   4   ARG ARG B . n 
B 2 5   TYR 5   5   5   TYR TYR B . n 
B 2 6   VAL 6   6   6   VAL VAL B . n 
B 2 7   CYS 7   7   7   CYS CYS B . n 
B 2 8   GLU 8   8   8   GLU GLU B . n 
B 2 9   GLY 9   9   9   GLY GLY B . n 
B 2 10  PRO 10  10  10  PRO PRO B . n 
B 2 11  SER 11  11  11  SER SER B . n 
B 2 12  HIS 12  12  12  HIS HIS B . n 
B 2 13  GLY 13  13  13  GLY GLY B . n 
# 
loop_
_pdbx_nonpoly_scheme.asym_id 
_pdbx_nonpoly_scheme.entity_id 
_pdbx_nonpoly_scheme.mon_id 
_pdbx_nonpoly_scheme.ndb_seq_num 
_pdbx_nonpoly_scheme.pdb_seq_num 
_pdbx_nonpoly_scheme.auth_seq_num 
_pdbx_nonpoly_scheme.pdb_mon_id 
_pdbx_nonpoly_scheme.auth_mon_id 
_pdbx_nonpoly_scheme.pdb_strand_id 
_pdbx_nonpoly_scheme.pdb_ins_code 
C 3 HOH 1 106 1 HOH HOH A . 
C 3 HOH 2 107 2 HOH HOH A . 
C 3 HOH 3 108 3 HOH HOH A . 
C 3 HOH 4 109 4 HOH HOH A . 
C 3 HOH 5 110 5 HOH HOH A . 
C 3 HOH 6 111 6 HOH HOH A . 
# 
_cell.entry_id           1MDI 
_cell.length_a           1.000 
_cell.length_b           1.000 
_cell.length_c           1.000 
_cell.angle_alpha        90.00 
_cell.angle_beta         90.00 
_cell.angle_gamma        90.00 
_cell.Z_PDB              1 
_cell.pdbx_unique_axis   ? 
# 
_symmetry.entry_id                         1MDI 
_symmetry.space_group_name_H-M             'P 1' 
_symmetry.pdbx_full_space_group_name_H-M   ? 
_symmetry.cell_setting                     ? 
_symmetry.Int_Tables_number                1 
# 
_exptl.entry_id          1MDI 
_exptl.method            'SOLUTION NMR' 
_exptl.crystals_number   ? 
# 
_struct.entry_id                  1MDI 
_struct.title                     
;HIGH RESOLUTION SOLUTION NMR STRUCTURE OF MIXED DISULFIDE INTERMEDIATE BETWEEN MUTANT HUMAN THIOREDOXIN AND A 13 RESIDUE PEPTIDE COMPRISING ITS TARGET SITE IN HUMAN NFKB
;
_struct.pdbx_model_details        ? 
_struct.pdbx_CASP_flag            ? 
_struct.pdbx_model_type_details   ? 
# 
_struct_keywords.entry_id        1MDI 
_struct_keywords.pdbx_keywords   'COMPLEX (ELECTRON TRANSPORT/PEPTIDE)' 
_struct_keywords.text            'COMPLEX (ELECTRON TRANSPORT-PEPTIDE), COMPLEX (ELECTRON TRANSPORT-PEPTIDE) complex' 
# 
loop_
_struct_asym.id 
_struct_asym.pdbx_blank_PDB_chainid_flag 
_struct_asym.pdbx_modified 
_struct_asym.entity_id 
_struct_asym.details 
A N N 1 ? 
B N N 2 ? 
C N N 3 ? 
# 
loop_
_struct_ref.id 
_struct_ref.db_name 
_struct_ref.db_code 
_struct_ref.entity_id 
_struct_ref.pdbx_db_accession 
_struct_ref.pdbx_align_begin 
_struct_ref.pdbx_seq_one_letter_code 
_struct_ref.pdbx_db_isoform 
1 UNP THIO_HUMAN  1 P10599 1 
;VKQIESKTAFQEALDAAGDKLVVVDFSATWCGPCKMIKPFFHSLSEKYSNVIFLEVDVDDCQDVASECEVKCMPTFQFFK
KGQKVGEFSGANKEKLEATINELV
;
? 
2 UNP NFKB1_HUMAN 2 P19838 1 
;MADDDPYGTGQMFHLNTALTHSIFNAELYSPEIPLSTDGPYLQILEQPKQRGFRFRYVCEGPSHGGLPGASSEKNKKSYP
QVKICNYVGPAKVIVQLVTNGKNIHLHAHSLVGKHCEDGVCTVTAGPKDMVVGFANLGILHVTKKKVFETLEARMTEACI
RGYNPGLLVHSDLAYLQAEGGGDRQLTDREKEIIRQAAVQQTKEMDLSVVRLMFTAFLPDSTGSFTRRLEPVVSDAIYDS
KAPNASNLKIVRMDRTAGCVTGGEEIYLLCDKVQKDDIQIRFYEEEENGGVWEGFGDFSPTDVHRQFAIVFKTPKYKDVN
ITKPASVFVQLRRKSDLETSEPKPFLYYPEIKDKEEVQRKRQKLMPNFSDSFGGGSGAGAGGGGMFGSGGGGGSTGSPGP
GYGYSNYGFPPYGGITFHPGVTKSNAGVTHGTINTKFKNGPKDCAKSDDEESLTLPEKETEGEGPSLPMACTKTEPIALA
STMEDKEQDMGFQDNLFLEKALQLARRHANALFDYAVTGDVKMLLAVQRHLTAVQDENGDSVLHLAIIHLHAQLVRDLLE
VTSGLISDDIINMRNDLYQTPLHLAVITKQEDVVEDLLRVGADLSLLDRWGNSVLHLAAKEGHDRILSILLKSRKAAPLI
DHPNGEGLNAIHIAVMSNSLPCLLLLVAAGAEVNAQEQKSGRTPLHLAVEYDNISLAGCLLLEGDAHVDSTTYDGTTPLH
IAAGRGSTRLAALLKAAGADPLVENFEPLYDLDDSWEKAGEDEGVVPGTTPLDMAANWQVFDILNGKPYEPVFTSDDILP
QGDMKQLTEDTRLQLCKLLEIPDPDKNWATLAQKLGLGILNNAFRLSPAPSKTLMDNYEVSGGTIKELMEALQQMGYTEA
IEVIQAAFRTPATTASSPVTTAQVHCLPLSSSSTRQHIDELRDSDSVCDSGVETSFRKLSFTESLTGDSPLLSLNKMPHG
YGQEGPIEGKI
;
? 
# 
loop_
_struct_ref_seq.align_id 
_struct_ref_seq.ref_id 
_struct_ref_seq.pdbx_PDB_id_code 
_struct_ref_seq.pdbx_strand_id 
_struct_ref_seq.seq_align_beg 
_struct_ref_seq.pdbx_seq_align_beg_ins_code 
_struct_ref_seq.seq_align_end 
_struct_ref_seq.pdbx_seq_align_end_ins_code 
_struct_ref_seq.pdbx_db_accession 
_struct_ref_seq.db_align_beg 
_struct_ref_seq.pdbx_db_align_beg_ins_code 
_struct_ref_seq.db_align_end 
_struct_ref_seq.pdbx_db_align_end_ins_code 
_struct_ref_seq.pdbx_auth_seq_align_beg 
_struct_ref_seq.pdbx_auth_seq_align_end 
1 1 1MDI A 2 ? 105 ? P10599 1  ? 104 ? 2 105 
2 2 1MDI B 1 ? 13  ? P19838 53 ? 65  ? 1 13  
# 
loop_
_struct_ref_seq_dif.align_id 
_struct_ref_seq_dif.pdbx_pdb_id_code 
_struct_ref_seq_dif.mon_id 
_struct_ref_seq_dif.pdbx_pdb_strand_id 
_struct_ref_seq_dif.seq_num 
_struct_ref_seq_dif.pdbx_pdb_ins_code 
_struct_ref_seq_dif.pdbx_seq_db_name 
_struct_ref_seq_dif.pdbx_seq_db_accession_code 
_struct_ref_seq_dif.db_mon_id 
_struct_ref_seq_dif.pdbx_seq_db_seq_num 
_struct_ref_seq_dif.details 
_struct_ref_seq_dif.pdbx_auth_seq_num 
_struct_ref_seq_dif.pdbx_ordinal 
1 1MDI ALA A 35 ? UNP P10599 CYS 34 conflict 35 1 
1 1MDI ALA A 62 ? UNP P10599 CYS 61 conflict 62 2 
1 1MDI ALA A 69 ? UNP P10599 CYS 68 conflict 69 3 
1 1MDI ALA A 73 ? UNP P10599 CYS 72 conflict 73 4 
1 1MDI THR A 74 ? UNP P10599 MET 73 conflict 74 5 
# 
_pdbx_struct_assembly.id                   1 
_pdbx_struct_assembly.details              author_defined_assembly 
_pdbx_struct_assembly.method_details       ? 
_pdbx_struct_assembly.oligomeric_details   dimeric 
_pdbx_struct_assembly.oligomeric_count     2 
# 
_pdbx_struct_assembly_gen.assembly_id       1 
_pdbx_struct_assembly_gen.oper_expression   1 
_pdbx_struct_assembly_gen.asym_id_list      A,B,C 
# 
_pdbx_struct_oper_list.id                   1 
_pdbx_struct_oper_list.type                 'identity operation' 
_pdbx_struct_oper_list.name                 1_555 
_pdbx_struct_oper_list.symmetry_operation   x,y,z 
_pdbx_struct_oper_list.matrix[1][1]         1.0000000000 
_pdbx_struct_oper_list.matrix[1][2]         0.0000000000 
_pdbx_struct_oper_list.matrix[1][3]         0.0000000000 
_pdbx_struct_oper_list.vector[1]            0.0000000000 
_pdbx_struct_oper_list.matrix[2][1]         0.0000000000 
_pdbx_struct_oper_list.matrix[2][2]         1.0000000000 
_pdbx_struct_oper_list.matrix[2][3]         0.0000000000 
_pdbx_struct_oper_list.vector[2]            0.0000000000 
_pdbx_struct_oper_list.matrix[3][1]         0.0000000000 
_pdbx_struct_oper_list.matrix[3][2]         0.0000000000 
_pdbx_struct_oper_list.matrix[3][3]         1.0000000000 
_pdbx_struct_oper_list.vector[3]            0.0000000000 
# 
_struct_biol.id   1 
# 
loop_
_struct_conf.conf_type_id 
_struct_conf.id 
_struct_conf.pdbx_PDB_helix_id 
_struct_conf.beg_label_comp_id 
_struct_conf.beg_label_asym_id 
_struct_conf.beg_label_seq_id 
_struct_conf.pdbx_beg_PDB_ins_code 
_struct_conf.end_label_comp_id 
_struct_conf.end_label_asym_id 
_struct_conf.end_label_seq_id 
_struct_conf.pdbx_end_PDB_ins_code 
_struct_conf.beg_auth_comp_id 
_struct_conf.beg_auth_asym_id 
_struct_conf.beg_auth_seq_id 
_struct_conf.end_auth_comp_id 
_struct_conf.end_auth_asym_id 
_struct_conf.end_auth_seq_id 
_struct_conf.pdbx_PDB_helix_class 
_struct_conf.details 
_struct_conf.pdbx_PDB_helix_length 
HELX_P HELX_P1 1 LYS A 8  ? ALA A 17  ? LYS A 8  ALA A 17  1 ? 10 
HELX_P HELX_P2 2 GLY A 33 ? PHE A 42  ? GLY A 33 PHE A 42  1 ? 10 
HELX_P HELX_P3 3 SER A 44 ? LYS A 48  ? SER A 44 LYS A 48  5 ? 5  
HELX_P HELX_P4 4 GLN A 63 ? ALA A 69  ? GLN A 63 ALA A 69  1 ? 7  
HELX_P HELX_P5 5 LYS A 94 ? LEU A 104 ? LYS A 94 LEU A 104 1 ? 11 
# 
_struct_conf_type.id          HELX_P 
_struct_conf_type.criteria    ? 
_struct_conf_type.reference   ? 
# 
_struct_conn.id                            disulf1 
_struct_conn.conn_type_id                  disulf 
_struct_conn.pdbx_leaving_atom_flag        ? 
_struct_conn.pdbx_PDB_id                   ? 
_struct_conn.ptnr1_label_asym_id           A 
_struct_conn.ptnr1_label_comp_id           CYS 
_struct_conn.ptnr1_label_seq_id            32 
_struct_conn.ptnr1_label_atom_id           SG 
_struct_conn.pdbx_ptnr1_label_alt_id       ? 
_struct_conn.pdbx_ptnr1_PDB_ins_code       ? 
_struct_conn.pdbx_ptnr1_standard_comp_id   ? 
_struct_conn.ptnr1_symmetry                1_555 
_struct_conn.ptnr2_label_asym_id           B 
_struct_conn.ptnr2_label_comp_id           CYS 
_struct_conn.ptnr2_label_seq_id            7 
_struct_conn.ptnr2_label_atom_id           SG 
_struct_conn.pdbx_ptnr2_label_alt_id       ? 
_struct_conn.pdbx_ptnr2_PDB_ins_code       ? 
_struct_conn.ptnr1_auth_asym_id            A 
_struct_conn.ptnr1_auth_comp_id            CYS 
_struct_conn.ptnr1_auth_seq_id             32 
_struct_conn.ptnr2_auth_asym_id            B 
_struct_conn.ptnr2_auth_comp_id            CYS 
_struct_conn.ptnr2_auth_seq_id             7 
_struct_conn.ptnr2_symmetry                1_555 
_struct_conn.pdbx_ptnr3_label_atom_id      ? 
_struct_conn.pdbx_ptnr3_label_seq_id       ? 
_struct_conn.pdbx_ptnr3_label_comp_id      ? 
_struct_conn.pdbx_ptnr3_label_asym_id      ? 
_struct_conn.pdbx_ptnr3_label_alt_id       ? 
_struct_conn.pdbx_ptnr3_PDB_ins_code       ? 
_struct_conn.details                       ? 
_struct_conn.pdbx_dist_value               2.023 
_struct_conn.pdbx_value_order              ? 
_struct_conn.pdbx_role                     ? 
# 
_struct_conn_type.id          disulf 
_struct_conn_type.criteria    ? 
_struct_conn_type.reference   ? 
# 
_pdbx_modification_feature.ordinal                            1 
_pdbx_modification_feature.label_comp_id                      CYS 
_pdbx_modification_feature.label_asym_id                      A 
_pdbx_modification_feature.label_seq_id                       32 
_pdbx_modification_feature.label_alt_id                       ? 
_pdbx_modification_feature.modified_residue_label_comp_id     CYS 
_pdbx_modification_feature.modified_residue_label_asym_id     B 
_pdbx_modification_feature.modified_residue_label_seq_id      7 
_pdbx_modification_feature.modified_residue_label_alt_id      ? 
_pdbx_modification_feature.auth_comp_id                       CYS 
_pdbx_modification_feature.auth_asym_id                       A 
_pdbx_modification_feature.auth_seq_id                        32 
_pdbx_modification_feature.PDB_ins_code                       ? 
_pdbx_modification_feature.symmetry                           1_555 
_pdbx_modification_feature.modified_residue_auth_comp_id      CYS 
_pdbx_modification_feature.modified_residue_auth_asym_id      B 
_pdbx_modification_feature.modified_residue_auth_seq_id       7 
_pdbx_modification_feature.modified_residue_PDB_ins_code      ? 
_pdbx_modification_feature.modified_residue_symmetry          1_555 
_pdbx_modification_feature.comp_id_linking_atom               SG 
_pdbx_modification_feature.modified_residue_id_linking_atom   SG 
_pdbx_modification_feature.modified_residue_id                . 
_pdbx_modification_feature.ref_pcm_id                         . 
_pdbx_modification_feature.ref_comp_id                        . 
_pdbx_modification_feature.type                               None 
_pdbx_modification_feature.category                           'Disulfide bridge' 
# 
_struct_mon_prot_cis.pdbx_id                1 
_struct_mon_prot_cis.label_comp_id          THR 
_struct_mon_prot_cis.label_seq_id           74 
_struct_mon_prot_cis.label_asym_id          A 
_struct_mon_prot_cis.label_alt_id           . 
_struct_mon_prot_cis.pdbx_PDB_ins_code      ? 
_struct_mon_prot_cis.auth_comp_id           THR 
_struct_mon_prot_cis.auth_seq_id            74 
_struct_mon_prot_cis.auth_asym_id           A 
_struct_mon_prot_cis.pdbx_label_comp_id_2   PRO 
_struct_mon_prot_cis.pdbx_label_seq_id_2    75 
_struct_mon_prot_cis.pdbx_label_asym_id_2   A 
_struct_mon_prot_cis.pdbx_PDB_ins_code_2    ? 
_struct_mon_prot_cis.pdbx_auth_comp_id_2    PRO 
_struct_mon_prot_cis.pdbx_auth_seq_id_2     75 
_struct_mon_prot_cis.pdbx_auth_asym_id_2    A 
_struct_mon_prot_cis.pdbx_PDB_model_num     1 
_struct_mon_prot_cis.pdbx_omega_angle       -1.61 
# 
_struct_sheet.id               A 
_struct_sheet.type             ? 
_struct_sheet.number_strands   5 
_struct_sheet.details          ? 
# 
loop_
_struct_sheet_order.sheet_id 
_struct_sheet_order.range_id_1 
_struct_sheet_order.range_id_2 
_struct_sheet_order.offset 
_struct_sheet_order.sense 
A 1 2 ? parallel      
A 2 3 ? parallel      
A 3 4 ? anti-parallel 
A 4 5 ? anti-parallel 
# 
loop_
_struct_sheet_range.sheet_id 
_struct_sheet_range.id 
_struct_sheet_range.beg_label_comp_id 
_struct_sheet_range.beg_label_asym_id 
_struct_sheet_range.beg_label_seq_id 
_struct_sheet_range.pdbx_beg_PDB_ins_code 
_struct_sheet_range.end_label_comp_id 
_struct_sheet_range.end_label_asym_id 
_struct_sheet_range.end_label_seq_id 
_struct_sheet_range.pdbx_end_PDB_ins_code 
_struct_sheet_range.beg_auth_comp_id 
_struct_sheet_range.beg_auth_asym_id 
_struct_sheet_range.beg_auth_seq_id 
_struct_sheet_range.end_auth_comp_id 
_struct_sheet_range.end_auth_asym_id 
_struct_sheet_range.end_auth_seq_id 
A 1 VAL A 2  ? ILE A 5  ? VAL A 2  ILE A 5  
A 2 ILE A 53 ? VAL A 57 ? ILE A 53 VAL A 57 
A 3 VAL A 23 ? PHE A 27 ? VAL A 23 PHE A 27 
A 4 THR A 76 ? LYS A 81 ? THR A 76 LYS A 81 
A 5 GLN A 84 ? SER A 90 ? GLN A 84 SER A 90 
# 
loop_
_pdbx_struct_sheet_hbond.sheet_id 
_pdbx_struct_sheet_hbond.range_id_1 
_pdbx_struct_sheet_hbond.range_id_2 
_pdbx_struct_sheet_hbond.range_1_label_atom_id 
_pdbx_struct_sheet_hbond.range_1_label_comp_id 
_pdbx_struct_sheet_hbond.range_1_label_asym_id 
_pdbx_struct_sheet_hbond.range_1_label_seq_id 
_pdbx_struct_sheet_hbond.range_1_PDB_ins_code 
_pdbx_struct_sheet_hbond.range_1_auth_atom_id 
_pdbx_struct_sheet_hbond.range_1_auth_comp_id 
_pdbx_struct_sheet_hbond.range_1_auth_asym_id 
_pdbx_struct_sheet_hbond.range_1_auth_seq_id 
_pdbx_struct_sheet_hbond.range_2_label_atom_id 
_pdbx_struct_sheet_hbond.range_2_label_comp_id 
_pdbx_struct_sheet_hbond.range_2_label_asym_id 
_pdbx_struct_sheet_hbond.range_2_label_seq_id 
_pdbx_struct_sheet_hbond.range_2_PDB_ins_code 
_pdbx_struct_sheet_hbond.range_2_auth_atom_id 
_pdbx_struct_sheet_hbond.range_2_auth_comp_id 
_pdbx_struct_sheet_hbond.range_2_auth_asym_id 
_pdbx_struct_sheet_hbond.range_2_auth_seq_id 
A 1 2 O LYS A 3  ? O LYS A 3  N PHE A 54 ? N PHE A 54 
A 2 3 O ILE A 53 ? O ILE A 53 N VAL A 24 ? N VAL A 24 
A 3 4 O VAL A 23 ? O VAL A 23 N PHE A 80 ? N PHE A 80 
A 4 5 O PHE A 77 ? O PHE A 77 N PHE A 89 ? N PHE A 89 
# 
_pdbx_entry_details.entry_id                   1MDI 
_pdbx_entry_details.compound_details           ? 
_pdbx_entry_details.source_details             ? 
_pdbx_entry_details.nonpolymer_details         ? 
_pdbx_entry_details.sequence_details           
;AT POSITION 74 THR WAS FOUND BY WOLMAN ET AL., JOURNAL OF
BIOCHEMISTRY 263, 15506 (1988).
;
_pdbx_entry_details.has_ligand_of_interest     ? 
_pdbx_entry_details.has_protein_modification   Y 
# 
_pdbx_validate_close_contact.id               1 
_pdbx_validate_close_contact.PDB_model_num    1 
_pdbx_validate_close_contact.auth_atom_id_1   HD1 
_pdbx_validate_close_contact.auth_asym_id_1   B 
_pdbx_validate_close_contact.auth_comp_id_1   HIS 
_pdbx_validate_close_contact.auth_seq_id_1    12 
_pdbx_validate_close_contact.PDB_ins_code_1   ? 
_pdbx_validate_close_contact.label_alt_id_1   ? 
_pdbx_validate_close_contact.auth_atom_id_2   H 
_pdbx_validate_close_contact.auth_asym_id_2   B 
_pdbx_validate_close_contact.auth_comp_id_2   GLY 
_pdbx_validate_close_contact.auth_seq_id_2    13 
_pdbx_validate_close_contact.PDB_ins_code_2   ? 
_pdbx_validate_close_contact.label_alt_id_2   ? 
_pdbx_validate_close_contact.dist             1.31 
# 
loop_
_pdbx_validate_torsion.id 
_pdbx_validate_torsion.PDB_model_num 
_pdbx_validate_torsion.auth_comp_id 
_pdbx_validate_torsion.auth_asym_id 
_pdbx_validate_torsion.auth_seq_id 
_pdbx_validate_torsion.PDB_ins_code 
_pdbx_validate_torsion.label_alt_id 
_pdbx_validate_torsion.phi 
_pdbx_validate_torsion.psi 
1 1 PRO A 40 ? ? -66.83  2.66    
2 1 PHE A 41 ? ? -118.48 -76.17  
3 1 SER A 90 ? ? -104.12 -168.12 
4 1 ALA A 92 ? ? -57.57  95.87   
5 1 ARG B 4  ? ? -136.44 -97.77  
6 1 TYR B 5  ? ? -117.31 -167.56 
7 1 GLU B 8  ? ? -82.78  43.23   
8 1 PRO B 10 ? ? -66.74  23.12   
# 
_pdbx_nmr_ensemble.entry_id                             1MDI 
_pdbx_nmr_ensemble.conformers_calculated_total_number   ? 
_pdbx_nmr_ensemble.conformers_submitted_total_number    1 
_pdbx_nmr_ensemble.conformer_selection_criteria         ? 
# 
_pdbx_nmr_refine.entry_id           1MDI 
_pdbx_nmr_refine.method             ? 
_pdbx_nmr_refine.details            
;THE 3D STRUCTURE OF THE HUMAN THIOREDOXIN-NFKB PEPTIDE
 COMPLEX IN SOLUTION BY NMR IS BASED ON 3213 EXPERIMENTAL
 RESTRAINTS COMPRISING:
  2546 STRUCTURE USEFUL INTERPROTON DISTANCE RESTRAINTS
    36 RESTRAINTS FOR 18 BACKBONE H-BONDS
    44 RESTRAINTS FOR 6 BOUND WATER MOLECULES
   300 TORSION ANGLE RESTRAINTS (104 PHI, 76 PSI, 78 CHI1
       AND 31 CHI2 FOR HUMAN THIOREDOXIN, AND 7 CHI1 AND 4
       CHI2 RESTRAINTS FOR THE NFKB PEPTIDE)
    88 HN-HALPHA THREE-BOND COUPLING CONSTANTS
   102 13CALPHA AND 97 13CB CHEMICAL SHIFT RESTRAINTS.

 THE BREAKDOWN OF THE INTERPROTON DISTANCE RESTRAINTS IS AS
 FOLLOWS:
  INTRAMOLECULAR HTRX RESTRAINTS:
    503 SEQUENTIAL
    437 SHORT RANGE (1 < |I-J|<=5)
    727 LONG RANGE (|I-J|>5)
    690 INTRARESIDUE
  INTRAMOLECULAR PEPTIDE RESTRAINTS: 115
  INTERMOLECULAR HTRX-NFKB:  74

THE STRUCTURES ARE CALCULATED USING THE HYBRID METRIC
MATRIX DISTANCE GEOMETRY-DYNAMICAL SIMULATED ANNEALING
METHOD DESCRIBED BY: NILGES, M., CLORE, G.M. &
GRONENBORN, A.M. (1988) FEBS LETT 229, 317 - 324.  ALL
STRUCTURAL STATISTICS ARE GIVEN IN THE REFERENCE.

THE STRUCTURE FOUND IN PDB ENTRY 1MDI IS THE RESTRAINED
MINIMIZED AVERAGE STRUCTURE: (SA)R.  THIS IS OBTAINED
BY FIRST AVERAGING THE COORDINATES OF THE INDIVIDUAL 60
DYNAMICAL SIMULATED ANNEALING SA STRUCTURES BEST FITTED TO
RESIDUES 1 - 105 OF HTRX AND RESIDUES 57 - 67 OF THE
PEPTIDE AND SUBJECTING THE RESULTING COORDINATES TO
RESTRAINED MINIMIZATION.  THE LAST NUMBER COLUMN IN THIS
SET OF COORDINATES (THE B-FACTOR COLUMN IN X-RAY
STRUCTURES) GIVES THE AVERAGE RMS DIFFERENCE BETWEEN THE
INDIVIDUAL SA STRUCTURES AND THE MEAN STRUCTURE.  THE
NUMBERS IN THE LAST COLUMN OF THE INDIVIDUAL STRUCTURES
HAVE NO MEANING.
;
_pdbx_nmr_refine.software_ordinal   1 
# 
loop_
_chem_comp_atom.comp_id 
_chem_comp_atom.atom_id 
_chem_comp_atom.type_symbol 
_chem_comp_atom.pdbx_aromatic_flag 
_chem_comp_atom.pdbx_stereo_config 
_chem_comp_atom.pdbx_ordinal 
ALA N    N N N 1   
ALA CA   C N S 2   
ALA C    C N N 3   
ALA O    O N N 4   
ALA CB   C N N 5   
ALA OXT  O N N 6   
ALA H    H N N 7   
ALA H2   H N N 8   
ALA HA   H N N 9   
ALA HB1  H N N 10  
ALA HB2  H N N 11  
ALA HB3  H N N 12  
ALA HXT  H N N 13  
ARG N    N N N 14  
ARG CA   C N S 15  
ARG C    C N N 16  
ARG O    O N N 17  
ARG CB   C N N 18  
ARG CG   C N N 19  
ARG CD   C N N 20  
ARG NE   N N N 21  
ARG CZ   C N N 22  
ARG NH1  N N N 23  
ARG NH2  N N N 24  
ARG OXT  O N N 25  
ARG H    H N N 26  
ARG H2   H N N 27  
ARG HA   H N N 28  
ARG HB2  H N N 29  
ARG HB3  H N N 30  
ARG HG2  H N N 31  
ARG HG3  H N N 32  
ARG HD2  H N N 33  
ARG HD3  H N N 34  
ARG HE   H N N 35  
ARG HH11 H N N 36  
ARG HH12 H N N 37  
ARG HH21 H N N 38  
ARG HH22 H N N 39  
ARG HXT  H N N 40  
ASN N    N N N 41  
ASN CA   C N S 42  
ASN C    C N N 43  
ASN O    O N N 44  
ASN CB   C N N 45  
ASN CG   C N N 46  
ASN OD1  O N N 47  
ASN ND2  N N N 48  
ASN OXT  O N N 49  
ASN H    H N N 50  
ASN H2   H N N 51  
ASN HA   H N N 52  
ASN HB2  H N N 53  
ASN HB3  H N N 54  
ASN HD21 H N N 55  
ASN HD22 H N N 56  
ASN HXT  H N N 57  
ASP N    N N N 58  
ASP CA   C N S 59  
ASP C    C N N 60  
ASP O    O N N 61  
ASP CB   C N N 62  
ASP CG   C N N 63  
ASP OD1  O N N 64  
ASP OD2  O N N 65  
ASP OXT  O N N 66  
ASP H    H N N 67  
ASP H2   H N N 68  
ASP HA   H N N 69  
ASP HB2  H N N 70  
ASP HB3  H N N 71  
ASP HD2  H N N 72  
ASP HXT  H N N 73  
CYS N    N N N 74  
CYS CA   C N R 75  
CYS C    C N N 76  
CYS O    O N N 77  
CYS CB   C N N 78  
CYS SG   S N N 79  
CYS OXT  O N N 80  
CYS H    H N N 81  
CYS H2   H N N 82  
CYS HA   H N N 83  
CYS HB2  H N N 84  
CYS HB3  H N N 85  
CYS HG   H N N 86  
CYS HXT  H N N 87  
GLN N    N N N 88  
GLN CA   C N S 89  
GLN C    C N N 90  
GLN O    O N N 91  
GLN CB   C N N 92  
GLN CG   C N N 93  
GLN CD   C N N 94  
GLN OE1  O N N 95  
GLN NE2  N N N 96  
GLN OXT  O N N 97  
GLN H    H N N 98  
GLN H2   H N N 99  
GLN HA   H N N 100 
GLN HB2  H N N 101 
GLN HB3  H N N 102 
GLN HG2  H N N 103 
GLN HG3  H N N 104 
GLN HE21 H N N 105 
GLN HE22 H N N 106 
GLN HXT  H N N 107 
GLU N    N N N 108 
GLU CA   C N S 109 
GLU C    C N N 110 
GLU O    O N N 111 
GLU CB   C N N 112 
GLU CG   C N N 113 
GLU CD   C N N 114 
GLU OE1  O N N 115 
GLU OE2  O N N 116 
GLU OXT  O N N 117 
GLU H    H N N 118 
GLU H2   H N N 119 
GLU HA   H N N 120 
GLU HB2  H N N 121 
GLU HB3  H N N 122 
GLU HG2  H N N 123 
GLU HG3  H N N 124 
GLU HE2  H N N 125 
GLU HXT  H N N 126 
GLY N    N N N 127 
GLY CA   C N N 128 
GLY C    C N N 129 
GLY O    O N N 130 
GLY OXT  O N N 131 
GLY H    H N N 132 
GLY H2   H N N 133 
GLY HA2  H N N 134 
GLY HA3  H N N 135 
GLY HXT  H N N 136 
HIS N    N N N 137 
HIS CA   C N S 138 
HIS C    C N N 139 
HIS O    O N N 140 
HIS CB   C N N 141 
HIS CG   C Y N 142 
HIS ND1  N Y N 143 
HIS CD2  C Y N 144 
HIS CE1  C Y N 145 
HIS NE2  N Y N 146 
HIS OXT  O N N 147 
HIS H    H N N 148 
HIS H2   H N N 149 
HIS HA   H N N 150 
HIS HB2  H N N 151 
HIS HB3  H N N 152 
HIS HD1  H N N 153 
HIS HD2  H N N 154 
HIS HE1  H N N 155 
HIS HE2  H N N 156 
HIS HXT  H N N 157 
HOH O    O N N 158 
HOH H1   H N N 159 
HOH H2   H N N 160 
ILE N    N N N 161 
ILE CA   C N S 162 
ILE C    C N N 163 
ILE O    O N N 164 
ILE CB   C N S 165 
ILE CG1  C N N 166 
ILE CG2  C N N 167 
ILE CD1  C N N 168 
ILE OXT  O N N 169 
ILE H    H N N 170 
ILE H2   H N N 171 
ILE HA   H N N 172 
ILE HB   H N N 173 
ILE HG12 H N N 174 
ILE HG13 H N N 175 
ILE HG21 H N N 176 
ILE HG22 H N N 177 
ILE HG23 H N N 178 
ILE HD11 H N N 179 
ILE HD12 H N N 180 
ILE HD13 H N N 181 
ILE HXT  H N N 182 
LEU N    N N N 183 
LEU CA   C N S 184 
LEU C    C N N 185 
LEU O    O N N 186 
LEU CB   C N N 187 
LEU CG   C N N 188 
LEU CD1  C N N 189 
LEU CD2  C N N 190 
LEU OXT  O N N 191 
LEU H    H N N 192 
LEU H2   H N N 193 
LEU HA   H N N 194 
LEU HB2  H N N 195 
LEU HB3  H N N 196 
LEU HG   H N N 197 
LEU HD11 H N N 198 
LEU HD12 H N N 199 
LEU HD13 H N N 200 
LEU HD21 H N N 201 
LEU HD22 H N N 202 
LEU HD23 H N N 203 
LEU HXT  H N N 204 
LYS N    N N N 205 
LYS CA   C N S 206 
LYS C    C N N 207 
LYS O    O N N 208 
LYS CB   C N N 209 
LYS CG   C N N 210 
LYS CD   C N N 211 
LYS CE   C N N 212 
LYS NZ   N N N 213 
LYS OXT  O N N 214 
LYS H    H N N 215 
LYS H2   H N N 216 
LYS HA   H N N 217 
LYS HB2  H N N 218 
LYS HB3  H N N 219 
LYS HG2  H N N 220 
LYS HG3  H N N 221 
LYS HD2  H N N 222 
LYS HD3  H N N 223 
LYS HE2  H N N 224 
LYS HE3  H N N 225 
LYS HZ1  H N N 226 
LYS HZ2  H N N 227 
LYS HZ3  H N N 228 
LYS HXT  H N N 229 
MET N    N N N 230 
MET CA   C N S 231 
MET C    C N N 232 
MET O    O N N 233 
MET CB   C N N 234 
MET CG   C N N 235 
MET SD   S N N 236 
MET CE   C N N 237 
MET OXT  O N N 238 
MET H    H N N 239 
MET H2   H N N 240 
MET HA   H N N 241 
MET HB2  H N N 242 
MET HB3  H N N 243 
MET HG2  H N N 244 
MET HG3  H N N 245 
MET HE1  H N N 246 
MET HE2  H N N 247 
MET HE3  H N N 248 
MET HXT  H N N 249 
PHE N    N N N 250 
PHE CA   C N S 251 
PHE C    C N N 252 
PHE O    O N N 253 
PHE CB   C N N 254 
PHE CG   C Y N 255 
PHE CD1  C Y N 256 
PHE CD2  C Y N 257 
PHE CE1  C Y N 258 
PHE CE2  C Y N 259 
PHE CZ   C Y N 260 
PHE OXT  O N N 261 
PHE H    H N N 262 
PHE H2   H N N 263 
PHE HA   H N N 264 
PHE HB2  H N N 265 
PHE HB3  H N N 266 
PHE HD1  H N N 267 
PHE HD2  H N N 268 
PHE HE1  H N N 269 
PHE HE2  H N N 270 
PHE HZ   H N N 271 
PHE HXT  H N N 272 
PRO N    N N N 273 
PRO CA   C N S 274 
PRO C    C N N 275 
PRO O    O N N 276 
PRO CB   C N N 277 
PRO CG   C N N 278 
PRO CD   C N N 279 
PRO OXT  O N N 280 
PRO H    H N N 281 
PRO HA   H N N 282 
PRO HB2  H N N 283 
PRO HB3  H N N 284 
PRO HG2  H N N 285 
PRO HG3  H N N 286 
PRO HD2  H N N 287 
PRO HD3  H N N 288 
PRO HXT  H N N 289 
SER N    N N N 290 
SER CA   C N S 291 
SER C    C N N 292 
SER O    O N N 293 
SER CB   C N N 294 
SER OG   O N N 295 
SER OXT  O N N 296 
SER H    H N N 297 
SER H2   H N N 298 
SER HA   H N N 299 
SER HB2  H N N 300 
SER HB3  H N N 301 
SER HG   H N N 302 
SER HXT  H N N 303 
THR N    N N N 304 
THR CA   C N S 305 
THR C    C N N 306 
THR O    O N N 307 
THR CB   C N R 308 
THR OG1  O N N 309 
THR CG2  C N N 310 
THR OXT  O N N 311 
THR H    H N N 312 
THR H2   H N N 313 
THR HA   H N N 314 
THR HB   H N N 315 
THR HG1  H N N 316 
THR HG21 H N N 317 
THR HG22 H N N 318 
THR HG23 H N N 319 
THR HXT  H N N 320 
TRP N    N N N 321 
TRP CA   C N S 322 
TRP C    C N N 323 
TRP O    O N N 324 
TRP CB   C N N 325 
TRP CG   C Y N 326 
TRP CD1  C Y N 327 
TRP CD2  C Y N 328 
TRP NE1  N Y N 329 
TRP CE2  C Y N 330 
TRP CE3  C Y N 331 
TRP CZ2  C Y N 332 
TRP CZ3  C Y N 333 
TRP CH2  C Y N 334 
TRP OXT  O N N 335 
TRP H    H N N 336 
TRP H2   H N N 337 
TRP HA   H N N 338 
TRP HB2  H N N 339 
TRP HB3  H N N 340 
TRP HD1  H N N 341 
TRP HE1  H N N 342 
TRP HE3  H N N 343 
TRP HZ2  H N N 344 
TRP HZ3  H N N 345 
TRP HH2  H N N 346 
TRP HXT  H N N 347 
TYR N    N N N 348 
TYR CA   C N S 349 
TYR C    C N N 350 
TYR O    O N N 351 
TYR CB   C N N 352 
TYR CG   C Y N 353 
TYR CD1  C Y N 354 
TYR CD2  C Y N 355 
TYR CE1  C Y N 356 
TYR CE2  C Y N 357 
TYR CZ   C Y N 358 
TYR OH   O N N 359 
TYR OXT  O N N 360 
TYR H    H N N 361 
TYR H2   H N N 362 
TYR HA   H N N 363 
TYR HB2  H N N 364 
TYR HB3  H N N 365 
TYR HD1  H N N 366 
TYR HD2  H N N 367 
TYR HE1  H N N 368 
TYR HE2  H N N 369 
TYR HH   H N N 370 
TYR HXT  H N N 371 
VAL N    N N N 372 
VAL CA   C N S 373 
VAL C    C N N 374 
VAL O    O N N 375 
VAL CB   C N N 376 
VAL CG1  C N N 377 
VAL CG2  C N N 378 
VAL OXT  O N N 379 
VAL H    H N N 380 
VAL H2   H N N 381 
VAL HA   H N N 382 
VAL HB   H N N 383 
VAL HG11 H N N 384 
VAL HG12 H N N 385 
VAL HG13 H N N 386 
VAL HG21 H N N 387 
VAL HG22 H N N 388 
VAL HG23 H N N 389 
VAL HXT  H N N 390 
# 
loop_
_chem_comp_bond.comp_id 
_chem_comp_bond.atom_id_1 
_chem_comp_bond.atom_id_2 
_chem_comp_bond.value_order 
_chem_comp_bond.pdbx_aromatic_flag 
_chem_comp_bond.pdbx_stereo_config 
_chem_comp_bond.pdbx_ordinal 
ALA N   CA   sing N N 1   
ALA N   H    sing N N 2   
ALA N   H2   sing N N 3   
ALA CA  C    sing N N 4   
ALA CA  CB   sing N N 5   
ALA CA  HA   sing N N 6   
ALA C   O    doub N N 7   
ALA C   OXT  sing N N 8   
ALA CB  HB1  sing N N 9   
ALA CB  HB2  sing N N 10  
ALA CB  HB3  sing N N 11  
ALA OXT HXT  sing N N 12  
ARG N   CA   sing N N 13  
ARG N   H    sing N N 14  
ARG N   H2   sing N N 15  
ARG CA  C    sing N N 16  
ARG CA  CB   sing N N 17  
ARG CA  HA   sing N N 18  
ARG C   O    doub N N 19  
ARG C   OXT  sing N N 20  
ARG CB  CG   sing N N 21  
ARG CB  HB2  sing N N 22  
ARG CB  HB3  sing N N 23  
ARG CG  CD   sing N N 24  
ARG CG  HG2  sing N N 25  
ARG CG  HG3  sing N N 26  
ARG CD  NE   sing N N 27  
ARG CD  HD2  sing N N 28  
ARG CD  HD3  sing N N 29  
ARG NE  CZ   sing N N 30  
ARG NE  HE   sing N N 31  
ARG CZ  NH1  sing N N 32  
ARG CZ  NH2  doub N N 33  
ARG NH1 HH11 sing N N 34  
ARG NH1 HH12 sing N N 35  
ARG NH2 HH21 sing N N 36  
ARG NH2 HH22 sing N N 37  
ARG OXT HXT  sing N N 38  
ASN N   CA   sing N N 39  
ASN N   H    sing N N 40  
ASN N   H2   sing N N 41  
ASN CA  C    sing N N 42  
ASN CA  CB   sing N N 43  
ASN CA  HA   sing N N 44  
ASN C   O    doub N N 45  
ASN C   OXT  sing N N 46  
ASN CB  CG   sing N N 47  
ASN CB  HB2  sing N N 48  
ASN CB  HB3  sing N N 49  
ASN CG  OD1  doub N N 50  
ASN CG  ND2  sing N N 51  
ASN ND2 HD21 sing N N 52  
ASN ND2 HD22 sing N N 53  
ASN OXT HXT  sing N N 54  
ASP N   CA   sing N N 55  
ASP N   H    sing N N 56  
ASP N   H2   sing N N 57  
ASP CA  C    sing N N 58  
ASP CA  CB   sing N N 59  
ASP CA  HA   sing N N 60  
ASP C   O    doub N N 61  
ASP C   OXT  sing N N 62  
ASP CB  CG   sing N N 63  
ASP CB  HB2  sing N N 64  
ASP CB  HB3  sing N N 65  
ASP CG  OD1  doub N N 66  
ASP CG  OD2  sing N N 67  
ASP OD2 HD2  sing N N 68  
ASP OXT HXT  sing N N 69  
CYS N   CA   sing N N 70  
CYS N   H    sing N N 71  
CYS N   H2   sing N N 72  
CYS CA  C    sing N N 73  
CYS CA  CB   sing N N 74  
CYS CA  HA   sing N N 75  
CYS C   O    doub N N 76  
CYS C   OXT  sing N N 77  
CYS CB  SG   sing N N 78  
CYS CB  HB2  sing N N 79  
CYS CB  HB3  sing N N 80  
CYS SG  HG   sing N N 81  
CYS OXT HXT  sing N N 82  
GLN N   CA   sing N N 83  
GLN N   H    sing N N 84  
GLN N   H2   sing N N 85  
GLN CA  C    sing N N 86  
GLN CA  CB   sing N N 87  
GLN CA  HA   sing N N 88  
GLN C   O    doub N N 89  
GLN C   OXT  sing N N 90  
GLN CB  CG   sing N N 91  
GLN CB  HB2  sing N N 92  
GLN CB  HB3  sing N N 93  
GLN CG  CD   sing N N 94  
GLN CG  HG2  sing N N 95  
GLN CG  HG3  sing N N 96  
GLN CD  OE1  doub N N 97  
GLN CD  NE2  sing N N 98  
GLN NE2 HE21 sing N N 99  
GLN NE2 HE22 sing N N 100 
GLN OXT HXT  sing N N 101 
GLU N   CA   sing N N 102 
GLU N   H    sing N N 103 
GLU N   H2   sing N N 104 
GLU CA  C    sing N N 105 
GLU CA  CB   sing N N 106 
GLU CA  HA   sing N N 107 
GLU C   O    doub N N 108 
GLU C   OXT  sing N N 109 
GLU CB  CG   sing N N 110 
GLU CB  HB2  sing N N 111 
GLU CB  HB3  sing N N 112 
GLU CG  CD   sing N N 113 
GLU CG  HG2  sing N N 114 
GLU CG  HG3  sing N N 115 
GLU CD  OE1  doub N N 116 
GLU CD  OE2  sing N N 117 
GLU OE2 HE2  sing N N 118 
GLU OXT HXT  sing N N 119 
GLY N   CA   sing N N 120 
GLY N   H    sing N N 121 
GLY N   H2   sing N N 122 
GLY CA  C    sing N N 123 
GLY CA  HA2  sing N N 124 
GLY CA  HA3  sing N N 125 
GLY C   O    doub N N 126 
GLY C   OXT  sing N N 127 
GLY OXT HXT  sing N N 128 
HIS N   CA   sing N N 129 
HIS N   H    sing N N 130 
HIS N   H2   sing N N 131 
HIS CA  C    sing N N 132 
HIS CA  CB   sing N N 133 
HIS CA  HA   sing N N 134 
HIS C   O    doub N N 135 
HIS C   OXT  sing N N 136 
HIS CB  CG   sing N N 137 
HIS CB  HB2  sing N N 138 
HIS CB  HB3  sing N N 139 
HIS CG  ND1  sing Y N 140 
HIS CG  CD2  doub Y N 141 
HIS ND1 CE1  doub Y N 142 
HIS ND1 HD1  sing N N 143 
HIS CD2 NE2  sing Y N 144 
HIS CD2 HD2  sing N N 145 
HIS CE1 NE2  sing Y N 146 
HIS CE1 HE1  sing N N 147 
HIS NE2 HE2  sing N N 148 
HIS OXT HXT  sing N N 149 
HOH O   H1   sing N N 150 
HOH O   H2   sing N N 151 
ILE N   CA   sing N N 152 
ILE N   H    sing N N 153 
ILE N   H2   sing N N 154 
ILE CA  C    sing N N 155 
ILE CA  CB   sing N N 156 
ILE CA  HA   sing N N 157 
ILE C   O    doub N N 158 
ILE C   OXT  sing N N 159 
ILE CB  CG1  sing N N 160 
ILE CB  CG2  sing N N 161 
ILE CB  HB   sing N N 162 
ILE CG1 CD1  sing N N 163 
ILE CG1 HG12 sing N N 164 
ILE CG1 HG13 sing N N 165 
ILE CG2 HG21 sing N N 166 
ILE CG2 HG22 sing N N 167 
ILE CG2 HG23 sing N N 168 
ILE CD1 HD11 sing N N 169 
ILE CD1 HD12 sing N N 170 
ILE CD1 HD13 sing N N 171 
ILE OXT HXT  sing N N 172 
LEU N   CA   sing N N 173 
LEU N   H    sing N N 174 
LEU N   H2   sing N N 175 
LEU CA  C    sing N N 176 
LEU CA  CB   sing N N 177 
LEU CA  HA   sing N N 178 
LEU C   O    doub N N 179 
LEU C   OXT  sing N N 180 
LEU CB  CG   sing N N 181 
LEU CB  HB2  sing N N 182 
LEU CB  HB3  sing N N 183 
LEU CG  CD1  sing N N 184 
LEU CG  CD2  sing N N 185 
LEU CG  HG   sing N N 186 
LEU CD1 HD11 sing N N 187 
LEU CD1 HD12 sing N N 188 
LEU CD1 HD13 sing N N 189 
LEU CD2 HD21 sing N N 190 
LEU CD2 HD22 sing N N 191 
LEU CD2 HD23 sing N N 192 
LEU OXT HXT  sing N N 193 
LYS N   CA   sing N N 194 
LYS N   H    sing N N 195 
LYS N   H2   sing N N 196 
LYS CA  C    sing N N 197 
LYS CA  CB   sing N N 198 
LYS CA  HA   sing N N 199 
LYS C   O    doub N N 200 
LYS C   OXT  sing N N 201 
LYS CB  CG   sing N N 202 
LYS CB  HB2  sing N N 203 
LYS CB  HB3  sing N N 204 
LYS CG  CD   sing N N 205 
LYS CG  HG2  sing N N 206 
LYS CG  HG3  sing N N 207 
LYS CD  CE   sing N N 208 
LYS CD  HD2  sing N N 209 
LYS CD  HD3  sing N N 210 
LYS CE  NZ   sing N N 211 
LYS CE  HE2  sing N N 212 
LYS CE  HE3  sing N N 213 
LYS NZ  HZ1  sing N N 214 
LYS NZ  HZ2  sing N N 215 
LYS NZ  HZ3  sing N N 216 
LYS OXT HXT  sing N N 217 
MET N   CA   sing N N 218 
MET N   H    sing N N 219 
MET N   H2   sing N N 220 
MET CA  C    sing N N 221 
MET CA  CB   sing N N 222 
MET CA  HA   sing N N 223 
MET C   O    doub N N 224 
MET C   OXT  sing N N 225 
MET CB  CG   sing N N 226 
MET CB  HB2  sing N N 227 
MET CB  HB3  sing N N 228 
MET CG  SD   sing N N 229 
MET CG  HG2  sing N N 230 
MET CG  HG3  sing N N 231 
MET SD  CE   sing N N 232 
MET CE  HE1  sing N N 233 
MET CE  HE2  sing N N 234 
MET CE  HE3  sing N N 235 
MET OXT HXT  sing N N 236 
PHE N   CA   sing N N 237 
PHE N   H    sing N N 238 
PHE N   H2   sing N N 239 
PHE CA  C    sing N N 240 
PHE CA  CB   sing N N 241 
PHE CA  HA   sing N N 242 
PHE C   O    doub N N 243 
PHE C   OXT  sing N N 244 
PHE CB  CG   sing N N 245 
PHE CB  HB2  sing N N 246 
PHE CB  HB3  sing N N 247 
PHE CG  CD1  doub Y N 248 
PHE CG  CD2  sing Y N 249 
PHE CD1 CE1  sing Y N 250 
PHE CD1 HD1  sing N N 251 
PHE CD2 CE2  doub Y N 252 
PHE CD2 HD2  sing N N 253 
PHE CE1 CZ   doub Y N 254 
PHE CE1 HE1  sing N N 255 
PHE CE2 CZ   sing Y N 256 
PHE CE2 HE2  sing N N 257 
PHE CZ  HZ   sing N N 258 
PHE OXT HXT  sing N N 259 
PRO N   CA   sing N N 260 
PRO N   CD   sing N N 261 
PRO N   H    sing N N 262 
PRO CA  C    sing N N 263 
PRO CA  CB   sing N N 264 
PRO CA  HA   sing N N 265 
PRO C   O    doub N N 266 
PRO C   OXT  sing N N 267 
PRO CB  CG   sing N N 268 
PRO CB  HB2  sing N N 269 
PRO CB  HB3  sing N N 270 
PRO CG  CD   sing N N 271 
PRO CG  HG2  sing N N 272 
PRO CG  HG3  sing N N 273 
PRO CD  HD2  sing N N 274 
PRO CD  HD3  sing N N 275 
PRO OXT HXT  sing N N 276 
SER N   CA   sing N N 277 
SER N   H    sing N N 278 
SER N   H2   sing N N 279 
SER CA  C    sing N N 280 
SER CA  CB   sing N N 281 
SER CA  HA   sing N N 282 
SER C   O    doub N N 283 
SER C   OXT  sing N N 284 
SER CB  OG   sing N N 285 
SER CB  HB2  sing N N 286 
SER CB  HB3  sing N N 287 
SER OG  HG   sing N N 288 
SER OXT HXT  sing N N 289 
THR N   CA   sing N N 290 
THR N   H    sing N N 291 
THR N   H2   sing N N 292 
THR CA  C    sing N N 293 
THR CA  CB   sing N N 294 
THR CA  HA   sing N N 295 
THR C   O    doub N N 296 
THR C   OXT  sing N N 297 
THR CB  OG1  sing N N 298 
THR CB  CG2  sing N N 299 
THR CB  HB   sing N N 300 
THR OG1 HG1  sing N N 301 
THR CG2 HG21 sing N N 302 
THR CG2 HG22 sing N N 303 
THR CG2 HG23 sing N N 304 
THR OXT HXT  sing N N 305 
TRP N   CA   sing N N 306 
TRP N   H    sing N N 307 
TRP N   H2   sing N N 308 
TRP CA  C    sing N N 309 
TRP CA  CB   sing N N 310 
TRP CA  HA   sing N N 311 
TRP C   O    doub N N 312 
TRP C   OXT  sing N N 313 
TRP CB  CG   sing N N 314 
TRP CB  HB2  sing N N 315 
TRP CB  HB3  sing N N 316 
TRP CG  CD1  doub Y N 317 
TRP CG  CD2  sing Y N 318 
TRP CD1 NE1  sing Y N 319 
TRP CD1 HD1  sing N N 320 
TRP CD2 CE2  doub Y N 321 
TRP CD2 CE3  sing Y N 322 
TRP NE1 CE2  sing Y N 323 
TRP NE1 HE1  sing N N 324 
TRP CE2 CZ2  sing Y N 325 
TRP CE3 CZ3  doub Y N 326 
TRP CE3 HE3  sing N N 327 
TRP CZ2 CH2  doub Y N 328 
TRP CZ2 HZ2  sing N N 329 
TRP CZ3 CH2  sing Y N 330 
TRP CZ3 HZ3  sing N N 331 
TRP CH2 HH2  sing N N 332 
TRP OXT HXT  sing N N 333 
TYR N   CA   sing N N 334 
TYR N   H    sing N N 335 
TYR N   H2   sing N N 336 
TYR CA  C    sing N N 337 
TYR CA  CB   sing N N 338 
TYR CA  HA   sing N N 339 
TYR C   O    doub N N 340 
TYR C   OXT  sing N N 341 
TYR CB  CG   sing N N 342 
TYR CB  HB2  sing N N 343 
TYR CB  HB3  sing N N 344 
TYR CG  CD1  doub Y N 345 
TYR CG  CD2  sing Y N 346 
TYR CD1 CE1  sing Y N 347 
TYR CD1 HD1  sing N N 348 
TYR CD2 CE2  doub Y N 349 
TYR CD2 HD2  sing N N 350 
TYR CE1 CZ   doub Y N 351 
TYR CE1 HE1  sing N N 352 
TYR CE2 CZ   sing Y N 353 
TYR CE2 HE2  sing N N 354 
TYR CZ  OH   sing N N 355 
TYR OH  HH   sing N N 356 
TYR OXT HXT  sing N N 357 
VAL N   CA   sing N N 358 
VAL N   H    sing N N 359 
VAL N   H2   sing N N 360 
VAL CA  C    sing N N 361 
VAL CA  CB   sing N N 362 
VAL CA  HA   sing N N 363 
VAL C   O    doub N N 364 
VAL C   OXT  sing N N 365 
VAL CB  CG1  sing N N 366 
VAL CB  CG2  sing N N 367 
VAL CB  HB   sing N N 368 
VAL CG1 HG11 sing N N 369 
VAL CG1 HG12 sing N N 370 
VAL CG1 HG13 sing N N 371 
VAL CG2 HG21 sing N N 372 
VAL CG2 HG22 sing N N 373 
VAL CG2 HG23 sing N N 374 
VAL OXT HXT  sing N N 375 
# 
_atom_sites.entry_id                    1MDI 
_atom_sites.fract_transf_matrix[1][1]   1.000000 
_atom_sites.fract_transf_matrix[1][2]   0.000000 
_atom_sites.fract_transf_matrix[1][3]   0.000000 
_atom_sites.fract_transf_matrix[2][1]   0.000000 
_atom_sites.fract_transf_matrix[2][2]   1.000000 
_atom_sites.fract_transf_matrix[2][3]   0.000000 
_atom_sites.fract_transf_matrix[3][1]   0.000000 
_atom_sites.fract_transf_matrix[3][2]   0.000000 
_atom_sites.fract_transf_matrix[3][3]   1.000000 
_atom_sites.fract_transf_vector[1]      0.00000 
_atom_sites.fract_transf_vector[2]      0.00000 
_atom_sites.fract_transf_vector[3]      0.00000 
# 
_atom_sites_footnote.id     1 
_atom_sites_footnote.text   'CIS PROLINE - PRO      75' 
# 
loop_
_atom_type.symbol 
C 
H 
N 
O 
S 
# 
loop_
_atom_site.group_PDB 
_atom_site.id 
_atom_site.type_symbol 
_atom_site.label_atom_id 
_atom_site.label_alt_id 
_atom_site.label_comp_id 
_atom_site.label_asym_id 
_atom_site.label_entity_id 
_atom_site.label_seq_id 
_atom_site.pdbx_PDB_ins_code 
_atom_site.Cartn_x 
_atom_site.Cartn_y 
_atom_site.Cartn_z 
_atom_site.occupancy 
_atom_site.B_iso_or_equiv 
_atom_site.pdbx_formal_charge 
_atom_site.auth_seq_id 
_atom_site.auth_comp_id 
_atom_site.auth_asym_id 
_atom_site.auth_atom_id 
_atom_site.pdbx_PDB_model_num 
ATOM   1    N N    . MET A 1 1   ? -5.385  2.896   -11.764 1.00 0.82 ? 1   MET A N    1 
ATOM   2    C CA   . MET A 1 1   ? -4.874  4.258   -11.440 1.00 0.49 ? 1   MET A CA   1 
ATOM   3    C C    . MET A 1 1   ? -4.388  4.291   -9.991  1.00 0.35 ? 1   MET A C    1 
ATOM   4    O O    . MET A 1 1   ? -4.637  3.383   -9.222  1.00 0.38 ? 1   MET A O    1 
ATOM   5    C CB   . MET A 1 1   ? -5.994  5.286   -11.611 1.00 0.67 ? 1   MET A CB   1 
ATOM   6    C CG   . MET A 1 1   ? -6.649  5.121   -12.983 1.00 1.10 ? 1   MET A CG   1 
ATOM   7    S SD   . MET A 1 1   ? -7.952  6.365   -13.174 1.00 2.05 ? 1   MET A SD   1 
ATOM   8    C CE   . MET A 1 1   ? -8.036  6.340   -14.982 1.00 2.45 ? 1   MET A CE   1 
ATOM   9    H H1   . MET A 1 1   ? -6.097  2.616   -11.060 1.00 1.42 ? 1   MET A H1   1 
ATOM   10   H H2   . MET A 1 1   ? -5.816  2.903   -12.711 1.00 1.24 ? 1   MET A H2   1 
ATOM   11   H H3   . MET A 1 1   ? -4.599  2.217   -11.746 1.00 1.38 ? 1   MET A H3   1 
ATOM   12   H HA   . MET A 1 1   ? -4.056  4.502   -12.101 1.00 0.73 ? 1   MET A HA   1 
ATOM   13   H HB2  . MET A 1 1   ? -6.735  5.139   -10.838 1.00 0.97 ? 1   MET A HB2  1 
ATOM   14   H HB3  . MET A 1 1   ? -5.583  6.281   -11.529 1.00 1.04 ? 1   MET A HB3  1 
ATOM   15   H HG2  . MET A 1 1   ? -5.907  5.253   -13.756 1.00 1.51 ? 1   MET A HG2  1 
ATOM   16   H HG3  . MET A 1 1   ? -7.081  4.135   -13.060 1.00 1.52 ? 1   MET A HG3  1 
ATOM   17   H HE1  . MET A 1 1   ? -7.717  5.373   -15.345 1.00 2.69 ? 1   MET A HE1  1 
ATOM   18   H HE2  . MET A 1 1   ? -9.050  6.524   -15.298 1.00 2.87 ? 1   MET A HE2  1 
ATOM   19   H HE3  . MET A 1 1   ? -7.393  7.111   -15.383 1.00 2.85 ? 1   MET A HE3  1 
ATOM   20   N N    . VAL A 1 2   ? -3.701  5.337   -9.612  1.00 0.25 ? 2   VAL A N    1 
ATOM   21   C CA   . VAL A 1 2   ? -3.196  5.452   -8.210  1.00 0.16 ? 2   VAL A CA   1 
ATOM   22   C C    . VAL A 1 2   ? -4.118  6.386   -7.415  1.00 0.15 ? 2   VAL A C    1 
ATOM   23   O O    . VAL A 1 2   ? -4.822  7.201   -7.978  1.00 0.18 ? 2   VAL A O    1 
ATOM   24   C CB   . VAL A 1 2   ? -1.772  6.030   -8.231  1.00 0.22 ? 2   VAL A CB   1 
ATOM   25   C CG1  . VAL A 1 2   ? -1.250  6.135   -6.789  1.00 0.35 ? 2   VAL A CG1  1 
ATOM   26   C CG2  . VAL A 1 2   ? -0.835  5.122   -9.085  1.00 0.24 ? 2   VAL A CG2  1 
ATOM   27   H H    . VAL A 1 2   ? -3.520  6.057   -10.253 1.00 0.31 ? 2   VAL A H    1 
ATOM   28   H HA   . VAL A 1 2   ? -3.179  4.479   -7.742  1.00 0.19 ? 2   VAL A HA   1 
ATOM   29   H HB   . VAL A 1 2   ? -1.806  7.022   -8.661  1.00 0.31 ? 2   VAL A HB   1 
ATOM   30   H HG11 . VAL A 1 2   ? -1.380  5.187   -6.288  1.00 1.08 ? 2   VAL A HG11 1 
ATOM   31   H HG12 . VAL A 1 2   ? -0.203  6.397   -6.801  1.00 1.06 ? 2   VAL A HG12 1 
ATOM   32   H HG13 . VAL A 1 2   ? -1.802  6.899   -6.261  1.00 1.10 ? 2   VAL A HG13 1 
ATOM   33   H HG21 . VAL A 1 2   ? -1.350  4.214   -9.369  1.00 1.04 ? 2   VAL A HG21 1 
ATOM   34   H HG22 . VAL A 1 2   ? -0.537  5.652   -9.981  1.00 1.03 ? 2   VAL A HG22 1 
ATOM   35   H HG23 . VAL A 1 2   ? 0.050   4.859   -8.522  1.00 1.04 ? 2   VAL A HG23 1 
ATOM   36   N N    . LYS A 1 3   ? -4.112  6.284   -6.111  1.00 0.14 ? 3   LYS A N    1 
ATOM   37   C CA   . LYS A 1 3   ? -4.977  7.175   -5.278  1.00 0.16 ? 3   LYS A CA   1 
ATOM   38   C C    . LYS A 1 3   ? -4.303  7.405   -3.929  1.00 0.15 ? 3   LYS A C    1 
ATOM   39   O O    . LYS A 1 3   ? -3.933  6.476   -3.239  1.00 0.18 ? 3   LYS A O    1 
ATOM   40   C CB   . LYS A 1 3   ? -6.345  6.534   -5.040  1.00 0.20 ? 3   LYS A CB   1 
ATOM   41   C CG   . LYS A 1 3   ? -7.247  7.547   -4.330  1.00 0.35 ? 3   LYS A CG   1 
ATOM   42   C CD   . LYS A 1 3   ? -8.653  6.964   -4.153  1.00 0.95 ? 3   LYS A CD   1 
ATOM   43   C CE   . LYS A 1 3   ? -9.637  8.088   -3.810  1.00 0.81 ? 3   LYS A CE   1 
ATOM   44   N NZ   . LYS A 1 3   ? -9.999  8.828   -5.052  1.00 1.60 ? 3   LYS A NZ   1 
ATOM   45   H H    . LYS A 1 3   ? -3.529  5.625   -5.677  1.00 0.16 ? 3   LYS A H    1 
ATOM   46   H HA   . LYS A 1 3   ? -5.107  8.125   -5.778  1.00 0.17 ? 3   LYS A HA   1 
ATOM   47   H HB2  . LYS A 1 3   ? -6.789  6.250   -5.985  1.00 0.20 ? 3   LYS A HB2  1 
ATOM   48   H HB3  . LYS A 1 3   ? -6.230  5.661   -4.417  1.00 0.26 ? 3   LYS A HB3  1 
ATOM   49   H HG2  . LYS A 1 3   ? -6.830  7.777   -3.359  1.00 1.02 ? 3   LYS A HG2  1 
ATOM   50   H HG3  . LYS A 1 3   ? -7.305  8.449   -4.918  1.00 1.08 ? 3   LYS A HG3  1 
ATOM   51   H HD2  . LYS A 1 3   ? -8.959  6.484   -5.071  1.00 1.62 ? 3   LYS A HD2  1 
ATOM   52   H HD3  . LYS A 1 3   ? -8.644  6.240   -3.353  1.00 1.58 ? 3   LYS A HD3  1 
ATOM   53   H HE2  . LYS A 1 3   ? -10.528 7.662   -3.372  1.00 1.22 ? 3   LYS A HE2  1 
ATOM   54   H HE3  . LYS A 1 3   ? -9.181  8.768   -3.105  1.00 1.30 ? 3   LYS A HE3  1 
ATOM   55   H HZ1  . LYS A 1 3   ? -9.138  9.032   -5.597  1.00 2.14 ? 3   LYS A HZ1  1 
ATOM   56   H HZ2  . LYS A 1 3   ? -10.642 8.248   -5.627  1.00 2.12 ? 3   LYS A HZ2  1 
ATOM   57   H HZ3  . LYS A 1 3   ? -10.469 9.721   -4.798  1.00 2.12 ? 3   LYS A HZ3  1 
ATOM   58   N N    . GLN A 1 4   ? -4.134  8.641   -3.549  1.00 0.17 ? 4   GLN A N    1 
ATOM   59   C CA   . GLN A 1 4   ? -3.475  8.947   -2.248  1.00 0.19 ? 4   GLN A CA   1 
ATOM   60   C C    . GLN A 1 4   ? -4.530  9.039   -1.140  1.00 0.16 ? 4   GLN A C    1 
ATOM   61   O O    . GLN A 1 4   ? -5.547  9.689   -1.282  1.00 0.18 ? 4   GLN A O    1 
ATOM   62   C CB   . GLN A 1 4   ? -2.728  10.280  -2.374  1.00 0.26 ? 4   GLN A CB   1 
ATOM   63   C CG   . GLN A 1 4   ? -2.292  10.775  -0.989  1.00 0.27 ? 4   GLN A CG   1 
ATOM   64   C CD   . GLN A 1 4   ? -1.194  11.831  -1.142  1.00 0.35 ? 4   GLN A CD   1 
ATOM   65   O OE1  . GLN A 1 4   ? -1.212  12.613  -2.072  1.00 0.57 ? 4   GLN A OE1  1 
ATOM   66   N NE2  . GLN A 1 4   ? -0.232  11.885  -0.261  1.00 0.55 ? 4   GLN A NE2  1 
ATOM   67   H H    . GLN A 1 4   ? -4.437  9.373   -4.126  1.00 0.20 ? 4   GLN A H    1 
ATOM   68   H HA   . GLN A 1 4   ? -2.770  8.166   -2.005  1.00 0.20 ? 4   GLN A HA   1 
ATOM   69   H HB2  . GLN A 1 4   ? -1.859  10.139  -2.999  1.00 0.30 ? 4   GLN A HB2  1 
ATOM   70   H HB3  . GLN A 1 4   ? -3.381  11.012  -2.827  1.00 0.29 ? 4   GLN A HB3  1 
ATOM   71   H HG2  . GLN A 1 4   ? -3.139  11.210  -0.485  1.00 0.28 ? 4   GLN A HG2  1 
ATOM   72   H HG3  . GLN A 1 4   ? -1.914  9.946   -0.409  1.00 0.26 ? 4   GLN A HG3  1 
ATOM   73   H HE21 . GLN A 1 4   ? -0.218  11.254  0.487   1.00 0.80 ? 4   GLN A HE21 1 
ATOM   74   H HE22 . GLN A 1 4   ? 0.476   12.558  -0.350  1.00 0.59 ? 4   GLN A HE22 1 
ATOM   75   N N    . ILE A 1 5   ? -4.279  8.392   -0.032  1.00 0.15 ? 5   ILE A N    1 
ATOM   76   C CA   . ILE A 1 5   ? -5.237  8.424   1.116   1.00 0.16 ? 5   ILE A CA   1 
ATOM   77   C C    . ILE A 1 5   ? -4.648  9.321   2.207   1.00 0.20 ? 5   ILE A C    1 
ATOM   78   O O    . ILE A 1 5   ? -3.711  8.944   2.882   1.00 0.32 ? 5   ILE A O    1 
ATOM   79   C CB   . ILE A 1 5   ? -5.382  7.009   1.681   1.00 0.20 ? 5   ILE A CB   1 
ATOM   80   C CG1  . ILE A 1 5   ? -5.603  6.005   0.531   1.00 0.19 ? 5   ILE A CG1  1 
ATOM   81   C CG2  . ILE A 1 5   ? -6.538  6.944   2.699   1.00 0.28 ? 5   ILE A CG2  1 
ATOM   82   C CD1  . ILE A 1 5   ? -6.758  6.459   -0.368  1.00 0.19 ? 5   ILE A CD1  1 
ATOM   83   H H    . ILE A 1 5   ? -3.446  7.883   0.050   1.00 0.17 ? 5   ILE A H    1 
ATOM   84   H HA   . ILE A 1 5   ? -6.201  8.801   0.799   1.00 0.16 ? 5   ILE A HA   1 
ATOM   85   H HB   . ILE A 1 5   ? -4.466  6.759   2.191   1.00 0.26 ? 5   ILE A HB   1 
ATOM   86   H HG12 . ILE A 1 5   ? -4.701  5.940   -0.058  1.00 0.22 ? 5   ILE A HG12 1 
ATOM   87   H HG13 . ILE A 1 5   ? -5.830  5.032   0.940   1.00 0.26 ? 5   ILE A HG13 1 
ATOM   88   H HG21 . ILE A 1 5   ? -7.341  7.593   2.395   1.00 1.06 ? 5   ILE A HG21 1 
ATOM   89   H HG22 . ILE A 1 5   ? -6.904  5.933   2.766   1.00 1.01 ? 5   ILE A HG22 1 
ATOM   90   H HG23 . ILE A 1 5   ? -6.180  7.255   3.671   1.00 1.09 ? 5   ILE A HG23 1 
ATOM   91   H HD11 . ILE A 1 5   ? -7.559  6.853   0.235   1.00 1.03 ? 5   ILE A HD11 1 
ATOM   92   H HD12 . ILE A 1 5   ? -6.407  7.223   -1.046  1.00 1.04 ? 5   ILE A HD12 1 
ATOM   93   H HD13 . ILE A 1 5   ? -7.121  5.615   -0.936  1.00 1.02 ? 5   ILE A HD13 1 
ATOM   94   N N    . GLU A 1 6   ? -5.174  10.499  2.384   1.00 0.20 ? 6   GLU A N    1 
ATOM   95   C CA   . GLU A 1 6   ? -4.627  11.413  3.431   1.00 0.25 ? 6   GLU A CA   1 
ATOM   96   C C    . GLU A 1 6   ? -5.493  11.331  4.690   1.00 0.18 ? 6   GLU A C    1 
ATOM   97   O O    . GLU A 1 6   ? -5.149  11.867  5.724   1.00 0.19 ? 6   GLU A O    1 
ATOM   98   C CB   . GLU A 1 6   ? -4.645  12.843  2.898   1.00 0.35 ? 6   GLU A CB   1 
ATOM   99   C CG   . GLU A 1 6   ? -4.077  12.865  1.482   1.00 0.63 ? 6   GLU A CG   1 
ATOM   100  C CD   . GLU A 1 6   ? -3.999  14.309  0.983   1.00 1.37 ? 6   GLU A CD   1 
ATOM   101  O OE1  . GLU A 1 6   ? -3.821  15.190  1.808   1.00 2.04 ? 6   GLU A OE1  1 
ATOM   102  O OE2  . GLU A 1 6   ? -4.119  14.509  -0.214  1.00 2.05 ? 6   GLU A OE2  1 
ATOM   103  H H    . GLU A 1 6   ? -5.926  10.788  1.827   1.00 0.24 ? 6   GLU A H    1 
ATOM   104  H HA   . GLU A 1 6   ? -3.609  11.136  3.677   1.00 0.31 ? 6   GLU A HA   1 
ATOM   105  H HB2  . GLU A 1 6   ? -5.660  13.203  2.884   1.00 0.40 ? 6   GLU A HB2  1 
ATOM   106  H HB3  . GLU A 1 6   ? -4.042  13.471  3.533   1.00 0.34 ? 6   GLU A HB3  1 
ATOM   107  H HG2  . GLU A 1 6   ? -3.087  12.431  1.487   1.00 1.03 ? 6   GLU A HG2  1 
ATOM   108  H HG3  . GLU A 1 6   ? -4.720  12.295  0.829   1.00 0.96 ? 6   GLU A HG3  1 
ATOM   109  N N    . SER A 1 7   ? -6.615  10.667  4.612   1.00 0.17 ? 7   SER A N    1 
ATOM   110  C CA   . SER A 1 7   ? -7.497  10.557  5.810   1.00 0.17 ? 7   SER A CA   1 
ATOM   111  C C    . SER A 1 7   ? -8.340  9.285   5.721   1.00 0.16 ? 7   SER A C    1 
ATOM   112  O O    . SER A 1 7   ? -8.665  8.813   4.651   1.00 0.16 ? 7   SER A O    1 
ATOM   113  C CB   . SER A 1 7   ? -8.417  11.773  5.872   1.00 0.25 ? 7   SER A CB   1 
ATOM   114  O OG   . SER A 1 7   ? -9.159  11.864  4.663   1.00 0.34 ? 7   SER A OG   1 
ATOM   115  H H    . SER A 1 7   ? -6.876  10.242  3.769   1.00 0.20 ? 7   SER A H    1 
ATOM   116  H HA   . SER A 1 7   ? -6.893  10.520  6.706   1.00 0.18 ? 7   SER A HA   1 
ATOM   117  H HB2  . SER A 1 7   ? -9.099  11.670  6.699   1.00 0.29 ? 7   SER A HB2  1 
ATOM   118  H HB3  . SER A 1 7   ? -7.820  12.662  6.008   1.00 0.34 ? 7   SER A HB3  1 
ATOM   119  H HG   . SER A 1 7   ? -9.282  12.794  4.459   1.00 0.96 ? 7   SER A HG   1 
ATOM   120  N N    . LYS A 1 8   ? -8.696  8.732   6.847   1.00 0.18 ? 8   LYS A N    1 
ATOM   121  C CA   . LYS A 1 8   ? -9.522  7.494   6.848   1.00 0.20 ? 8   LYS A CA   1 
ATOM   122  C C    . LYS A 1 8   ? -10.755 7.700   5.964   1.00 0.20 ? 8   LYS A C    1 
ATOM   123  O O    . LYS A 1 8   ? -11.336 6.761   5.461   1.00 0.21 ? 8   LYS A O    1 
ATOM   124  C CB   . LYS A 1 8   ? -9.957  7.193   8.286   1.00 0.26 ? 8   LYS A CB   1 
ATOM   125  C CG   . LYS A 1 8   ? -10.439 5.743   8.405   1.00 0.33 ? 8   LYS A CG   1 
ATOM   126  C CD   . LYS A 1 8   ? -10.611 5.374   9.890   1.00 0.50 ? 8   LYS A CD   1 
ATOM   127  C CE   . LYS A 1 8   ? -11.566 4.170   10.051  1.00 0.76 ? 8   LYS A CE   1 
ATOM   128  N NZ   . LYS A 1 8   ? -12.881 4.654   10.557  1.00 1.71 ? 8   LYS A NZ   1 
ATOM   129  H H    . LYS A 1 8   ? -8.422  9.137   7.696   1.00 0.20 ? 8   LYS A H    1 
ATOM   130  H HA   . LYS A 1 8   ? -8.935  6.673   6.466   1.00 0.21 ? 8   LYS A HA   1 
ATOM   131  H HB2  . LYS A 1 8   ? -9.121  7.345   8.949   1.00 0.26 ? 8   LYS A HB2  1 
ATOM   132  H HB3  . LYS A 1 8   ? -10.760 7.859   8.565   1.00 0.27 ? 8   LYS A HB3  1 
ATOM   133  H HG2  . LYS A 1 8   ? -11.384 5.638   7.893   1.00 0.34 ? 8   LYS A HG2  1 
ATOM   134  H HG3  . LYS A 1 8   ? -9.711  5.082   7.958   1.00 0.38 ? 8   LYS A HG3  1 
ATOM   135  H HD2  . LYS A 1 8   ? -9.643  5.129   10.306  1.00 0.83 ? 8   LYS A HD2  1 
ATOM   136  H HD3  . LYS A 1 8   ? -11.020 6.221   10.425  1.00 1.08 ? 8   LYS A HD3  1 
ATOM   137  H HE2  . LYS A 1 8   ? -11.709 3.671   9.102   1.00 1.39 ? 8   LYS A HE2  1 
ATOM   138  H HE3  . LYS A 1 8   ? -11.150 3.467   10.761  1.00 1.31 ? 8   LYS A HE3  1 
ATOM   139  H HZ1  . LYS A 1 8   ? -13.201 5.458   9.979   1.00 2.26 ? 8   LYS A HZ1  1 
ATOM   140  H HZ2  . LYS A 1 8   ? -13.580 3.885   10.499  1.00 2.20 ? 8   LYS A HZ2  1 
ATOM   141  H HZ3  . LYS A 1 8   ? -12.781 4.960   11.545  1.00 2.22 ? 8   LYS A HZ3  1 
ATOM   142  N N    . THR A 1 9   ? -11.165 8.923   5.775   1.00 0.23 ? 9   THR A N    1 
ATOM   143  C CA   . THR A 1 9   ? -12.361 9.182   4.924   1.00 0.26 ? 9   THR A CA   1 
ATOM   144  C C    . THR A 1 9   ? -12.092 8.712   3.492   1.00 0.22 ? 9   THR A C    1 
ATOM   145  O O    . THR A 1 9   ? -12.891 8.019   2.895   1.00 0.21 ? 9   THR A O    1 
ATOM   146  C CB   . THR A 1 9   ? -12.672 10.675  4.919   1.00 0.32 ? 9   THR A CB   1 
ATOM   147  O OG1  . THR A 1 9   ? -12.764 11.144  6.257   1.00 0.37 ? 9   THR A OG1  1 
ATOM   148  C CG2  . THR A 1 9   ? -13.997 10.921  4.195   1.00 0.42 ? 9   THR A CG2  1 
ATOM   149  H H    . THR A 1 9   ? -10.688 9.671   6.191   1.00 0.25 ? 9   THR A H    1 
ATOM   150  H HA   . THR A 1 9   ? -13.202 8.649   5.320   1.00 0.30 ? 9   THR A HA   1 
ATOM   151  H HB   . THR A 1 9   ? -11.886 11.196  4.409   1.00 0.33 ? 9   THR A HB   1 
ATOM   152  H HG1  . THR A 1 9   ? -13.156 12.020  6.239   1.00 0.92 ? 9   THR A HG1  1 
ATOM   153  H HG21 . THR A 1 9   ? -14.774 10.330  4.656   1.00 1.07 ? 9   THR A HG21 1 
ATOM   154  H HG22 . THR A 1 9   ? -14.253 11.967  4.260   1.00 1.13 ? 9   THR A HG22 1 
ATOM   155  H HG23 . THR A 1 9   ? -13.897 10.638  3.157   1.00 1.10 ? 9   THR A HG23 1 
ATOM   156  N N    . ALA A 1 10  ? -10.975 9.090   2.936   1.00 0.21 ? 10  ALA A N    1 
ATOM   157  C CA   . ALA A 1 10  ? -10.655 8.673   1.541   1.00 0.19 ? 10  ALA A CA   1 
ATOM   158  C C    . ALA A 1 10  ? -10.345 7.168   1.515   1.00 0.16 ? 10  ALA A C    1 
ATOM   159  O O    . ALA A 1 10  ? -10.432 6.527   0.487   1.00 0.14 ? 10  ALA A O    1 
ATOM   160  C CB   . ALA A 1 10  ? -9.450  9.494   1.026   1.00 0.21 ? 10  ALA A CB   1 
ATOM   161  H H    . ALA A 1 10  ? -10.347 9.651   3.436   1.00 0.23 ? 10  ALA A H    1 
ATOM   162  H HA   . ALA A 1 10  ? -11.512 8.864   0.912   1.00 0.19 ? 10  ALA A HA   1 
ATOM   163  H HB1  . ALA A 1 10  ? -9.230  10.282  1.732   1.00 1.04 ? 10  ALA A HB1  1 
ATOM   164  H HB2  . ALA A 1 10  ? -8.582  8.862   0.916   1.00 1.04 ? 10  ALA A HB2  1 
ATOM   165  H HB3  . ALA A 1 10  ? -9.689  9.934   0.067   1.00 1.04 ? 10  ALA A HB3  1 
ATOM   166  N N    . PHE A 1 11  ? -9.987  6.599   2.637   1.00 0.17 ? 11  PHE A N    1 
ATOM   167  C CA   . PHE A 1 11  ? -9.679  5.141   2.661   1.00 0.16 ? 11  PHE A CA   1 
ATOM   168  C C    . PHE A 1 11  ? -10.911 4.351   2.230   1.00 0.15 ? 11  PHE A C    1 
ATOM   169  O O    . PHE A 1 11  ? -10.929 3.740   1.183   1.00 0.14 ? 11  PHE A O    1 
ATOM   170  C CB   . PHE A 1 11  ? -9.280  4.706   4.076   1.00 0.20 ? 11  PHE A CB   1 
ATOM   171  C CG   . PHE A 1 11  ? -9.026  3.214   4.092   1.00 0.22 ? 11  PHE A CG   1 
ATOM   172  C CD1  . PHE A 1 11  ? -7.905  2.684   3.425   1.00 0.24 ? 11  PHE A CD1  1 
ATOM   173  C CD2  . PHE A 1 11  ? -9.909  2.353   4.777   1.00 0.27 ? 11  PHE A CD2  1 
ATOM   174  C CE1  . PHE A 1 11  ? -7.665  1.296   3.442   1.00 0.29 ? 11  PHE A CE1  1 
ATOM   175  C CE2  . PHE A 1 11  ? -9.669  0.966   4.793   1.00 0.32 ? 11  PHE A CE2  1 
ATOM   176  C CZ   . PHE A 1 11  ? -8.548  0.437   4.125   1.00 0.33 ? 11  PHE A CZ   1 
ATOM   177  H H    . PHE A 1 11  ? -9.923  7.130   3.458   1.00 0.19 ? 11  PHE A H    1 
ATOM   178  H HA   . PHE A 1 11  ? -8.870  4.935   1.978   1.00 0.16 ? 11  PHE A HA   1 
ATOM   179  H HB2  . PHE A 1 11  ? -8.387  5.228   4.379   1.00 0.20 ? 11  PHE A HB2  1 
ATOM   180  H HB3  . PHE A 1 11  ? -10.079 4.939   4.760   1.00 0.22 ? 11  PHE A HB3  1 
ATOM   181  H HD1  . PHE A 1 11  ? -7.229  3.341   2.900   1.00 0.23 ? 11  PHE A HD1  1 
ATOM   182  H HD2  . PHE A 1 11  ? -10.768 2.758   5.289   1.00 0.28 ? 11  PHE A HD2  1 
ATOM   183  H HE1  . PHE A 1 11  ? -6.806  0.890   2.930   1.00 0.32 ? 11  PHE A HE1  1 
ATOM   184  H HE2  . PHE A 1 11  ? -10.345 0.307   5.317   1.00 0.36 ? 11  PHE A HE2  1 
ATOM   185  H HZ   . PHE A 1 11  ? -8.364  -0.627  4.138   1.00 0.38 ? 11  PHE A HZ   1 
ATOM   186  N N    . GLN A 1 12  ? -11.936 4.352   3.035   1.00 0.18 ? 12  GLN A N    1 
ATOM   187  C CA   . GLN A 1 12  ? -13.164 3.588   2.681   1.00 0.19 ? 12  GLN A CA   1 
ATOM   188  C C    . GLN A 1 12  ? -13.662 4.017   1.300   1.00 0.15 ? 12  GLN A C    1 
ATOM   189  O O    . GLN A 1 12  ? -14.000 3.194   0.472   1.00 0.14 ? 12  GLN A O    1 
ATOM   190  C CB   . GLN A 1 12  ? -14.251 3.854   3.724   1.00 0.24 ? 12  GLN A CB   1 
ATOM   191  C CG   . GLN A 1 12  ? -13.651 3.737   5.127   1.00 0.79 ? 12  GLN A CG   1 
ATOM   192  C CD   . GLN A 1 12  ? -14.764 3.792   6.181   1.00 1.34 ? 12  GLN A CD   1 
ATOM   193  O OE1  . GLN A 1 12  ? -14.528 4.184   7.305   1.00 2.08 ? 12  GLN A OE1  1 
ATOM   194  N NE2  . GLN A 1 12  ? -15.973 3.409   5.866   1.00 1.90 ? 12  GLN A NE2  1 
ATOM   195  H H    . GLN A 1 12  ? -11.894 4.850   3.879   1.00 0.22 ? 12  GLN A H    1 
ATOM   196  H HA   . GLN A 1 12  ? -12.935 2.532   2.665   1.00 0.20 ? 12  GLN A HA   1 
ATOM   197  H HB2  . GLN A 1 12  ? -14.652 4.848   3.581   1.00 0.65 ? 12  GLN A HB2  1 
ATOM   198  H HB3  . GLN A 1 12  ? -15.041 3.128   3.609   1.00 0.64 ? 12  GLN A HB3  1 
ATOM   199  H HG2  . GLN A 1 12  ? -13.120 2.802   5.214   1.00 1.22 ? 12  GLN A HG2  1 
ATOM   200  H HG3  . GLN A 1 12  ? -12.966 4.556   5.292   1.00 1.31 ? 12  GLN A HG3  1 
ATOM   201  H HE21 . GLN A 1 12  ? -16.168 3.092   4.962   1.00 2.25 ? 12  GLN A HE21 1 
ATOM   202  H HE22 . GLN A 1 12  ? -16.686 3.442   6.538   1.00 2.41 ? 12  GLN A HE22 1 
ATOM   203  N N    . GLU A 1 13  ? -13.712 5.293   1.039   1.00 0.16 ? 13  GLU A N    1 
ATOM   204  C CA   . GLU A 1 13  ? -14.190 5.754   -0.292  1.00 0.15 ? 13  GLU A CA   1 
ATOM   205  C C    . GLU A 1 13  ? -13.310 5.154   -1.390  1.00 0.12 ? 13  GLU A C    1 
ATOM   206  O O    . GLU A 1 13  ? -13.782 4.816   -2.457  1.00 0.13 ? 13  GLU A O    1 
ATOM   207  C CB   . GLU A 1 13  ? -14.127 7.284   -0.356  1.00 0.18 ? 13  GLU A CB   1 
ATOM   208  C CG   . GLU A 1 13  ? -15.216 7.912   0.539   1.00 0.25 ? 13  GLU A CG   1 
ATOM   209  C CD   . GLU A 1 13  ? -15.590 9.302   0.010   1.00 1.17 ? 13  GLU A CD   1 
ATOM   210  O OE1  . GLU A 1 13  ? -14.791 10.210  0.166   1.00 1.90 ? 13  GLU A OE1  1 
ATOM   211  O OE2  . GLU A 1 13  ? -16.671 9.432   -0.543  1.00 1.96 ? 13  GLU A OE2  1 
ATOM   212  H H    . GLU A 1 13  ? -13.437 5.946   1.715   1.00 0.18 ? 13  GLU A H    1 
ATOM   213  H HA   . GLU A 1 13  ? -15.207 5.425   -0.438  1.00 0.16 ? 13  GLU A HA   1 
ATOM   214  H HB2  . GLU A 1 13  ? -13.158 7.605   -0.019  1.00 0.18 ? 13  GLU A HB2  1 
ATOM   215  H HB3  . GLU A 1 13  ? -14.266 7.602   -1.375  1.00 0.18 ? 13  GLU A HB3  1 
ATOM   216  H HG2  . GLU A 1 13  ? -16.097 7.287   0.544   1.00 0.96 ? 13  GLU A HG2  1 
ATOM   217  H HG3  . GLU A 1 13  ? -14.840 8.007   1.547   1.00 0.84 ? 13  GLU A HG3  1 
ATOM   218  N N    . ALA A 1 14  ? -12.035 5.010   -1.143  1.00 0.11 ? 14  ALA A N    1 
ATOM   219  C CA   . ALA A 1 14  ? -11.146 4.423   -2.185  1.00 0.12 ? 14  ALA A CA   1 
ATOM   220  C C    . ALA A 1 14  ? -11.627 3.006   -2.508  1.00 0.11 ? 14  ALA A C    1 
ATOM   221  O O    . ALA A 1 14  ? -11.729 2.618   -3.655  1.00 0.13 ? 14  ALA A O    1 
ATOM   222  C CB   . ALA A 1 14  ? -9.710  4.369   -1.661  1.00 0.13 ? 14  ALA A CB   1 
ATOM   223  H H    . ALA A 1 14  ? -11.665 5.282   -0.275  1.00 0.12 ? 14  ALA A H    1 
ATOM   224  H HA   . ALA A 1 14  ? -11.181 5.032   -3.078  1.00 0.14 ? 14  ALA A HA   1 
ATOM   225  H HB1  . ALA A 1 14  ? -9.422  5.346   -1.302  1.00 1.04 ? 14  ALA A HB1  1 
ATOM   226  H HB2  . ALA A 1 14  ? -9.648  3.656   -0.852  1.00 1.02 ? 14  ALA A HB2  1 
ATOM   227  H HB3  . ALA A 1 14  ? -9.048  4.068   -2.458  1.00 1.03 ? 14  ALA A HB3  1 
ATOM   228  N N    . LEU A 1 15  ? -11.931 2.235   -1.500  1.00 0.11 ? 15  LEU A N    1 
ATOM   229  C CA   . LEU A 1 15  ? -12.414 0.842   -1.732  1.00 0.12 ? 15  LEU A CA   1 
ATOM   230  C C    . LEU A 1 15  ? -13.769 0.883   -2.443  1.00 0.12 ? 15  LEU A C    1 
ATOM   231  O O    . LEU A 1 15  ? -14.023 0.129   -3.361  1.00 0.13 ? 15  LEU A O    1 
ATOM   232  C CB   . LEU A 1 15  ? -12.562 0.117   -0.389  1.00 0.14 ? 15  LEU A CB   1 
ATOM   233  C CG   . LEU A 1 15  ? -11.378 0.461   0.524   1.00 0.16 ? 15  LEU A CG   1 
ATOM   234  C CD1  . LEU A 1 15  ? -11.479 -0.341  1.832   1.00 0.20 ? 15  LEU A CD1  1 
ATOM   235  C CD2  . LEU A 1 15  ? -10.064 0.123   -0.193  1.00 0.17 ? 15  LEU A CD2  1 
ATOM   236  H H    . LEU A 1 15  ? -11.846 2.577   -0.587  1.00 0.11 ? 15  LEU A H    1 
ATOM   237  H HA   . LEU A 1 15  ? -11.706 0.309   -2.349  1.00 0.13 ? 15  LEU A HA   1 
ATOM   238  H HB2  . LEU A 1 15  ? -13.484 0.421   0.089   1.00 0.15 ? 15  LEU A HB2  1 
ATOM   239  H HB3  . LEU A 1 15  ? -12.580 -0.946  -0.562  1.00 0.16 ? 15  LEU A HB3  1 
ATOM   240  H HG   . LEU A 1 15  ? -11.400 1.516   0.754   1.00 0.15 ? 15  LEU A HG   1 
ATOM   241  H HD11 . LEU A 1 15  ? -12.513 -0.412  2.138   1.00 1.07 ? 15  LEU A HD11 1 
ATOM   242  H HD12 . LEU A 1 15  ? -11.080 -1.334  1.683   1.00 1.02 ? 15  LEU A HD12 1 
ATOM   243  H HD13 . LEU A 1 15  ? -10.913 0.161   2.604   1.00 1.03 ? 15  LEU A HD13 1 
ATOM   244  H HD21 . LEU A 1 15  ? -10.159 -0.832  -0.689  1.00 1.03 ? 15  LEU A HD21 1 
ATOM   245  H HD22 . LEU A 1 15  ? -9.846  0.888   -0.922  1.00 1.04 ? 15  LEU A HD22 1 
ATOM   246  H HD23 . LEU A 1 15  ? -9.262  0.076   0.528   1.00 1.03 ? 15  LEU A HD23 1 
ATOM   247  N N    . ASP A 1 16  ? -14.643 1.755   -2.020  1.00 0.14 ? 16  ASP A N    1 
ATOM   248  C CA   . ASP A 1 16  ? -15.984 1.841   -2.666  1.00 0.17 ? 16  ASP A CA   1 
ATOM   249  C C    . ASP A 1 16  ? -15.830 2.289   -4.121  1.00 0.17 ? 16  ASP A C    1 
ATOM   250  O O    . ASP A 1 16  ? -16.513 1.808   -5.003  1.00 0.20 ? 16  ASP A O    1 
ATOM   251  C CB   . ASP A 1 16  ? -16.847 2.854   -1.909  1.00 0.20 ? 16  ASP A CB   1 
ATOM   252  C CG   . ASP A 1 16  ? -18.260 2.860   -2.495  1.00 0.29 ? 16  ASP A CG   1 
ATOM   253  O OD1  . ASP A 1 16  ? -18.920 1.837   -2.410  1.00 1.10 ? 16  ASP A OD1  1 
ATOM   254  O OD2  . ASP A 1 16  ? -18.659 3.887   -3.017  1.00 1.14 ? 16  ASP A OD2  1 
ATOM   255  H H    . ASP A 1 16  ? -14.419 2.351   -1.275  1.00 0.16 ? 16  ASP A H    1 
ATOM   256  H HA   . ASP A 1 16  ? -16.459 0.873   -2.636  1.00 0.18 ? 16  ASP A HA   1 
ATOM   257  H HB2  . ASP A 1 16  ? -16.891 2.580   -0.864  1.00 0.24 ? 16  ASP A HB2  1 
ATOM   258  H HB3  . ASP A 1 16  ? -16.415 3.839   -2.005  1.00 0.23 ? 16  ASP A HB3  1 
ATOM   259  N N    . ALA A 1 17  ? -14.946 3.214   -4.379  1.00 0.19 ? 17  ALA A N    1 
ATOM   260  C CA   . ALA A 1 17  ? -14.759 3.698   -5.777  1.00 0.23 ? 17  ALA A CA   1 
ATOM   261  C C    . ALA A 1 17  ? -13.894 2.709   -6.565  1.00 0.21 ? 17  ALA A C    1 
ATOM   262  O O    . ALA A 1 17  ? -13.830 2.763   -7.778  1.00 0.23 ? 17  ALA A O    1 
ATOM   263  C CB   . ALA A 1 17  ? -14.074 5.065   -5.751  1.00 0.29 ? 17  ALA A CB   1 
ATOM   264  H H    . ALA A 1 17  ? -14.409 3.595   -3.652  1.00 0.20 ? 17  ALA A H    1 
ATOM   265  H HA   . ALA A 1 17  ? -15.723 3.790   -6.255  1.00 0.25 ? 17  ALA A HA   1 
ATOM   266  H HB1  . ALA A 1 17  ? -13.184 5.011   -5.142  1.00 1.09 ? 17  ALA A HB1  1 
ATOM   267  H HB2  . ALA A 1 17  ? -13.805 5.352   -6.757  1.00 1.00 ? 17  ALA A HB2  1 
ATOM   268  H HB3  . ALA A 1 17  ? -14.750 5.799   -5.337  1.00 1.07 ? 17  ALA A HB3  1 
ATOM   269  N N    . ALA A 1 18  ? -13.227 1.809   -5.895  1.00 0.19 ? 18  ALA A N    1 
ATOM   270  C CA   . ALA A 1 18  ? -12.370 0.828   -6.623  1.00 0.20 ? 18  ALA A CA   1 
ATOM   271  C C    . ALA A 1 18  ? -13.262 -0.125  -7.431  1.00 0.20 ? 18  ALA A C    1 
ATOM   272  O O    . ALA A 1 18  ? -12.800 -0.823  -8.310  1.00 0.24 ? 18  ALA A O    1 
ATOM   273  C CB   . ALA A 1 18  ? -11.523 0.040   -5.606  1.00 0.19 ? 18  ALA A CB   1 
ATOM   274  H H    . ALA A 1 18  ? -13.287 1.779   -4.917  1.00 0.18 ? 18  ALA A H    1 
ATOM   275  H HA   . ALA A 1 18  ? -11.717 1.361   -7.301  1.00 0.22 ? 18  ALA A HA   1 
ATOM   276  H HB1  . ALA A 1 18  ? -12.033 0.022   -4.654  1.00 1.02 ? 18  ALA A HB1  1 
ATOM   277  H HB2  . ALA A 1 18  ? -11.375 -0.975  -5.953  1.00 1.04 ? 18  ALA A HB2  1 
ATOM   278  H HB3  . ALA A 1 18  ? -10.562 0.519   -5.486  1.00 1.04 ? 18  ALA A HB3  1 
ATOM   279  N N    . GLY A 1 19  ? -14.534 -0.149  -7.145  1.00 0.19 ? 19  GLY A N    1 
ATOM   280  C CA   . GLY A 1 19  ? -15.453 -1.047  -7.905  1.00 0.22 ? 19  GLY A CA   1 
ATOM   281  C C    . GLY A 1 19  ? -15.311 -2.491  -7.411  1.00 0.21 ? 19  GLY A C    1 
ATOM   282  O O    . GLY A 1 19  ? -15.716 -2.825  -6.315  1.00 0.31 ? 19  GLY A O    1 
ATOM   283  H H    . GLY A 1 19  ? -14.889 0.428   -6.437  1.00 0.21 ? 19  GLY A H    1 
ATOM   284  H HA2  . GLY A 1 19  ? -16.472 -0.718  -7.763  1.00 0.24 ? 19  GLY A HA2  1 
ATOM   285  H HA3  . GLY A 1 19  ? -15.206 -1.005  -8.955  1.00 0.23 ? 19  GLY A HA3  1 
ATOM   286  N N    . ASP A 1 20  ? -14.750 -3.353  -8.224  1.00 0.18 ? 20  ASP A N    1 
ATOM   287  C CA   . ASP A 1 20  ? -14.584 -4.789  -7.830  1.00 0.17 ? 20  ASP A CA   1 
ATOM   288  C C    . ASP A 1 20  ? -13.172 -5.255  -8.209  1.00 0.14 ? 20  ASP A C    1 
ATOM   289  O O    . ASP A 1 20  ? -12.802 -6.389  -7.975  1.00 0.14 ? 20  ASP A O    1 
ATOM   290  C CB   . ASP A 1 20  ? -15.634 -5.638  -8.592  1.00 0.20 ? 20  ASP A CB   1 
ATOM   291  C CG   . ASP A 1 20  ? -16.834 -5.969  -7.694  1.00 1.38 ? 20  ASP A CG   1 
ATOM   292  O OD1  . ASP A 1 20  ? -17.018 -5.286  -6.700  1.00 2.16 ? 20  ASP A OD1  1 
ATOM   293  O OD2  . ASP A 1 20  ? -17.549 -6.903  -8.021  1.00 2.18 ? 20  ASP A OD2  1 
ATOM   294  H H    . ASP A 1 20  ? -14.442 -3.055  -9.106  1.00 0.24 ? 20  ASP A H    1 
ATOM   295  H HA   . ASP A 1 20  ? -14.717 -4.901  -6.758  1.00 0.17 ? 20  ASP A HA   1 
ATOM   296  H HB2  . ASP A 1 20  ? -15.981 -5.078  -9.448  1.00 0.98 ? 20  ASP A HB2  1 
ATOM   297  H HB3  . ASP A 1 20  ? -15.187 -6.562  -8.935  1.00 1.00 ? 20  ASP A HB3  1 
ATOM   298  N N    . LYS A 1 21  ? -12.383 -4.400  -8.798  1.00 0.13 ? 21  LYS A N    1 
ATOM   299  C CA   . LYS A 1 21  ? -11.011 -4.818  -9.190  1.00 0.12 ? 21  LYS A CA   1 
ATOM   300  C C    . LYS A 1 21  ? -10.159 -5.016  -7.941  1.00 0.11 ? 21  LYS A C    1 
ATOM   301  O O    . LYS A 1 21  ? -10.527 -4.617  -6.854  1.00 0.12 ? 21  LYS A O    1 
ATOM   302  C CB   . LYS A 1 21  ? -10.387 -3.741  -10.075 1.00 0.14 ? 21  LYS A CB   1 
ATOM   303  C CG   . LYS A 1 21  ? -11.017 -3.810  -11.466 1.00 0.26 ? 21  LYS A CG   1 
ATOM   304  C CD   . LYS A 1 21  ? -10.665 -2.549  -12.259 1.00 0.21 ? 21  LYS A CD   1 
ATOM   305  C CE   . LYS A 1 21  ? -10.929 -2.776  -13.756 1.00 0.60 ? 21  LYS A CE   1 
ATOM   306  N NZ   . LYS A 1 21  ? -11.397 -1.503  -14.372 1.00 1.26 ? 21  LYS A NZ   1 
ATOM   307  H H    . LYS A 1 21  ? -12.693 -3.490  -8.990  1.00 0.14 ? 21  LYS A H    1 
ATOM   308  H HA   . LYS A 1 21  ? -11.062 -5.748  -9.738  1.00 0.13 ? 21  LYS A HA   1 
ATOM   309  H HB2  . LYS A 1 21  ? -10.570 -2.767  -9.642  1.00 0.17 ? 21  LYS A HB2  1 
ATOM   310  H HB3  . LYS A 1 21  ? -9.324  -3.908  -10.154 1.00 0.19 ? 21  LYS A HB3  1 
ATOM   311  H HG2  . LYS A 1 21  ? -10.643 -4.680  -11.987 1.00 0.38 ? 21  LYS A HG2  1 
ATOM   312  H HG3  . LYS A 1 21  ? -12.091 -3.883  -11.371 1.00 0.37 ? 21  LYS A HG3  1 
ATOM   313  H HD2  . LYS A 1 21  ? -11.272 -1.728  -11.908 1.00 0.32 ? 21  LYS A HD2  1 
ATOM   314  H HD3  . LYS A 1 21  ? -9.620  -2.312  -12.110 1.00 0.45 ? 21  LYS A HD3  1 
ATOM   315  H HE2  . LYS A 1 21  ? -10.019 -3.096  -14.240 1.00 1.13 ? 21  LYS A HE2  1 
ATOM   316  H HE3  . LYS A 1 21  ? -11.689 -3.536  -13.889 1.00 1.07 ? 21  LYS A HE3  1 
ATOM   317  H HZ1  . LYS A 1 21  ? -10.824 -0.713  -14.015 1.00 1.77 ? 21  LYS A HZ1  1 
ATOM   318  H HZ2  . LYS A 1 21  ? -11.299 -1.559  -15.405 1.00 1.76 ? 21  LYS A HZ2  1 
ATOM   319  H HZ3  . LYS A 1 21  ? -12.396 -1.346  -14.126 1.00 1.77 ? 21  LYS A HZ3  1 
ATOM   320  N N    . LEU A 1 22  ? -9.023  -5.635  -8.087  1.00 0.10 ? 22  LEU A N    1 
ATOM   321  C CA   . LEU A 1 22  ? -8.151  -5.865  -6.911  1.00 0.10 ? 22  LEU A CA   1 
ATOM   322  C C    . LEU A 1 22  ? -7.736  -4.499  -6.343  1.00 0.09 ? 22  LEU A C    1 
ATOM   323  O O    . LEU A 1 22  ? -7.844  -3.489  -7.011  1.00 0.10 ? 22  LEU A O    1 
ATOM   324  C CB   . LEU A 1 22  ? -6.909  -6.669  -7.364  1.00 0.11 ? 22  LEU A CB   1 
ATOM   325  C CG   . LEU A 1 22  ? -6.583  -7.827  -6.406  1.00 0.14 ? 22  LEU A CG   1 
ATOM   326  C CD1  . LEU A 1 22  ? -5.253  -8.449  -6.846  1.00 0.17 ? 22  LEU A CD1  1 
ATOM   327  C CD2  . LEU A 1 22  ? -6.442  -7.327  -4.959  1.00 0.16 ? 22  LEU A CD2  1 
ATOM   328  H H    . LEU A 1 22  ? -8.743  -5.950  -8.972  1.00 0.11 ? 22  LEU A H    1 
ATOM   329  H HA   . LEU A 1 22  ? -8.709  -6.415  -6.173  1.00 0.10 ? 22  LEU A HA   1 
ATOM   330  H HB2  . LEU A 1 22  ? -7.101  -7.082  -8.341  1.00 0.14 ? 22  LEU A HB2  1 
ATOM   331  H HB3  . LEU A 1 22  ? -6.055  -6.018  -7.430  1.00 0.13 ? 22  LEU A HB3  1 
ATOM   332  H HG   . LEU A 1 22  ? -7.364  -8.573  -6.462  1.00 0.17 ? 22  LEU A HG   1 
ATOM   333  H HD11 . LEU A 1 22  ? -4.493  -7.682  -6.879  1.00 1.05 ? 22  LEU A HD11 1 
ATOM   334  H HD12 . LEU A 1 22  ? -4.959  -9.213  -6.146  1.00 1.02 ? 22  LEU A HD12 1 
ATOM   335  H HD13 . LEU A 1 22  ? -5.365  -8.883  -7.826  1.00 1.02 ? 22  LEU A HD13 1 
ATOM   336  H HD21 . LEU A 1 22  ? -5.841  -6.431  -4.944  1.00 1.03 ? 22  LEU A HD21 1 
ATOM   337  H HD22 . LEU A 1 22  ? -7.412  -7.121  -4.540  1.00 1.02 ? 22  LEU A HD22 1 
ATOM   338  H HD23 . LEU A 1 22  ? -5.964  -8.088  -4.367  1.00 1.03 ? 22  LEU A HD23 1 
ATOM   339  N N    . VAL A 1 23  ? -7.261  -4.454  -5.127  1.00 0.08 ? 23  VAL A N    1 
ATOM   340  C CA   . VAL A 1 23  ? -6.840  -3.146  -4.534  1.00 0.08 ? 23  VAL A CA   1 
ATOM   341  C C    . VAL A 1 23  ? -5.627  -3.366  -3.630  1.00 0.08 ? 23  VAL A C    1 
ATOM   342  O O    . VAL A 1 23  ? -5.748  -3.847  -2.521  1.00 0.09 ? 23  VAL A O    1 
ATOM   343  C CB   . VAL A 1 23  ? -7.990  -2.565  -3.706  1.00 0.09 ? 23  VAL A CB   1 
ATOM   344  C CG1  . VAL A 1 23  ? -7.682  -1.109  -3.350  1.00 0.11 ? 23  VAL A CG1  1 
ATOM   345  C CG2  . VAL A 1 23  ? -9.287  -2.629  -4.517  1.00 0.11 ? 23  VAL A CG2  1 
ATOM   346  H H    . VAL A 1 23  ? -7.179  -5.278  -4.602  1.00 0.08 ? 23  VAL A H    1 
ATOM   347  H HA   . VAL A 1 23  ? -6.577  -2.453  -5.320  1.00 0.09 ? 23  VAL A HA   1 
ATOM   348  H HB   . VAL A 1 23  ? -8.104  -3.138  -2.798  1.00 0.10 ? 23  VAL A HB   1 
ATOM   349  H HG11 . VAL A 1 23  ? -6.653  -1.024  -3.033  1.00 1.02 ? 23  VAL A HG11 1 
ATOM   350  H HG12 . VAL A 1 23  ? -7.843  -0.482  -4.215  1.00 1.01 ? 23  VAL A HG12 1 
ATOM   351  H HG13 . VAL A 1 23  ? -8.332  -0.788  -2.548  1.00 1.03 ? 23  VAL A HG13 1 
ATOM   352  H HG21 . VAL A 1 23  ? -9.117  -2.215  -5.500  1.00 1.04 ? 23  VAL A HG21 1 
ATOM   353  H HG22 . VAL A 1 23  ? -9.605  -3.657  -4.608  1.00 1.02 ? 23  VAL A HG22 1 
ATOM   354  H HG23 . VAL A 1 23  ? -10.054 -2.058  -4.015  1.00 1.00 ? 23  VAL A HG23 1 
ATOM   355  N N    . VAL A 1 24  ? -4.452  -3.006  -4.095  1.00 0.08 ? 24  VAL A N    1 
ATOM   356  C CA   . VAL A 1 24  ? -3.219  -3.181  -3.266  1.00 0.08 ? 24  VAL A CA   1 
ATOM   357  C C    . VAL A 1 24  ? -2.834  -1.828  -2.673  1.00 0.09 ? 24  VAL A C    1 
ATOM   358  O O    . VAL A 1 24  ? -2.772  -0.830  -3.365  1.00 0.12 ? 24  VAL A O    1 
ATOM   359  C CB   . VAL A 1 24  ? -2.075  -3.715  -4.146  1.00 0.10 ? 24  VAL A CB   1 
ATOM   360  C CG1  . VAL A 1 24  ? -0.910  -4.275  -3.276  1.00 0.11 ? 24  VAL A CG1  1 
ATOM   361  C CG2  . VAL A 1 24  ? -2.632  -4.809  -5.065  1.00 0.13 ? 24  VAL A CG2  1 
ATOM   362  H H    . VAL A 1 24  ? -4.385  -2.612  -4.990  1.00 0.08 ? 24  VAL A H    1 
ATOM   363  H HA   . VAL A 1 24  ? -3.412  -3.876  -2.468  1.00 0.08 ? 24  VAL A HA   1 
ATOM   364  H HB   . VAL A 1 24  ? -1.700  -2.909  -4.754  1.00 0.11 ? 24  VAL A HB   1 
ATOM   365  H HG11 . VAL A 1 24  ? -1.254  -4.485  -2.273  1.00 1.04 ? 24  VAL A HG11 1 
ATOM   366  H HG12 . VAL A 1 24  ? -0.524  -5.186  -3.714  1.00 1.02 ? 24  VAL A HG12 1 
ATOM   367  H HG13 . VAL A 1 24  ? -0.113  -3.549  -3.227  1.00 1.01 ? 24  VAL A HG13 1 
ATOM   368  H HG21 . VAL A 1 24  ? -3.109  -5.571  -4.469  1.00 1.01 ? 24  VAL A HG21 1 
ATOM   369  H HG22 . VAL A 1 24  ? -3.355  -4.377  -5.742  1.00 1.02 ? 24  VAL A HG22 1 
ATOM   370  H HG23 . VAL A 1 24  ? -1.826  -5.246  -5.633  1.00 1.03 ? 24  VAL A HG23 1 
ATOM   371  N N    . VAL A 1 25  ? -2.590  -1.787  -1.390  1.00 0.08 ? 25  VAL A N    1 
ATOM   372  C CA   . VAL A 1 25  ? -2.220  -0.503  -0.720  1.00 0.08 ? 25  VAL A CA   1 
ATOM   373  C C    . VAL A 1 25  ? -0.743  -0.524  -0.358  1.00 0.09 ? 25  VAL A C    1 
ATOM   374  O O    . VAL A 1 25  ? -0.214  -1.537  0.047   1.00 0.13 ? 25  VAL A O    1 
ATOM   375  C CB   . VAL A 1 25  ? -3.041  -0.356  0.563   1.00 0.09 ? 25  VAL A CB   1 
ATOM   376  C CG1  . VAL A 1 25  ? -2.972  1.088   1.055   1.00 0.11 ? 25  VAL A CG1  1 
ATOM   377  C CG2  . VAL A 1 25  ? -4.493  -0.746  0.287   1.00 0.10 ? 25  VAL A CG2  1 
ATOM   378  H H    . VAL A 1 25  ? -2.659  -2.606  -0.861  1.00 0.10 ? 25  VAL A H    1 
ATOM   379  H HA   . VAL A 1 25  ? -2.419  0.334   -1.375  1.00 0.09 ? 25  VAL A HA   1 
ATOM   380  H HB   . VAL A 1 25  ? -2.633  -1.004  1.324   1.00 0.10 ? 25  VAL A HB   1 
ATOM   381  H HG11 . VAL A 1 25  ? -3.280  1.757   0.267   1.00 1.01 ? 25  VAL A HG11 1 
ATOM   382  H HG12 . VAL A 1 25  ? -3.623  1.210   1.909   1.00 1.03 ? 25  VAL A HG12 1 
ATOM   383  H HG13 . VAL A 1 25  ? -1.955  1.312   1.343   1.00 1.01 ? 25  VAL A HG13 1 
ATOM   384  H HG21 . VAL A 1 25  ? -4.823  -0.290  -0.632  1.00 1.02 ? 25  VAL A HG21 1 
ATOM   385  H HG22 . VAL A 1 25  ? -4.562  -1.819  0.198   1.00 1.01 ? 25  VAL A HG22 1 
ATOM   386  H HG23 . VAL A 1 25  ? -5.119  -0.411  1.100   1.00 1.04 ? 25  VAL A HG23 1 
ATOM   387  N N    . ASP A 1 26  ? -0.080  0.592   -0.484  1.00 0.09 ? 26  ASP A N    1 
ATOM   388  C CA   . ASP A 1 26  ? 1.369   0.665   -0.133  1.00 0.11 ? 26  ASP A CA   1 
ATOM   389  C C    . ASP A 1 26  ? 1.536   1.562   1.092   1.00 0.10 ? 26  ASP A C    1 
ATOM   390  O O    . ASP A 1 26  ? 1.538   2.772   0.989   1.00 0.10 ? 26  ASP A O    1 
ATOM   391  C CB   . ASP A 1 26  ? 2.149   1.257   -1.310  1.00 0.13 ? 26  ASP A CB   1 
ATOM   392  C CG   . ASP A 1 26  ? 3.606   1.486   -0.897  1.00 0.18 ? 26  ASP A CG   1 
ATOM   393  O OD1  . ASP A 1 26  ? 4.237   0.533   -0.468  1.00 1.09 ? 26  ASP A OD1  1 
ATOM   394  O OD2  . ASP A 1 26  ? 4.065   2.609   -1.016  1.00 1.08 ? 26  ASP A OD2  1 
ATOM   395  H H    . ASP A 1 26  ? -0.541  1.397   -0.801  1.00 0.09 ? 26  ASP A H    1 
ATOM   396  H HA   . ASP A 1 26  ? 1.753   -0.323  0.095   1.00 0.12 ? 26  ASP A HA   1 
ATOM   397  H HB2  . ASP A 1 26  ? 2.115   0.572   -2.145  1.00 0.14 ? 26  ASP A HB2  1 
ATOM   398  H HB3  . ASP A 1 26  ? 1.707   2.198   -1.598  1.00 0.14 ? 26  ASP A HB3  1 
ATOM   399  N N    . PHE A 1 27  ? 1.687   0.982   2.249   1.00 0.11 ? 27  PHE A N    1 
ATOM   400  C CA   . PHE A 1 27  ? 1.865   1.811   3.470   1.00 0.12 ? 27  PHE A CA   1 
ATOM   401  C C    . PHE A 1 27  ? 3.339   2.195   3.558   1.00 0.13 ? 27  PHE A C    1 
ATOM   402  O O    . PHE A 1 27  ? 4.107   1.597   4.287   1.00 0.16 ? 27  PHE A O    1 
ATOM   403  C CB   . PHE A 1 27  ? 1.478   0.994   4.704   1.00 0.14 ? 27  PHE A CB   1 
ATOM   404  C CG   . PHE A 1 27  ? -0.028  0.929   4.846   1.00 0.13 ? 27  PHE A CG   1 
ATOM   405  C CD1  . PHE A 1 27  ? -0.783  0.028   4.067   1.00 0.14 ? 27  PHE A CD1  1 
ATOM   406  C CD2  . PHE A 1 27  ? -0.676  1.763   5.776   1.00 0.15 ? 27  PHE A CD2  1 
ATOM   407  C CE1  . PHE A 1 27  ? -2.183  -0.034  4.220   1.00 0.14 ? 27  PHE A CE1  1 
ATOM   408  C CE2  . PHE A 1 27  ? -2.073  1.699   5.928   1.00 0.16 ? 27  PHE A CE2  1 
ATOM   409  C CZ   . PHE A 1 27  ? -2.828  0.801   5.151   1.00 0.15 ? 27  PHE A CZ   1 
ATOM   410  H H    . PHE A 1 27  ? 1.690   0.004   2.315   1.00 0.13 ? 27  PHE A H    1 
ATOM   411  H HA   . PHE A 1 27  ? 1.256   2.699   3.409   1.00 0.11 ? 27  PHE A HA   1 
ATOM   412  H HB2  . PHE A 1 27  ? 1.870   -0.003  4.599   1.00 0.15 ? 27  PHE A HB2  1 
ATOM   413  H HB3  . PHE A 1 27  ? 1.901   1.452   5.586   1.00 0.16 ? 27  PHE A HB3  1 
ATOM   414  H HD1  . PHE A 1 27  ? -0.289  -0.611  3.352   1.00 0.14 ? 27  PHE A HD1  1 
ATOM   415  H HD2  . PHE A 1 27  ? -0.101  2.453   6.370   1.00 0.16 ? 27  PHE A HD2  1 
ATOM   416  H HE1  . PHE A 1 27  ? -2.764  -0.725  3.626   1.00 0.15 ? 27  PHE A HE1  1 
ATOM   417  H HE2  . PHE A 1 27  ? -2.563  2.338   6.644   1.00 0.18 ? 27  PHE A HE2  1 
ATOM   418  H HZ   . PHE A 1 27  ? -3.900  0.753   5.269   1.00 0.16 ? 27  PHE A HZ   1 
ATOM   419  N N    . SER A 1 28  ? 3.733   3.182   2.793   1.00 0.14 ? 28  SER A N    1 
ATOM   420  C CA   . SER A 1 28  ? 5.159   3.632   2.782   1.00 0.16 ? 28  SER A CA   1 
ATOM   421  C C    . SER A 1 28  ? 5.259   5.038   3.367   1.00 0.23 ? 28  SER A C    1 
ATOM   422  O O    . SER A 1 28  ? 4.335   5.824   3.283   1.00 0.63 ? 28  SER A O    1 
ATOM   423  C CB   . SER A 1 28  ? 5.656   3.659   1.338   1.00 0.15 ? 28  SER A CB   1 
ATOM   424  O OG   . SER A 1 28  ? 5.631   2.341   0.807   1.00 0.15 ? 28  SER A OG   1 
ATOM   425  H H    . SER A 1 28  ? 3.083   3.629   2.209   1.00 0.13 ? 28  SER A H    1 
ATOM   426  H HA   . SER A 1 28  ? 5.772   2.954   3.360   1.00 0.17 ? 28  SER A HA   1 
ATOM   427  H HB2  . SER A 1 28  ? 5.015   4.291   0.751   1.00 0.20 ? 28  SER A HB2  1 
ATOM   428  H HB3  . SER A 1 28  ? 6.664   4.051   1.312   1.00 0.19 ? 28  SER A HB3  1 
ATOM   429  H HG   . SER A 1 28  ? 6.518   2.122   0.512   1.00 0.92 ? 28  SER A HG   1 
ATOM   430  N N    . ALA A 1 29  ? 6.379   5.367   3.954   1.00 0.21 ? 29  ALA A N    1 
ATOM   431  C CA   . ALA A 1 29  ? 6.554   6.729   4.539   1.00 0.17 ? 29  ALA A CA   1 
ATOM   432  C C    . ALA A 1 29  ? 7.288   7.619   3.533   1.00 0.15 ? 29  ALA A C    1 
ATOM   433  O O    . ALA A 1 29  ? 8.300   7.243   2.978   1.00 0.15 ? 29  ALA A O    1 
ATOM   434  C CB   . ALA A 1 29  ? 7.367   6.620   5.826   1.00 0.18 ? 29  ALA A CB   1 
ATOM   435  H H    . ALA A 1 29  ? 7.111   4.718   4.002   1.00 0.52 ? 29  ALA A H    1 
ATOM   436  H HA   . ALA A 1 29  ? 5.589   7.160   4.759   1.00 0.17 ? 29  ALA A HA   1 
ATOM   437  H HB1  . ALA A 1 29  ? 8.317   6.163   5.608   1.00 1.05 ? 29  ALA A HB1  1 
ATOM   438  H HB2  . ALA A 1 29  ? 7.525   7.606   6.239   1.00 1.05 ? 29  ALA A HB2  1 
ATOM   439  H HB3  . ALA A 1 29  ? 6.831   6.012   6.541   1.00 1.00 ? 29  ALA A HB3  1 
ATOM   440  N N    . THR A 1 30  ? 6.775   8.793   3.288   1.00 0.17 ? 30  THR A N    1 
ATOM   441  C CA   . THR A 1 30  ? 7.426   9.710   2.306   1.00 0.20 ? 30  THR A CA   1 
ATOM   442  C C    . THR A 1 30  ? 8.781   10.202  2.833   1.00 0.18 ? 30  THR A C    1 
ATOM   443  O O    . THR A 1 30  ? 9.646   10.585  2.071   1.00 0.19 ? 30  THR A O    1 
ATOM   444  C CB   . THR A 1 30  ? 6.512   10.915  2.064   1.00 0.24 ? 30  THR A CB   1 
ATOM   445  O OG1  . THR A 1 30  ? 7.154   11.824  1.182   1.00 0.30 ? 30  THR A OG1  1 
ATOM   446  C CG2  . THR A 1 30  ? 6.216   11.614  3.393   1.00 0.27 ? 30  THR A CG2  1 
ATOM   447  H H    . THR A 1 30  ? 5.951   9.068   3.742   1.00 0.20 ? 30  THR A H    1 
ATOM   448  H HA   . THR A 1 30  ? 7.576   9.187   1.374   1.00 0.21 ? 30  THR A HA   1 
ATOM   449  H HB   . THR A 1 30  ? 5.583   10.580  1.626   1.00 0.27 ? 30  THR A HB   1 
ATOM   450  H HG1  . THR A 1 30  ? 7.274   11.383  0.337   1.00 0.99 ? 30  THR A HG1  1 
ATOM   451  H HG21 . THR A 1 30  ? 5.734   10.920  4.066   1.00 1.06 ? 30  THR A HG21 1 
ATOM   452  H HG22 . THR A 1 30  ? 7.140   11.958  3.834   1.00 1.04 ? 30  THR A HG22 1 
ATOM   453  H HG23 . THR A 1 30  ? 5.564   12.458  3.219   1.00 1.06 ? 30  THR A HG23 1 
ATOM   454  N N    . TRP A 1 31  ? 8.969   10.220  4.126   1.00 0.17 ? 31  TRP A N    1 
ATOM   455  C CA   . TRP A 1 31  ? 10.262  10.720  4.689   1.00 0.17 ? 31  TRP A CA   1 
ATOM   456  C C    . TRP A 1 31  ? 11.276  9.579   4.823   1.00 0.16 ? 31  TRP A C    1 
ATOM   457  O O    . TRP A 1 31  ? 12.458  9.810   4.988   1.00 0.19 ? 31  TRP A O    1 
ATOM   458  C CB   . TRP A 1 31  ? 10.004  11.324  6.070   1.00 0.19 ? 31  TRP A CB   1 
ATOM   459  C CG   . TRP A 1 31  ? 9.620   10.247  7.030   1.00 0.18 ? 31  TRP A CG   1 
ATOM   460  C CD1  . TRP A 1 31  ? 8.351   9.880   7.320   1.00 0.21 ? 31  TRP A CD1  1 
ATOM   461  C CD2  . TRP A 1 31  ? 10.488  9.390   7.821   1.00 0.20 ? 31  TRP A CD2  1 
ATOM   462  N NE1  . TRP A 1 31  ? 8.383   8.861   8.257   1.00 0.22 ? 31  TRP A NE1  1 
ATOM   463  C CE2  . TRP A 1 31  ? 9.677   8.517   8.594   1.00 0.22 ? 31  TRP A CE2  1 
ATOM   464  C CE3  . TRP A 1 31  ? 11.892  9.286   7.945   1.00 0.24 ? 31  TRP A CE3  1 
ATOM   465  C CZ2  . TRP A 1 31  ? 10.240  7.572   9.464   1.00 0.26 ? 31  TRP A CZ2  1 
ATOM   466  C CZ3  . TRP A 1 31  ? 12.463  8.338   8.817   1.00 0.30 ? 31  TRP A CZ3  1 
ATOM   467  C CH2  . TRP A 1 31  ? 11.640  7.481   9.575   1.00 0.30 ? 31  TRP A CH2  1 
ATOM   468  H H    . TRP A 1 31  ? 8.254   9.925   4.729   1.00 0.18 ? 31  TRP A H    1 
ATOM   469  H HA   . TRP A 1 31  ? 10.669  11.483  4.041   1.00 0.19 ? 31  TRP A HA   1 
ATOM   470  H HB2  . TRP A 1 31  ? 10.900  11.813  6.423   1.00 0.22 ? 31  TRP A HB2  1 
ATOM   471  H HB3  . TRP A 1 31  ? 9.205   12.042  6.002   1.00 0.22 ? 31  TRP A HB3  1 
ATOM   472  H HD1  . TRP A 1 31  ? 7.458   10.320  6.901   1.00 0.25 ? 31  TRP A HD1  1 
ATOM   473  H HE1  . TRP A 1 31  ? 7.598   8.422   8.641   1.00 0.26 ? 31  TRP A HE1  1 
ATOM   474  H HE3  . TRP A 1 31  ? 12.531  9.938   7.368   1.00 0.26 ? 31  TRP A HE3  1 
ATOM   475  H HZ2  . TRP A 1 31  ? 9.605   6.919   10.043  1.00 0.29 ? 31  TRP A HZ2  1 
ATOM   476  H HZ3  . TRP A 1 31  ? 13.537  8.267   8.901   1.00 0.35 ? 31  TRP A HZ3  1 
ATOM   477  H HH2  . TRP A 1 31  ? 12.083  6.756   10.241  1.00 0.35 ? 31  TRP A HH2  1 
ATOM   478  N N    . CYS A 1 32  ? 10.830  8.353   4.776   1.00 0.13 ? 32  CYS A N    1 
ATOM   479  C CA   . CYS A 1 32  ? 11.774  7.205   4.924   1.00 0.14 ? 32  CYS A CA   1 
ATOM   480  C C    . CYS A 1 32  ? 12.214  6.716   3.539   1.00 0.15 ? 32  CYS A C    1 
ATOM   481  O O    . CYS A 1 32  ? 11.407  6.431   2.676   1.00 0.24 ? 32  CYS A O    1 
ATOM   482  C CB   . CYS A 1 32  ? 11.069  6.086   5.693   1.00 0.14 ? 32  CYS A CB   1 
ATOM   483  S SG   . CYS A 1 32  ? 12.299  5.035   6.506   1.00 0.17 ? 32  CYS A SG   1 
ATOM   484  H H    . CYS A 1 32  ? 9.872   8.187   4.657   1.00 0.14 ? 32  CYS A H    1 
ATOM   485  H HA   . CYS A 1 32  ? 12.647  7.520   5.481   1.00 0.15 ? 32  CYS A HA   1 
ATOM   486  H HB2  . CYS A 1 32  ? 10.429  6.529   6.443   1.00 0.14 ? 32  CYS A HB2  1 
ATOM   487  H HB3  . CYS A 1 32  ? 10.476  5.490   5.015   1.00 0.14 ? 32  CYS A HB3  1 
ATOM   488  N N    . GLY A 1 33  ? 13.498  6.642   3.327   1.00 0.16 ? 33  GLY A N    1 
ATOM   489  C CA   . GLY A 1 33  ? 14.037  6.200   2.010   1.00 0.18 ? 33  GLY A CA   1 
ATOM   490  C C    . GLY A 1 33  ? 13.690  4.732   1.705   1.00 0.15 ? 33  GLY A C    1 
ATOM   491  O O    . GLY A 1 33  ? 13.106  4.454   0.678   1.00 0.16 ? 33  GLY A O    1 
ATOM   492  H H    . GLY A 1 33  ? 14.121  6.893   4.042   1.00 0.21 ? 33  GLY A H    1 
ATOM   493  H HA2  . GLY A 1 33  ? 13.622  6.826   1.234   1.00 0.20 ? 33  GLY A HA2  1 
ATOM   494  H HA3  . GLY A 1 33  ? 15.111  6.313   2.014   1.00 0.21 ? 33  GLY A HA3  1 
ATOM   495  N N    . PRO A 1 34  ? 14.090  3.823   2.571   1.00 0.15 ? 34  PRO A N    1 
ATOM   496  C CA   . PRO A 1 34  ? 13.852  2.381   2.348   1.00 0.14 ? 34  PRO A CA   1 
ATOM   497  C C    . PRO A 1 34  ? 12.412  2.101   1.891   1.00 0.13 ? 34  PRO A C    1 
ATOM   498  O O    . PRO A 1 34  ? 12.179  1.257   1.048   1.00 0.15 ? 34  PRO A O    1 
ATOM   499  C CB   . PRO A 1 34  ? 14.169  1.722   3.707   1.00 0.15 ? 34  PRO A CB   1 
ATOM   500  C CG   . PRO A 1 34  ? 14.990  2.761   4.520   1.00 0.17 ? 34  PRO A CG   1 
ATOM   501  C CD   . PRO A 1 34  ? 14.791  4.135   3.838   1.00 0.17 ? 34  PRO A CD   1 
ATOM   502  H HA   . PRO A 1 34  ? 14.543  2.021   1.601   1.00 0.14 ? 34  PRO A HA   1 
ATOM   503  H HB2  . PRO A 1 34  ? 13.247  1.489   4.230   1.00 0.15 ? 34  PRO A HB2  1 
ATOM   504  H HB3  . PRO A 1 34  ? 14.750  0.819   3.570   1.00 0.16 ? 34  PRO A HB3  1 
ATOM   505  H HG2  . PRO A 1 34  ? 14.634  2.795   5.544   1.00 0.19 ? 34  PRO A HG2  1 
ATOM   506  H HG3  . PRO A 1 34  ? 16.038  2.496   4.507   1.00 0.20 ? 34  PRO A HG3  1 
ATOM   507  H HD2  . PRO A 1 34  ? 14.184  4.770   4.463   1.00 0.18 ? 34  PRO A HD2  1 
ATOM   508  H HD3  . PRO A 1 34  ? 15.742  4.604   3.630   1.00 0.20 ? 34  PRO A HD3  1 
ATOM   509  N N    . ALA A 1 35  ? 11.447  2.791   2.424   1.00 0.16 ? 35  ALA A N    1 
ATOM   510  C CA   . ALA A 1 35  ? 10.044  2.536   1.990   1.00 0.17 ? 35  ALA A CA   1 
ATOM   511  C C    . ALA A 1 35  ? 9.823   3.181   0.620   1.00 0.17 ? 35  ALA A C    1 
ATOM   512  O O    . ALA A 1 35  ? 9.472   2.528   -0.343  1.00 0.17 ? 35  ALA A O    1 
ATOM   513  C CB   . ALA A 1 35  ? 9.077   3.143   3.009   1.00 0.22 ? 35  ALA A CB   1 
ATOM   514  H H    . ALA A 1 35  ? 11.641  3.473   3.100   1.00 0.19 ? 35  ALA A H    1 
ATOM   515  H HA   . ALA A 1 35  ? 9.875   1.471   1.920   1.00 0.19 ? 35  ALA A HA   1 
ATOM   516  H HB1  . ALA A 1 35  ? 9.318   2.777   3.996   1.00 1.06 ? 35  ALA A HB1  1 
ATOM   517  H HB2  . ALA A 1 35  ? 9.166   4.219   2.993   1.00 1.02 ? 35  ALA A HB2  1 
ATOM   518  H HB3  . ALA A 1 35  ? 8.066   2.861   2.758   1.00 1.00 ? 35  ALA A HB3  1 
ATOM   519  N N    . LYS A 1 36  ? 10.035  4.462   0.534   1.00 0.21 ? 36  LYS A N    1 
ATOM   520  C CA   . LYS A 1 36  ? 9.857   5.186   -0.758  1.00 0.24 ? 36  LYS A CA   1 
ATOM   521  C C    . LYS A 1 36  ? 10.792  4.599   -1.821  1.00 0.22 ? 36  LYS A C    1 
ATOM   522  O O    . LYS A 1 36  ? 10.616  4.815   -3.004  1.00 0.24 ? 36  LYS A O    1 
ATOM   523  C CB   . LYS A 1 36  ? 10.190  6.661   -0.516  1.00 0.32 ? 36  LYS A CB   1 
ATOM   524  C CG   . LYS A 1 36  ? 9.963   7.488   -1.782  1.00 0.40 ? 36  LYS A CG   1 
ATOM   525  C CD   . LYS A 1 36  ? 10.010  8.978   -1.411  1.00 0.50 ? 36  LYS A CD   1 
ATOM   526  C CE   . LYS A 1 36  ? 9.835   9.858   -2.661  1.00 1.12 ? 36  LYS A CE   1 
ATOM   527  N NZ   . LYS A 1 36  ? 11.174  10.189  -3.224  1.00 1.78 ? 36  LYS A NZ   1 
ATOM   528  H H    . LYS A 1 36  ? 10.321  4.958   1.329   1.00 0.23 ? 36  LYS A H    1 
ATOM   529  H HA   . LYS A 1 36  ? 8.834   5.092   -1.089  1.00 0.26 ? 36  LYS A HA   1 
ATOM   530  H HB2  . LYS A 1 36  ? 9.558   7.040   0.274   1.00 0.44 ? 36  LYS A HB2  1 
ATOM   531  H HB3  . LYS A 1 36  ? 11.225  6.747   -0.215  1.00 0.33 ? 36  LYS A HB3  1 
ATOM   532  H HG2  . LYS A 1 36  ? 10.736  7.266   -2.504  1.00 0.44 ? 36  LYS A HG2  1 
ATOM   533  H HG3  . LYS A 1 36  ? 8.996   7.252   -2.202  1.00 0.60 ? 36  LYS A HG3  1 
ATOM   534  H HD2  . LYS A 1 36  ? 9.219   9.192   -0.706  1.00 1.06 ? 36  LYS A HD2  1 
ATOM   535  H HD3  . LYS A 1 36  ? 10.963  9.198   -0.954  1.00 1.12 ? 36  LYS A HD3  1 
ATOM   536  H HE2  . LYS A 1 36  ? 9.252   9.335   -3.404  1.00 1.75 ? 36  LYS A HE2  1 
ATOM   537  H HE3  . LYS A 1 36  ? 9.327   10.773  -2.390  1.00 1.82 ? 36  LYS A HE3  1 
ATOM   538  H HZ1  . LYS A 1 36  ? 11.866  10.268  -2.451  1.00 2.25 ? 36  LYS A HZ1  1 
ATOM   539  H HZ2  . LYS A 1 36  ? 11.471  9.438   -3.879  1.00 2.25 ? 36  LYS A HZ2  1 
ATOM   540  H HZ3  . LYS A 1 36  ? 11.123  11.094  -3.734  1.00 2.26 ? 36  LYS A HZ3  1 
ATOM   541  N N    . MET A 1 37  ? 11.785  3.860   -1.408  1.00 0.19 ? 37  MET A N    1 
ATOM   542  C CA   . MET A 1 37  ? 12.738  3.258   -2.386  1.00 0.20 ? 37  MET A CA   1 
ATOM   543  C C    . MET A 1 37  ? 11.992  2.317   -3.343  1.00 0.19 ? 37  MET A C    1 
ATOM   544  O O    . MET A 1 37  ? 12.408  2.097   -4.463  1.00 0.21 ? 37  MET A O    1 
ATOM   545  C CB   . MET A 1 37  ? 13.805  2.460   -1.617  1.00 0.21 ? 37  MET A CB   1 
ATOM   546  C CG   . MET A 1 37  ? 14.920  1.971   -2.565  1.00 0.33 ? 37  MET A CG   1 
ATOM   547  S SD   . MET A 1 37  ? 16.259  3.188   -2.613  1.00 1.61 ? 37  MET A SD   1 
ATOM   548  C CE   . MET A 1 37  ? 17.324  2.296   -3.774  1.00 1.65 ? 37  MET A CE   1 
ATOM   549  H H    . MET A 1 37  ? 11.906  3.701   -0.449  1.00 0.19 ? 37  MET A H    1 
ATOM   550  H HA   . MET A 1 37  ? 13.216  4.040   -2.950  1.00 0.22 ? 37  MET A HA   1 
ATOM   551  H HB2  . MET A 1 37  ? 14.237  3.089   -0.855  1.00 0.37 ? 37  MET A HB2  1 
ATOM   552  H HB3  . MET A 1 37  ? 13.335  1.607   -1.147  1.00 0.36 ? 37  MET A HB3  1 
ATOM   553  H HG2  . MET A 1 37  ? 15.312  1.031   -2.204  1.00 1.10 ? 37  MET A HG2  1 
ATOM   554  H HG3  . MET A 1 37  ? 14.529  1.831   -3.560  1.00 1.07 ? 37  MET A HG3  1 
ATOM   555  H HE1  . MET A 1 37  ? 16.719  1.883   -4.571  1.00 1.99 ? 37  MET A HE1  1 
ATOM   556  H HE2  . MET A 1 37  ? 18.056  2.976   -4.186  1.00 2.11 ? 37  MET A HE2  1 
ATOM   557  H HE3  . MET A 1 37  ? 17.830  1.495   -3.259  1.00 1.98 ? 37  MET A HE3  1 
ATOM   558  N N    . ILE A 1 38  ? 10.910  1.734   -2.901  1.00 0.19 ? 38  ILE A N    1 
ATOM   559  C CA   . ILE A 1 38  ? 10.163  0.774   -3.773  1.00 0.20 ? 38  ILE A CA   1 
ATOM   560  C C    . ILE A 1 38  ? 9.064   1.492   -4.569  1.00 0.19 ? 38  ILE A C    1 
ATOM   561  O O    . ILE A 1 38  ? 8.162   0.870   -5.089  1.00 0.21 ? 38  ILE A O    1 
ATOM   562  C CB   . ILE A 1 38  ? 9.536   -0.310  -2.882  1.00 0.23 ? 38  ILE A CB   1 
ATOM   563  C CG1  . ILE A 1 38  ? 10.529  -0.684  -1.776  1.00 0.40 ? 38  ILE A CG1  1 
ATOM   564  C CG2  . ILE A 1 38  ? 9.214   -1.564  -3.709  1.00 0.38 ? 38  ILE A CG2  1 
ATOM   565  C CD1  . ILE A 1 38  ? 9.987   -1.868  -0.965  1.00 0.32 ? 38  ILE A CD1  1 
ATOM   566  H H    . ILE A 1 38  ? 10.602  1.905   -1.987  1.00 0.19 ? 38  ILE A H    1 
ATOM   567  H HA   . ILE A 1 38  ? 10.850  0.310   -4.462  1.00 0.21 ? 38  ILE A HA   1 
ATOM   568  H HB   . ILE A 1 38  ? 8.628   0.070   -2.436  1.00 0.27 ? 38  ILE A HB   1 
ATOM   569  H HG12 . ILE A 1 38  ? 11.475  -0.956  -2.222  1.00 0.57 ? 38  ILE A HG12 1 
ATOM   570  H HG13 . ILE A 1 38  ? 10.672  0.161   -1.119  1.00 0.57 ? 38  ILE A HG13 1 
ATOM   571  H HG21 . ILE A 1 38  ? 8.701   -1.285  -4.611  1.00 1.07 ? 38  ILE A HG21 1 
ATOM   572  H HG22 . ILE A 1 38  ? 10.131  -2.075  -3.960  1.00 1.17 ? 38  ILE A HG22 1 
ATOM   573  H HG23 . ILE A 1 38  ? 8.582   -2.223  -3.132  1.00 1.05 ? 38  ILE A HG23 1 
ATOM   574  H HD11 . ILE A 1 38  ? 8.914   -1.788  -0.870  1.00 1.07 ? 38  ILE A HD11 1 
ATOM   575  H HD12 . ILE A 1 38  ? 10.237  -2.791  -1.470  1.00 1.06 ? 38  ILE A HD12 1 
ATOM   576  H HD13 . ILE A 1 38  ? 10.433  -1.863  0.018   1.00 1.06 ? 38  ILE A HD13 1 
ATOM   577  N N    . LYS A 1 39  ? 9.114   2.794   -4.686  1.00 0.20 ? 39  LYS A N    1 
ATOM   578  C CA   . LYS A 1 39  ? 8.042   3.477   -5.468  1.00 0.21 ? 39  LYS A CA   1 
ATOM   579  C C    . LYS A 1 39  ? 8.180   3.243   -6.996  1.00 0.19 ? 39  LYS A C    1 
ATOM   580  O O    . LYS A 1 39  ? 7.176   3.227   -7.675  1.00 0.21 ? 39  LYS A O    1 
ATOM   581  C CB   . LYS A 1 39  ? 7.939   4.984   -5.109  1.00 0.24 ? 39  LYS A CB   1 
ATOM   582  C CG   . LYS A 1 39  ? 8.981   5.868   -5.836  1.00 0.25 ? 39  LYS A CG   1 
ATOM   583  C CD   . LYS A 1 39  ? 8.534   7.343   -5.814  1.00 0.31 ? 39  LYS A CD   1 
ATOM   584  C CE   . LYS A 1 39  ? 7.186   7.542   -6.534  1.00 1.16 ? 39  LYS A CE   1 
ATOM   585  N NZ   . LYS A 1 39  ? 6.090   7.557   -5.521  1.00 0.89 ? 39  LYS A NZ   1 
ATOM   586  H H    . LYS A 1 39  ? 9.840   3.307   -4.275  1.00 0.22 ? 39  LYS A H    1 
ATOM   587  H HA   . LYS A 1 39  ? 7.107   3.018   -5.176  1.00 0.23 ? 39  LYS A HA   1 
ATOM   588  H HB2  . LYS A 1 39  ? 6.950   5.324   -5.359  1.00 0.26 ? 39  LYS A HB2  1 
ATOM   589  H HB3  . LYS A 1 39  ? 8.078   5.091   -4.042  1.00 0.26 ? 39  LYS A HB3  1 
ATOM   590  H HG2  . LYS A 1 39  ? 9.925   5.797   -5.320  1.00 0.26 ? 39  LYS A HG2  1 
ATOM   591  H HG3  . LYS A 1 39  ? 9.102   5.553   -6.858  1.00 0.25 ? 39  LYS A HG3  1 
ATOM   592  H HD2  . LYS A 1 39  ? 8.432   7.660   -4.790  1.00 1.01 ? 39  LYS A HD2  1 
ATOM   593  H HD3  . LYS A 1 39  ? 9.290   7.944   -6.299  1.00 0.87 ? 39  LYS A HD3  1 
ATOM   594  H HE2  . LYS A 1 39  ? 7.190   8.484   -7.066  1.00 1.87 ? 39  LYS A HE2  1 
ATOM   595  H HE3  . LYS A 1 39  ? 7.016   6.737   -7.235  1.00 1.90 ? 39  LYS A HE3  1 
ATOM   596  H HZ1  . LYS A 1 39  ? 6.455   7.198   -4.614  1.00 1.23 ? 39  LYS A HZ1  1 
ATOM   597  H HZ2  . LYS A 1 39  ? 5.745   8.529   -5.396  1.00 1.35 ? 39  LYS A HZ2  1 
ATOM   598  H HZ3  . LYS A 1 39  ? 5.310   6.952   -5.844  1.00 1.27 ? 39  LYS A HZ3  1 
ATOM   599  N N    . PRO A 1 40  ? 9.384   3.084   -7.530  1.00 0.18 ? 40  PRO A N    1 
ATOM   600  C CA   . PRO A 1 40  ? 9.536   2.888   -8.986  1.00 0.19 ? 40  PRO A CA   1 
ATOM   601  C C    . PRO A 1 40  ? 8.928   1.543   -9.401  1.00 0.18 ? 40  PRO A C    1 
ATOM   602  O O    . PRO A 1 40  ? 8.990   1.155   -10.549 1.00 0.25 ? 40  PRO A O    1 
ATOM   603  C CB   . PRO A 1 40  ? 11.058  2.935   -9.244  1.00 0.21 ? 40  PRO A CB   1 
ATOM   604  C CG   . PRO A 1 40  ? 11.748  3.200   -7.877  1.00 0.21 ? 40  PRO A CG   1 
ATOM   605  C CD   . PRO A 1 40  ? 10.665  3.077   -6.787  1.00 0.19 ? 40  PRO A CD   1 
ATOM   606  H HA   . PRO A 1 40  ? 9.047   3.690   -9.517  1.00 0.20 ? 40  PRO A HA   1 
ATOM   607  H HB2  . PRO A 1 40  ? 11.399  1.992   -9.655  1.00 0.21 ? 40  PRO A HB2  1 
ATOM   608  H HB3  . PRO A 1 40  ? 11.292  3.738   -9.931  1.00 0.22 ? 40  PRO A HB3  1 
ATOM   609  H HG2  . PRO A 1 40  ? 12.533  2.469   -7.711  1.00 0.23 ? 40  PRO A HG2  1 
ATOM   610  H HG3  . PRO A 1 40  ? 12.169  4.195   -7.861  1.00 0.23 ? 40  PRO A HG3  1 
ATOM   611  H HD2  . PRO A 1 40  ? 10.791  2.145   -6.261  1.00 0.19 ? 40  PRO A HD2  1 
ATOM   612  H HD3  . PRO A 1 40  ? 10.713  3.901   -6.104  1.00 0.20 ? 40  PRO A HD3  1 
ATOM   613  N N    . PHE A 1 41  ? 8.349   0.834   -8.468  1.00 0.15 ? 41  PHE A N    1 
ATOM   614  C CA   . PHE A 1 41  ? 7.723   -0.491  -8.782  1.00 0.15 ? 41  PHE A CA   1 
ATOM   615  C C    . PHE A 1 41  ? 6.229   -0.416  -8.470  1.00 0.14 ? 41  PHE A C    1 
ATOM   616  O O    . PHE A 1 41  ? 5.407   -0.311  -9.354  1.00 0.15 ? 41  PHE A O    1 
ATOM   617  C CB   . PHE A 1 41  ? 8.371   -1.578  -7.917  1.00 0.16 ? 41  PHE A CB   1 
ATOM   618  C CG   . PHE A 1 41  ? 9.692   -1.985  -8.520  1.00 0.19 ? 41  PHE A CG   1 
ATOM   619  C CD1  . PHE A 1 41  ? 10.843  -1.207  -8.287  1.00 0.24 ? 41  PHE A CD1  1 
ATOM   620  C CD2  . PHE A 1 41  ? 9.772   -3.140  -9.319  1.00 0.20 ? 41  PHE A CD2  1 
ATOM   621  C CE1  . PHE A 1 41  ? 12.075  -1.586  -8.852  1.00 0.29 ? 41  PHE A CE1  1 
ATOM   622  C CE2  . PHE A 1 41  ? 11.005  -3.520  -9.886  1.00 0.25 ? 41  PHE A CE2  1 
ATOM   623  C CZ   . PHE A 1 41  ? 12.155  -2.743  -9.653  1.00 0.29 ? 41  PHE A CZ   1 
ATOM   624  H H    . PHE A 1 41  ? 8.322   1.177   -7.549  1.00 0.17 ? 41  PHE A H    1 
ATOM   625  H HA   . PHE A 1 41  ? 7.855   -0.734  -9.828  1.00 0.16 ? 41  PHE A HA   1 
ATOM   626  H HB2  . PHE A 1 41  ? 8.535   -1.191  -6.923  1.00 0.16 ? 41  PHE A HB2  1 
ATOM   627  H HB3  . PHE A 1 41  ? 7.719   -2.441  -7.866  1.00 0.16 ? 41  PHE A HB3  1 
ATOM   628  H HD1  . PHE A 1 41  ? 10.778  -0.319  -7.673  1.00 0.26 ? 41  PHE A HD1  1 
ATOM   629  H HD2  . PHE A 1 41  ? 8.888   -3.735  -9.498  1.00 0.20 ? 41  PHE A HD2  1 
ATOM   630  H HE1  . PHE A 1 41  ? 12.958  -0.991  -8.674  1.00 0.33 ? 41  PHE A HE1  1 
ATOM   631  H HE2  . PHE A 1 41  ? 11.067  -4.408  -10.498 1.00 0.28 ? 41  PHE A HE2  1 
ATOM   632  H HZ   . PHE A 1 41  ? 13.101  -3.035  -10.087 1.00 0.33 ? 41  PHE A HZ   1 
ATOM   633  N N    . PHE A 1 42  ? 5.881   -0.470  -7.213  1.00 0.14 ? 42  PHE A N    1 
ATOM   634  C CA   . PHE A 1 42  ? 4.443   -0.409  -6.816  1.00 0.14 ? 42  PHE A CA   1 
ATOM   635  C C    . PHE A 1 42  ? 3.705   0.652   -7.643  1.00 0.14 ? 42  PHE A C    1 
ATOM   636  O O    . PHE A 1 42  ? 2.731   0.365   -8.309  1.00 0.13 ? 42  PHE A O    1 
ATOM   637  C CB   . PHE A 1 42  ? 4.362   -0.050  -5.329  1.00 0.16 ? 42  PHE A CB   1 
ATOM   638  C CG   . PHE A 1 42  ? 2.925   0.197   -4.944  1.00 0.12 ? 42  PHE A CG   1 
ATOM   639  C CD1  . PHE A 1 42  ? 2.048   -0.889  -4.793  1.00 0.12 ? 42  PHE A CD1  1 
ATOM   640  C CD2  . PHE A 1 42  ? 2.463   1.513   -4.740  1.00 0.14 ? 42  PHE A CD2  1 
ATOM   641  C CE1  . PHE A 1 42  ? 0.707   -0.665  -4.437  1.00 0.13 ? 42  PHE A CE1  1 
ATOM   642  C CE2  . PHE A 1 42  ? 1.119   1.738   -4.383  1.00 0.15 ? 42  PHE A CE2  1 
ATOM   643  C CZ   . PHE A 1 42  ? 0.240   0.648   -4.232  1.00 0.13 ? 42  PHE A CZ   1 
ATOM   644  H H    . PHE A 1 42  ? 6.571   -0.553  -6.522  1.00 0.16 ? 42  PHE A H    1 
ATOM   645  H HA   . PHE A 1 42  ? 3.985   -1.373  -6.976  1.00 0.13 ? 42  PHE A HA   1 
ATOM   646  H HB2  . PHE A 1 42  ? 4.756   -0.868  -4.741  1.00 0.18 ? 42  PHE A HB2  1 
ATOM   647  H HB3  . PHE A 1 42  ? 4.944   0.840   -5.142  1.00 0.19 ? 42  PHE A HB3  1 
ATOM   648  H HD1  . PHE A 1 42  ? 2.404   -1.897  -4.951  1.00 0.15 ? 42  PHE A HD1  1 
ATOM   649  H HD2  . PHE A 1 42  ? 3.138   2.347   -4.857  1.00 0.18 ? 42  PHE A HD2  1 
ATOM   650  H HE1  . PHE A 1 42  ? 0.037   -1.500  -4.321  1.00 0.16 ? 42  PHE A HE1  1 
ATOM   651  H HE2  . PHE A 1 42  ? 0.764   2.746   -4.227  1.00 0.18 ? 42  PHE A HE2  1 
ATOM   652  H HZ   . PHE A 1 42  ? -0.790  0.820   -3.958  1.00 0.16 ? 42  PHE A HZ   1 
ATOM   653  N N    . HIS A 1 43  ? 4.164   1.869   -7.606  1.00 0.18 ? 43  HIS A N    1 
ATOM   654  C CA   . HIS A 1 43  ? 3.493   2.945   -8.390  1.00 0.21 ? 43  HIS A CA   1 
ATOM   655  C C    . HIS A 1 43  ? 3.685   2.696   -9.894  1.00 0.21 ? 43  HIS A C    1 
ATOM   656  O O    . HIS A 1 43  ? 2.858   3.080   -10.698 1.00 0.24 ? 43  HIS A O    1 
ATOM   657  C CB   . HIS A 1 43  ? 4.057   4.315   -7.938  1.00 0.28 ? 43  HIS A CB   1 
ATOM   658  C CG   . HIS A 1 43  ? 4.010   5.331   -9.051  1.00 0.32 ? 43  HIS A CG   1 
ATOM   659  N ND1  . HIS A 1 43  ? 2.950   6.206   -9.219  1.00 0.33 ? 43  HIS A ND1  1 
ATOM   660  C CD2  . HIS A 1 43  ? 4.873   5.582   -10.089 1.00 0.36 ? 43  HIS A CD2  1 
ATOM   661  C CE1  . HIS A 1 43  ? 3.197   6.934   -10.324 1.00 0.37 ? 43  HIS A CE1  1 
ATOM   662  N NE2  . HIS A 1 43  ? 4.357   6.592   -10.894 1.00 0.39 ? 43  HIS A NE2  1 
ATOM   663  H H    . HIS A 1 43  ? 4.953   2.076   -7.067  1.00 0.20 ? 43  HIS A H    1 
ATOM   664  H HA   . HIS A 1 43  ? 2.433   2.915   -8.173  1.00 0.21 ? 43  HIS A HA   1 
ATOM   665  H HB2  . HIS A 1 43  ? 3.475   4.683   -7.106  1.00 0.29 ? 43  HIS A HB2  1 
ATOM   666  H HB3  . HIS A 1 43  ? 5.077   4.188   -7.619  1.00 0.29 ? 43  HIS A HB3  1 
ATOM   667  H HD1  . HIS A 1 43  ? 2.163   6.281   -8.640  1.00 0.32 ? 43  HIS A HD1  1 
ATOM   668  H HD2  . HIS A 1 43  ? 5.832   5.097   -10.231 1.00 0.37 ? 43  HIS A HD2  1 
ATOM   669  H HE1  . HIS A 1 43  ? 2.537   7.699   -10.706 1.00 0.39 ? 43  HIS A HE1  1 
ATOM   670  N N    . SER A 1 44  ? 4.749   2.053   -10.284 1.00 0.20 ? 44  SER A N    1 
ATOM   671  C CA   . SER A 1 44  ? 4.953   1.784   -11.737 1.00 0.22 ? 44  SER A CA   1 
ATOM   672  C C    . SER A 1 44  ? 3.877   0.815   -12.243 1.00 0.19 ? 44  SER A C    1 
ATOM   673  O O    . SER A 1 44  ? 3.338   0.982   -13.319 1.00 0.21 ? 44  SER A O    1 
ATOM   674  C CB   . SER A 1 44  ? 6.335   1.178   -11.963 1.00 0.24 ? 44  SER A CB   1 
ATOM   675  O OG   . SER A 1 44  ? 6.506   0.900   -13.347 1.00 1.32 ? 44  SER A OG   1 
ATOM   676  H H    . SER A 1 44  ? 5.404   1.739   -9.627  1.00 0.20 ? 44  SER A H    1 
ATOM   677  H HA   . SER A 1 44  ? 4.877   2.712   -12.283 1.00 0.26 ? 44  SER A HA   1 
ATOM   678  H HB2  . SER A 1 44  ? 7.088   1.881   -11.650 1.00 0.99 ? 44  SER A HB2  1 
ATOM   679  H HB3  . SER A 1 44  ? 6.430   0.269   -11.387 1.00 1.02 ? 44  SER A HB3  1 
ATOM   680  H HG   . SER A 1 44  ? 6.414   1.725   -13.829 1.00 1.81 ? 44  SER A HG   1 
ATOM   681  N N    . LEU A 1 45  ? 3.559   -0.197  -11.478 1.00 0.17 ? 45  LEU A N    1 
ATOM   682  C CA   . LEU A 1 45  ? 2.518   -1.171  -11.927 1.00 0.16 ? 45  LEU A CA   1 
ATOM   683  C C    . LEU A 1 45  ? 1.270   -0.411  -12.371 1.00 0.16 ? 45  LEU A C    1 
ATOM   684  O O    . LEU A 1 45  ? 0.411   -0.948  -13.040 1.00 0.16 ? 45  LEU A O    1 
ATOM   685  C CB   . LEU A 1 45  ? 2.140   -2.102  -10.769 1.00 0.16 ? 45  LEU A CB   1 
ATOM   686  C CG   . LEU A 1 45  ? 3.378   -2.843  -10.254 1.00 0.15 ? 45  LEU A CG   1 
ATOM   687  C CD1  . LEU A 1 45  ? 2.966   -3.757  -9.095  1.00 0.21 ? 45  LEU A CD1  1 
ATOM   688  C CD2  . LEU A 1 45  ? 4.001   -3.681  -11.389 1.00 0.20 ? 45  LEU A CD2  1 
ATOM   689  H H    . LEU A 1 45  ? 4.004   -0.320  -10.614 1.00 0.17 ? 45  LEU A H    1 
ATOM   690  H HA   . LEU A 1 45  ? 2.897   -1.753  -12.753 1.00 0.17 ? 45  LEU A HA   1 
ATOM   691  H HB2  . LEU A 1 45  ? 1.713   -1.518  -9.967  1.00 0.16 ? 45  LEU A HB2  1 
ATOM   692  H HB3  . LEU A 1 45  ? 1.412   -2.822  -11.113 1.00 0.18 ? 45  LEU A HB3  1 
ATOM   693  H HG   . LEU A 1 45  ? 4.100   -2.124  -9.895  1.00 0.15 ? 45  LEU A HG   1 
ATOM   694  H HD11 . LEU A 1 45  ? 2.214   -4.453  -9.434  1.00 1.06 ? 45  LEU A HD11 1 
ATOM   695  H HD12 . LEU A 1 45  ? 3.829   -4.302  -8.742  1.00 1.01 ? 45  LEU A HD12 1 
ATOM   696  H HD13 . LEU A 1 45  ? 2.565   -3.157  -8.290  1.00 1.05 ? 45  LEU A HD13 1 
ATOM   697  H HD21 . LEU A 1 45  ? 3.224   -4.034  -12.055 1.00 1.03 ? 45  LEU A HD21 1 
ATOM   698  H HD22 . LEU A 1 45  ? 4.697   -3.069  -11.945 1.00 1.06 ? 45  LEU A HD22 1 
ATOM   699  H HD23 . LEU A 1 45  ? 4.527   -4.530  -10.974 1.00 1.02 ? 45  LEU A HD23 1 
ATOM   700  N N    . SER A 1 46  ? 1.158   0.830   -11.996 1.00 0.17 ? 46  SER A N    1 
ATOM   701  C CA   . SER A 1 46  ? -0.040  1.620   -12.388 1.00 0.19 ? 46  SER A CA   1 
ATOM   702  C C    . SER A 1 46  ? -0.199  1.607   -13.911 1.00 0.19 ? 46  SER A C    1 
ATOM   703  O O    . SER A 1 46  ? -1.298  1.617   -14.426 1.00 0.21 ? 46  SER A O    1 
ATOM   704  C CB   . SER A 1 46  ? 0.121   3.062   -11.907 1.00 0.22 ? 46  SER A CB   1 
ATOM   705  O OG   . SER A 1 46  ? 0.377   3.064   -10.508 1.00 0.25 ? 46  SER A OG   1 
ATOM   706  H H    . SER A 1 46  ? 1.860   1.242   -11.449 1.00 0.18 ? 46  SER A H    1 
ATOM   707  H HA   . SER A 1 46  ? -0.919  1.188   -11.934 1.00 0.20 ? 46  SER A HA   1 
ATOM   708  H HB2  . SER A 1 46  ? 0.948   3.525   -12.419 1.00 0.24 ? 46  SER A HB2  1 
ATOM   709  H HB3  . SER A 1 46  ? -0.785  3.615   -12.118 1.00 0.28 ? 46  SER A HB3  1 
ATOM   710  H HG   . SER A 1 46  ? 0.294   2.161   -10.191 1.00 0.90 ? 46  SER A HG   1 
ATOM   711  N N    . GLU A 1 47  ? 0.891   1.597   -14.638 1.00 0.20 ? 47  GLU A N    1 
ATOM   712  C CA   . GLU A 1 47  ? 0.796   1.600   -16.131 1.00 0.22 ? 47  GLU A CA   1 
ATOM   713  C C    . GLU A 1 47  ? 0.875   0.170   -16.676 1.00 0.21 ? 47  GLU A C    1 
ATOM   714  O O    . GLU A 1 47  ? 0.493   -0.092  -17.800 1.00 0.24 ? 47  GLU A O    1 
ATOM   715  C CB   . GLU A 1 47  ? 1.942   2.443   -16.709 1.00 0.26 ? 47  GLU A CB   1 
ATOM   716  C CG   . GLU A 1 47  ? 2.150   3.703   -15.845 1.00 0.30 ? 47  GLU A CG   1 
ATOM   717  C CD   . GLU A 1 47  ? 2.729   4.839   -16.698 1.00 1.22 ? 47  GLU A CD   1 
ATOM   718  O OE1  . GLU A 1 47  ? 3.226   4.552   -17.773 1.00 1.89 ? 47  GLU A OE1  1 
ATOM   719  O OE2  . GLU A 1 47  ? 2.660   5.976   -16.259 1.00 2.02 ? 47  GLU A OE2  1 
ATOM   720  H H    . GLU A 1 47  ? 1.769   1.599   -14.203 1.00 0.21 ? 47  GLU A H    1 
ATOM   721  H HA   . GLU A 1 47  ? -0.145  2.036   -16.432 1.00 0.24 ? 47  GLU A HA   1 
ATOM   722  H HB2  . GLU A 1 47  ? 2.851   1.857   -16.719 1.00 0.27 ? 47  GLU A HB2  1 
ATOM   723  H HB3  . GLU A 1 47  ? 1.691   2.733   -17.720 1.00 0.30 ? 47  GLU A HB3  1 
ATOM   724  H HG2  . GLU A 1 47  ? 1.205   4.022   -15.426 1.00 0.84 ? 47  GLU A HG2  1 
ATOM   725  H HG3  . GLU A 1 47  ? 2.838   3.477   -15.042 1.00 0.86 ? 47  GLU A HG3  1 
ATOM   726  N N    . LYS A 1 48  ? 1.358   -0.764  -15.896 1.00 0.20 ? 48  LYS A N    1 
ATOM   727  C CA   . LYS A 1 48  ? 1.446   -2.174  -16.389 1.00 0.22 ? 48  LYS A CA   1 
ATOM   728  C C    . LYS A 1 48  ? 0.159   -2.917  -16.030 1.00 0.20 ? 48  LYS A C    1 
ATOM   729  O O    . LYS A 1 48  ? -0.184  -3.913  -16.638 1.00 0.27 ? 48  LYS A O    1 
ATOM   730  C CB   . LYS A 1 48  ? 2.635   -2.879  -15.732 1.00 0.25 ? 48  LYS A CB   1 
ATOM   731  C CG   . LYS A 1 48  ? 2.878   -4.223  -16.424 1.00 0.31 ? 48  LYS A CG   1 
ATOM   732  C CD   . LYS A 1 48  ? 4.184   -4.833  -15.915 1.00 0.84 ? 48  LYS A CD   1 
ATOM   733  C CE   . LYS A 1 48  ? 4.516   -6.083  -16.735 1.00 1.27 ? 48  LYS A CE   1 
ATOM   734  N NZ   . LYS A 1 48  ? 5.802   -6.664  -16.257 1.00 1.88 ? 48  LYS A NZ   1 
ATOM   735  H H    . LYS A 1 48  ? 1.658   -0.541  -14.991 1.00 0.21 ? 48  LYS A H    1 
ATOM   736  H HA   . LYS A 1 48  ? 1.575   -2.178  -17.464 1.00 0.25 ? 48  LYS A HA   1 
ATOM   737  H HB2  . LYS A 1 48  ? 3.516   -2.261  -15.821 1.00 0.32 ? 48  LYS A HB2  1 
ATOM   738  H HB3  . LYS A 1 48  ? 2.419   -3.049  -14.688 1.00 0.24 ? 48  LYS A HB3  1 
ATOM   739  H HG2  . LYS A 1 48  ? 2.058   -4.893  -16.206 1.00 0.72 ? 48  LYS A HG2  1 
ATOM   740  H HG3  . LYS A 1 48  ? 2.945   -4.072  -17.491 1.00 0.76 ? 48  LYS A HG3  1 
ATOM   741  H HD2  . LYS A 1 48  ? 4.982   -4.112  -16.017 1.00 1.46 ? 48  LYS A HD2  1 
ATOM   742  H HD3  . LYS A 1 48  ? 4.074   -5.106  -14.877 1.00 1.47 ? 48  LYS A HD3  1 
ATOM   743  H HE2  . LYS A 1 48  ? 3.726   -6.809  -16.619 1.00 1.84 ? 48  LYS A HE2  1 
ATOM   744  H HE3  . LYS A 1 48  ? 4.608   -5.815  -17.777 1.00 1.88 ? 48  LYS A HE3  1 
ATOM   745  H HZ1  . LYS A 1 48  ? 6.218   -6.041  -15.536 1.00 2.34 ? 48  LYS A HZ1  1 
ATOM   746  H HZ2  . LYS A 1 48  ? 5.625   -7.603  -15.843 1.00 2.39 ? 48  LYS A HZ2  1 
ATOM   747  H HZ3  . LYS A 1 48  ? 6.461   -6.755  -17.055 1.00 2.29 ? 48  LYS A HZ3  1 
ATOM   748  N N    . TYR A 1 49  ? -0.557  -2.438  -15.044 1.00 0.16 ? 49  TYR A N    1 
ATOM   749  C CA   . TYR A 1 49  ? -1.832  -3.101  -14.625 1.00 0.15 ? 49  TYR A CA   1 
ATOM   750  C C    . TYR A 1 49  ? -2.927  -2.041  -14.479 1.00 0.15 ? 49  TYR A C    1 
ATOM   751  O O    . TYR A 1 49  ? -3.398  -1.766  -13.393 1.00 0.14 ? 49  TYR A O    1 
ATOM   752  C CB   . TYR A 1 49  ? -1.620  -3.816  -13.281 1.00 0.16 ? 49  TYR A CB   1 
ATOM   753  C CG   . TYR A 1 49  ? -0.942  -5.146  -13.514 1.00 0.18 ? 49  TYR A CG   1 
ATOM   754  C CD1  . TYR A 1 49  ? -1.676  -6.214  -14.062 1.00 0.22 ? 49  TYR A CD1  1 
ATOM   755  C CD2  . TYR A 1 49  ? 0.418   -5.319  -13.191 1.00 0.18 ? 49  TYR A CD2  1 
ATOM   756  C CE1  . TYR A 1 49  ? -1.054  -7.456  -14.285 1.00 0.26 ? 49  TYR A CE1  1 
ATOM   757  C CE2  . TYR A 1 49  ? 1.042   -6.561  -13.415 1.00 0.21 ? 49  TYR A CE2  1 
ATOM   758  C CZ   . TYR A 1 49  ? 0.306   -7.630  -13.962 1.00 0.25 ? 49  TYR A CZ   1 
ATOM   759  O OH   . TYR A 1 49  ? 0.917   -8.848  -14.182 1.00 0.29 ? 49  TYR A OH   1 
ATOM   760  H H    . TYR A 1 49  ? -0.255  -1.633  -14.575 1.00 0.21 ? 49  TYR A H    1 
ATOM   761  H HA   . TYR A 1 49  ? -2.141  -3.820  -15.374 1.00 0.17 ? 49  TYR A HA   1 
ATOM   762  H HB2  . TYR A 1 49  ? -1.004  -3.203  -12.641 1.00 0.17 ? 49  TYR A HB2  1 
ATOM   763  H HB3  . TYR A 1 49  ? -2.576  -3.983  -12.807 1.00 0.18 ? 49  TYR A HB3  1 
ATOM   764  H HD1  . TYR A 1 49  ? -2.719  -6.081  -14.311 1.00 0.24 ? 49  TYR A HD1  1 
ATOM   765  H HD2  . TYR A 1 49  ? 0.983   -4.502  -12.767 1.00 0.18 ? 49  TYR A HD2  1 
ATOM   766  H HE1  . TYR A 1 49  ? -1.621  -8.274  -14.705 1.00 0.30 ? 49  TYR A HE1  1 
ATOM   767  H HE2  . TYR A 1 49  ? 2.086   -6.691  -13.168 1.00 0.23 ? 49  TYR A HE2  1 
ATOM   768  H HH   . TYR A 1 49  ? 1.404   -8.790  -15.008 1.00 0.88 ? 49  TYR A HH   1 
ATOM   769  N N    . SER A 1 50  ? -3.340  -1.452  -15.566 1.00 0.17 ? 50  SER A N    1 
ATOM   770  C CA   . SER A 1 50  ? -4.412  -0.419  -15.493 1.00 0.19 ? 50  SER A CA   1 
ATOM   771  C C    . SER A 1 50  ? -5.718  -1.086  -15.070 1.00 0.17 ? 50  SER A C    1 
ATOM   772  O O    . SER A 1 50  ? -6.730  -0.440  -14.887 1.00 0.19 ? 50  SER A O    1 
ATOM   773  C CB   . SER A 1 50  ? -4.596  0.222   -16.868 1.00 0.23 ? 50  SER A CB   1 
ATOM   774  O OG   . SER A 1 50  ? -5.148  -0.738  -17.761 1.00 0.28 ? 50  SER A OG   1 
ATOM   775  H H    . SER A 1 50  ? -2.952  -1.695  -16.433 1.00 0.20 ? 50  SER A H    1 
ATOM   776  H HA   . SER A 1 50  ? -4.139  0.338   -14.773 1.00 0.19 ? 50  SER A HA   1 
ATOM   777  H HB2  . SER A 1 50  ? -5.269  1.057   -16.789 1.00 0.24 ? 50  SER A HB2  1 
ATOM   778  H HB3  . SER A 1 50  ? -3.639  0.565   -17.237 1.00 0.28 ? 50  SER A HB3  1 
ATOM   779  H HG   . SER A 1 50  ? -4.466  -0.986  -18.389 1.00 0.94 ? 50  SER A HG   1 
ATOM   780  N N    . ASN A 1 51  ? -5.704  -2.384  -14.929 1.00 0.17 ? 51  ASN A N    1 
ATOM   781  C CA   . ASN A 1 51  ? -6.938  -3.120  -14.533 1.00 0.18 ? 51  ASN A CA   1 
ATOM   782  C C    . ASN A 1 51  ? -6.951  -3.329  -13.017 1.00 0.16 ? 51  ASN A C    1 
ATOM   783  O O    . ASN A 1 51  ? -7.890  -3.871  -12.468 1.00 0.20 ? 51  ASN A O    1 
ATOM   784  C CB   . ASN A 1 51  ? -6.945  -4.475  -15.244 1.00 0.21 ? 51  ASN A CB   1 
ATOM   785  C CG   . ASN A 1 51  ? -8.350  -5.081  -15.206 1.00 0.25 ? 51  ASN A CG   1 
ATOM   786  O OD1  . ASN A 1 51  ? -9.250  -4.598  -15.863 1.00 1.09 ? 51  ASN A OD1  1 
ATOM   787  N ND2  . ASN A 1 51  ? -8.573  -6.134  -14.467 1.00 1.15 ? 51  ASN A ND2  1 
ATOM   788  H H    . ASN A 1 51  ? -4.876  -2.880  -15.093 1.00 0.17 ? 51  ASN A H    1 
ATOM   789  H HA   . ASN A 1 51  ? -7.812  -2.556  -14.827 1.00 0.19 ? 51  ASN A HA   1 
ATOM   790  H HB2  . ASN A 1 51  ? -6.648  -4.331  -16.270 1.00 0.23 ? 51  ASN A HB2  1 
ATOM   791  H HB3  . ASN A 1 51  ? -6.250  -5.145  -14.758 1.00 0.21 ? 51  ASN A HB3  1 
ATOM   792  H HD21 . ASN A 1 51  ? -7.845  -6.529  -13.944 1.00 1.97 ? 51  ASN A HD21 1 
ATOM   793  H HD22 . ASN A 1 51  ? -9.469  -6.530  -14.438 1.00 1.17 ? 51  ASN A HD22 1 
ATOM   794  N N    . VAL A 1 52  ? -5.918  -2.892  -12.336 1.00 0.13 ? 52  VAL A N    1 
ATOM   795  C CA   . VAL A 1 52  ? -5.855  -3.047  -10.846 1.00 0.13 ? 52  VAL A CA   1 
ATOM   796  C C    . VAL A 1 52  ? -5.810  -1.666  -10.194 1.00 0.12 ? 52  VAL A C    1 
ATOM   797  O O    . VAL A 1 52  ? -5.328  -0.710  -10.769 1.00 0.13 ? 52  VAL A O    1 
ATOM   798  C CB   . VAL A 1 52  ? -4.592  -3.826  -10.461 1.00 0.15 ? 52  VAL A CB   1 
ATOM   799  C CG1  . VAL A 1 52  ? -4.450  -3.838  -8.933  1.00 0.16 ? 52  VAL A CG1  1 
ATOM   800  C CG2  . VAL A 1 52  ? -4.691  -5.265  -11.001 1.00 0.20 ? 52  VAL A CG2  1 
ATOM   801  H H    . VAL A 1 52  ? -5.179  -2.452  -12.807 1.00 0.14 ? 52  VAL A H    1 
ATOM   802  H HA   . VAL A 1 52  ? -6.725  -3.579  -10.485 1.00 0.14 ? 52  VAL A HA   1 
ATOM   803  H HB   . VAL A 1 52  ? -3.733  -3.337  -10.891 1.00 0.16 ? 52  VAL A HB   1 
ATOM   804  H HG11 . VAL A 1 52  ? -5.402  -4.072  -8.486  1.00 1.03 ? 52  VAL A HG11 1 
ATOM   805  H HG12 . VAL A 1 52  ? -3.719  -4.574  -8.634  1.00 1.04 ? 52  VAL A HG12 1 
ATOM   806  H HG13 . VAL A 1 52  ? -4.130  -2.862  -8.597  1.00 1.01 ? 52  VAL A HG13 1 
ATOM   807  H HG21 . VAL A 1 52  ? -5.702  -5.631  -10.887 1.00 1.03 ? 52  VAL A HG21 1 
ATOM   808  H HG22 . VAL A 1 52  ? -4.425  -5.272  -12.048 1.00 1.03 ? 52  VAL A HG22 1 
ATOM   809  H HG23 . VAL A 1 52  ? -4.017  -5.909  -10.459 1.00 1.05 ? 52  VAL A HG23 1 
ATOM   810  N N    . ILE A 1 53  ? -6.318  -1.556  -8.994  1.00 0.12 ? 53  ILE A N    1 
ATOM   811  C CA   . ILE A 1 53  ? -6.322  -0.242  -8.282  1.00 0.12 ? 53  ILE A CA   1 
ATOM   812  C C    . ILE A 1 53  ? -5.169  -0.212  -7.270  1.00 0.12 ? 53  ILE A C    1 
ATOM   813  O O    . ILE A 1 53  ? -5.007  -1.114  -6.473  1.00 0.16 ? 53  ILE A O    1 
ATOM   814  C CB   . ILE A 1 53  ? -7.659  -0.079  -7.535  1.00 0.13 ? 53  ILE A CB   1 
ATOM   815  C CG1  . ILE A 1 53  ? -8.838  -0.620  -8.391  1.00 0.13 ? 53  ILE A CG1  1 
ATOM   816  C CG2  . ILE A 1 53  ? -7.887  1.402   -7.150  1.00 0.15 ? 53  ILE A CG2  1 
ATOM   817  C CD1  . ILE A 1 53  ? -8.859  -0.055  -9.829  1.00 0.14 ? 53  ILE A CD1  1 
ATOM   818  H H    . ILE A 1 53  ? -6.702  -2.344  -8.557  1.00 0.13 ? 53  ILE A H    1 
ATOM   819  H HA   . ILE A 1 53  ? -6.198  0.569   -8.986  1.00 0.12 ? 53  ILE A HA   1 
ATOM   820  H HB   . ILE A 1 53  ? -7.608  -0.663  -6.623  1.00 0.15 ? 53  ILE A HB   1 
ATOM   821  H HG12 . ILE A 1 53  ? -8.759  -1.694  -8.447  1.00 0.14 ? 53  ILE A HG12 1 
ATOM   822  H HG13 . ILE A 1 53  ? -9.767  -0.366  -7.902  1.00 0.15 ? 53  ILE A HG13 1 
ATOM   823  H HG21 . ILE A 1 53  ? -6.935  1.901   -7.035  1.00 1.02 ? 53  ILE A HG21 1 
ATOM   824  H HG22 . ILE A 1 53  ? -8.460  1.901   -7.910  1.00 0.99 ? 53  ILE A HG22 1 
ATOM   825  H HG23 . ILE A 1 53  ? -8.427  1.451   -6.215  1.00 1.02 ? 53  ILE A HG23 1 
ATOM   826  H HD11 . ILE A 1 53  ? -7.903  -0.184  -10.299 1.00 1.00 ? 53  ILE A HD11 1 
ATOM   827  H HD12 . ILE A 1 53  ? -9.603  -0.590  -10.403 1.00 1.01 ? 53  ILE A HD12 1 
ATOM   828  H HD13 . ILE A 1 53  ? -9.116  0.990   -9.818  1.00 1.02 ? 53  ILE A HD13 1 
ATOM   829  N N    . PHE A 1 54  ? -4.372  0.828   -7.300  1.00 0.10 ? 54  PHE A N    1 
ATOM   830  C CA   . PHE A 1 54  ? -3.223  0.951   -6.347  1.00 0.10 ? 54  PHE A CA   1 
ATOM   831  C C    . PHE A 1 54  ? -3.465  2.149   -5.428  1.00 0.10 ? 54  PHE A C    1 
ATOM   832  O O    . PHE A 1 54  ? -3.786  3.229   -5.879  1.00 0.12 ? 54  PHE A O    1 
ATOM   833  C CB   . PHE A 1 54  ? -1.933  1.178   -7.139  1.00 0.11 ? 54  PHE A CB   1 
ATOM   834  C CG   . PHE A 1 54  ? -1.653  -0.035  -7.994  1.00 0.11 ? 54  PHE A CG   1 
ATOM   835  C CD1  . PHE A 1 54  ? -1.266  -1.244  -7.387  1.00 0.14 ? 54  PHE A CD1  1 
ATOM   836  C CD2  . PHE A 1 54  ? -1.777  0.040   -9.396  1.00 0.13 ? 54  PHE A CD2  1 
ATOM   837  C CE1  . PHE A 1 54  ? -1.004  -2.379  -8.177  1.00 0.18 ? 54  PHE A CE1  1 
ATOM   838  C CE2  . PHE A 1 54  ? -1.515  -1.096  -10.187 1.00 0.16 ? 54  PHE A CE2  1 
ATOM   839  C CZ   . PHE A 1 54  ? -1.128  -2.305  -9.578  1.00 0.19 ? 54  PHE A CZ   1 
ATOM   840  H H    . PHE A 1 54  ? -4.535  1.537   -7.952  1.00 0.12 ? 54  PHE A H    1 
ATOM   841  H HA   . PHE A 1 54  ? -3.127  0.054   -5.749  1.00 0.10 ? 54  PHE A HA   1 
ATOM   842  H HB2  . PHE A 1 54  ? -2.044  2.051   -7.768  1.00 0.12 ? 54  PHE A HB2  1 
ATOM   843  H HB3  . PHE A 1 54  ? -1.113  1.331   -6.454  1.00 0.14 ? 54  PHE A HB3  1 
ATOM   844  H HD1  . PHE A 1 54  ? -1.173  -1.300  -6.312  1.00 0.16 ? 54  PHE A HD1  1 
ATOM   845  H HD2  . PHE A 1 54  ? -2.073  0.967   -9.863  1.00 0.14 ? 54  PHE A HD2  1 
ATOM   846  H HE1  . PHE A 1 54  ? -0.707  -3.306  -7.709  1.00 0.22 ? 54  PHE A HE1  1 
ATOM   847  H HE2  . PHE A 1 54  ? -1.610  -1.038  -11.261 1.00 0.19 ? 54  PHE A HE2  1 
ATOM   848  H HZ   . PHE A 1 54  ? -0.927  -3.176  -10.184 1.00 0.23 ? 54  PHE A HZ   1 
ATOM   849  N N    . LEU A 1 55  ? -3.317  1.966   -4.141  1.00 0.10 ? 55  LEU A N    1 
ATOM   850  C CA   . LEU A 1 55  ? -3.538  3.089   -3.173  1.00 0.10 ? 55  LEU A CA   1 
ATOM   851  C C    . LEU A 1 55  ? -2.201  3.458   -2.522  1.00 0.10 ? 55  LEU A C    1 
ATOM   852  O O    . LEU A 1 55  ? -1.202  2.790   -2.704  1.00 0.11 ? 55  LEU A O    1 
ATOM   853  C CB   . LEU A 1 55  ? -4.519  2.640   -2.075  1.00 0.10 ? 55  LEU A CB   1 
ATOM   854  C CG   . LEU A 1 55  ? -5.976  2.763   -2.546  1.00 0.11 ? 55  LEU A CG   1 
ATOM   855  C CD1  . LEU A 1 55  ? -6.155  2.132   -3.933  1.00 0.11 ? 55  LEU A CD1  1 
ATOM   856  C CD2  . LEU A 1 55  ? -6.882  2.046   -1.539  1.00 0.14 ? 55  LEU A CD2  1 
ATOM   857  H H    . LEU A 1 55  ? -3.060  1.082   -3.805  1.00 0.10 ? 55  LEU A H    1 
ATOM   858  H HA   . LEU A 1 55  ? -3.941  3.955   -3.682  1.00 0.10 ? 55  LEU A HA   1 
ATOM   859  H HB2  . LEU A 1 55  ? -4.318  1.613   -1.827  1.00 0.10 ? 55  LEU A HB2  1 
ATOM   860  H HB3  . LEU A 1 55  ? -4.383  3.251   -1.194  1.00 0.11 ? 55  LEU A HB3  1 
ATOM   861  H HG   . LEU A 1 55  ? -6.249  3.806   -2.592  1.00 0.12 ? 55  LEU A HG   1 
ATOM   862  H HD11 . LEU A 1 55  ? -5.574  1.224   -3.997  1.00 1.01 ? 55  LEU A HD11 1 
ATOM   863  H HD12 . LEU A 1 55  ? -7.198  1.902   -4.095  1.00 1.02 ? 55  LEU A HD12 1 
ATOM   864  H HD13 . LEU A 1 55  ? -5.825  2.829   -4.686  1.00 1.03 ? 55  LEU A HD13 1 
ATOM   865  H HD21 . LEU A 1 55  ? -6.590  1.008   -1.469  1.00 1.03 ? 55  LEU A HD21 1 
ATOM   866  H HD22 . LEU A 1 55  ? -6.782  2.512   -0.570  1.00 1.00 ? 55  LEU A HD22 1 
ATOM   867  H HD23 . LEU A 1 55  ? -7.907  2.110   -1.866  1.00 1.02 ? 55  LEU A HD23 1 
ATOM   868  N N    . GLU A 1 56  ? -2.187  4.512   -1.754  1.00 0.10 ? 56  GLU A N    1 
ATOM   869  C CA   . GLU A 1 56  ? -0.935  4.941   -1.065  1.00 0.11 ? 56  GLU A CA   1 
ATOM   870  C C    . GLU A 1 56  ? -1.321  5.494   0.307   1.00 0.10 ? 56  GLU A C    1 
ATOM   871  O O    . GLU A 1 56  ? -2.368  6.090   0.463   1.00 0.13 ? 56  GLU A O    1 
ATOM   872  C CB   . GLU A 1 56  ? -0.241  6.028   -1.894  1.00 0.12 ? 56  GLU A CB   1 
ATOM   873  C CG   . GLU A 1 56  ? 1.196   6.226   -1.402  1.00 0.18 ? 56  GLU A CG   1 
ATOM   874  C CD   . GLU A 1 56  ? 1.953   7.112   -2.392  1.00 0.30 ? 56  GLU A CD   1 
ATOM   875  O OE1  . GLU A 1 56  ? 1.906   8.320   -2.233  1.00 1.11 ? 56  GLU A OE1  1 
ATOM   876  O OE2  . GLU A 1 56  ? 2.568   6.567   -3.295  1.00 1.16 ? 56  GLU A OE2  1 
ATOM   877  H H    . GLU A 1 56  ? -3.012  5.024   -1.620  1.00 0.11 ? 56  GLU A H    1 
ATOM   878  H HA   . GLU A 1 56  ? -0.274  4.094   -0.940  1.00 0.11 ? 56  GLU A HA   1 
ATOM   879  H HB2  . GLU A 1 56  ? -0.227  5.732   -2.933  1.00 0.13 ? 56  GLU A HB2  1 
ATOM   880  H HB3  . GLU A 1 56  ? -0.782  6.956   -1.794  1.00 0.14 ? 56  GLU A HB3  1 
ATOM   881  H HG2  . GLU A 1 56  ? 1.182   6.700   -0.431  1.00 0.28 ? 56  GLU A HG2  1 
ATOM   882  H HG3  . GLU A 1 56  ? 1.690   5.269   -1.329  1.00 0.25 ? 56  GLU A HG3  1 
ATOM   883  N N    . VAL A 1 57  ? -0.506  5.284   1.310   1.00 0.10 ? 57  VAL A N    1 
ATOM   884  C CA   . VAL A 1 57  ? -0.861  5.781   2.677   1.00 0.11 ? 57  VAL A CA   1 
ATOM   885  C C    . VAL A 1 57  ? 0.385   6.300   3.401   1.00 0.12 ? 57  VAL A C    1 
ATOM   886  O O    . VAL A 1 57  ? 1.445   5.705   3.354   1.00 0.15 ? 57  VAL A O    1 
ATOM   887  C CB   . VAL A 1 57  ? -1.472  4.627   3.479   1.00 0.12 ? 57  VAL A CB   1 
ATOM   888  C CG1  . VAL A 1 57  ? -1.960  5.137   4.837   1.00 0.25 ? 57  VAL A CG1  1 
ATOM   889  C CG2  . VAL A 1 57  ? -2.653  4.043   2.705   1.00 0.26 ? 57  VAL A CG2  1 
ATOM   890  H H    . VAL A 1 57  ? 0.324   4.783   1.170   1.00 0.12 ? 57  VAL A H    1 
ATOM   891  H HA   . VAL A 1 57  ? -1.582  6.583   2.604   1.00 0.11 ? 57  VAL A HA   1 
ATOM   892  H HB   . VAL A 1 57  ? -0.731  3.855   3.627   1.00 0.13 ? 57  VAL A HB   1 
ATOM   893  H HG11 . VAL A 1 57  ? -1.141  5.596   5.370   1.00 1.05 ? 57  VAL A HG11 1 
ATOM   894  H HG12 . VAL A 1 57  ? -2.745  5.864   4.688   1.00 1.08 ? 57  VAL A HG12 1 
ATOM   895  H HG13 . VAL A 1 57  ? -2.344  4.310   5.414   1.00 1.03 ? 57  VAL A HG13 1 
ATOM   896  H HG21 . VAL A 1 57  ? -3.308  4.836   2.401   1.00 1.02 ? 57  VAL A HG21 1 
ATOM   897  H HG22 . VAL A 1 57  ? -2.288  3.529   1.833   1.00 1.07 ? 57  VAL A HG22 1 
ATOM   898  H HG23 . VAL A 1 57  ? -3.191  3.351   3.336   1.00 1.05 ? 57  VAL A HG23 1 
ATOM   899  N N    . ASP A 1 58  ? 0.244   7.402   4.097   1.00 0.12 ? 58  ASP A N    1 
ATOM   900  C CA   . ASP A 1 58  ? 1.388   7.979   4.867   1.00 0.14 ? 58  ASP A CA   1 
ATOM   901  C C    . ASP A 1 58  ? 1.243   7.533   6.325   1.00 0.14 ? 58  ASP A C    1 
ATOM   902  O O    . ASP A 1 58  ? 0.449   8.068   7.073   1.00 0.20 ? 58  ASP A O    1 
ATOM   903  C CB   . ASP A 1 58  ? 1.339   9.510   4.782   1.00 0.16 ? 58  ASP A CB   1 
ATOM   904  C CG   . ASP A 1 58  ? 2.705   10.097  5.149   1.00 0.20 ? 58  ASP A CG   1 
ATOM   905  O OD1  . ASP A 1 58  ? 3.009   10.147  6.329   1.00 1.12 ? 58  ASP A OD1  1 
ATOM   906  O OD2  . ASP A 1 58  ? 3.422   10.489  4.243   1.00 1.08 ? 58  ASP A OD2  1 
ATOM   907  H H    . ASP A 1 58  ? -0.629  7.844   4.128   1.00 0.12 ? 58  ASP A H    1 
ATOM   908  H HA   . ASP A 1 58  ? 2.326   7.617   4.467   1.00 0.16 ? 58  ASP A HA   1 
ATOM   909  H HB2  . ASP A 1 58  ? 1.084   9.805   3.774   1.00 0.17 ? 58  ASP A HB2  1 
ATOM   910  H HB3  . ASP A 1 58  ? 0.593   9.887   5.466   1.00 0.17 ? 58  ASP A HB3  1 
ATOM   911  N N    . VAL A 1 59  ? 1.978   6.537   6.722   1.00 0.13 ? 59  VAL A N    1 
ATOM   912  C CA   . VAL A 1 59  ? 1.861   6.024   8.118   1.00 0.15 ? 59  VAL A CA   1 
ATOM   913  C C    . VAL A 1 59  ? 2.131   7.131   9.144   1.00 0.18 ? 59  VAL A C    1 
ATOM   914  O O    . VAL A 1 59  ? 1.873   6.957   10.316  1.00 0.26 ? 59  VAL A O    1 
ATOM   915  C CB   . VAL A 1 59  ? 2.873   4.894   8.323   1.00 0.18 ? 59  VAL A CB   1 
ATOM   916  C CG1  . VAL A 1 59  ? 2.462   3.678   7.493   1.00 0.18 ? 59  VAL A CG1  1 
ATOM   917  C CG2  . VAL A 1 59  ? 4.261   5.363   7.878   1.00 0.25 ? 59  VAL A CG2  1 
ATOM   918  H H    . VAL A 1 59  ? 2.594   6.105   6.093   1.00 0.17 ? 59  VAL A H    1 
ATOM   919  H HA   . VAL A 1 59  ? 0.866   5.635   8.270   1.00 0.15 ? 59  VAL A HA   1 
ATOM   920  H HB   . VAL A 1 59  ? 2.901   4.622   9.368   1.00 0.22 ? 59  VAL A HB   1 
ATOM   921  H HG11 . VAL A 1 59  ? 2.402   3.957   6.451   1.00 1.00 ? 59  VAL A HG11 1 
ATOM   922  H HG12 . VAL A 1 59  ? 3.194   2.894   7.614   1.00 1.03 ? 59  VAL A HG12 1 
ATOM   923  H HG13 . VAL A 1 59  ? 1.500   3.326   7.826   1.00 1.06 ? 59  VAL A HG13 1 
ATOM   924  H HG21 . VAL A 1 59  ? 4.468   6.332   8.305   1.00 1.00 ? 59  VAL A HG21 1 
ATOM   925  H HG22 . VAL A 1 59  ? 5.005   4.655   8.215   1.00 1.05 ? 59  VAL A HG22 1 
ATOM   926  H HG23 . VAL A 1 59  ? 4.290   5.429   6.801   1.00 1.05 ? 59  VAL A HG23 1 
ATOM   927  N N    . ASP A 1 60  ? 2.662   8.255   8.731   1.00 0.17 ? 60  ASP A N    1 
ATOM   928  C CA   . ASP A 1 60  ? 2.970   9.351   9.712   1.00 0.22 ? 60  ASP A CA   1 
ATOM   929  C C    . ASP A 1 60  ? 1.912   10.454  9.658   1.00 0.23 ? 60  ASP A C    1 
ATOM   930  O O    . ASP A 1 60  ? 1.501   10.976  10.675  1.00 0.28 ? 60  ASP A O    1 
ATOM   931  C CB   . ASP A 1 60  ? 4.334   9.954   9.372   1.00 0.28 ? 60  ASP A CB   1 
ATOM   932  C CG   . ASP A 1 60  ? 5.417   8.884   9.526   1.00 0.40 ? 60  ASP A CG   1 
ATOM   933  O OD1  . ASP A 1 60  ? 5.850   8.665   10.645  1.00 1.11 ? 60  ASP A OD1  1 
ATOM   934  O OD2  . ASP A 1 60  ? 5.793   8.302   8.523   1.00 1.21 ? 60  ASP A OD2  1 
ATOM   935  H H    . ASP A 1 60  ? 2.872   8.376   7.782   1.00 0.18 ? 60  ASP A H    1 
ATOM   936  H HA   . ASP A 1 60  ? 3.009   8.948   10.715  1.00 0.25 ? 60  ASP A HA   1 
ATOM   937  H HB2  . ASP A 1 60  ? 4.324   10.316  8.354   1.00 0.30 ? 60  ASP A HB2  1 
ATOM   938  H HB3  . ASP A 1 60  ? 4.543   10.773  10.045  1.00 0.34 ? 60  ASP A HB3  1 
ATOM   939  N N    . ASP A 1 61  ? 1.478   10.832  8.487   1.00 0.21 ? 61  ASP A N    1 
ATOM   940  C CA   . ASP A 1 61  ? 0.460   11.922  8.382   1.00 0.25 ? 61  ASP A CA   1 
ATOM   941  C C    . ASP A 1 61  ? -0.948  11.311  8.360   1.00 0.25 ? 61  ASP A C    1 
ATOM   942  O O    . ASP A 1 61  ? -1.933  12.010  8.491   1.00 0.33 ? 61  ASP A O    1 
ATOM   943  C CB   . ASP A 1 61  ? 0.731   12.723  7.097   1.00 0.28 ? 61  ASP A CB   1 
ATOM   944  C CG   . ASP A 1 61  ? -0.500  13.552  6.710   1.00 0.38 ? 61  ASP A CG   1 
ATOM   945  O OD1  . ASP A 1 61  ? -0.933  14.349  7.527   1.00 1.15 ? 61  ASP A OD1  1 
ATOM   946  O OD2  . ASP A 1 61  ? -0.986  13.376  5.605   1.00 1.15 ? 61  ASP A OD2  1 
ATOM   947  H H    . ASP A 1 61  ? 1.829   10.411  7.677   1.00 0.20 ? 61  ASP A H    1 
ATOM   948  H HA   . ASP A 1 61  ? 0.546   12.583  9.234   1.00 0.29 ? 61  ASP A HA   1 
ATOM   949  H HB2  . ASP A 1 61  ? 1.566   13.386  7.265   1.00 0.35 ? 61  ASP A HB2  1 
ATOM   950  H HB3  . ASP A 1 61  ? 0.974   12.043  6.295   1.00 0.25 ? 61  ASP A HB3  1 
ATOM   951  N N    . ALA A 1 62  ? -1.046  10.013  8.208   1.00 0.19 ? 62  ALA A N    1 
ATOM   952  C CA   . ALA A 1 62  ? -2.386  9.336   8.190   1.00 0.20 ? 62  ALA A CA   1 
ATOM   953  C C    . ALA A 1 62  ? -2.386  8.212   9.242   1.00 0.19 ? 62  ALA A C    1 
ATOM   954  O O    . ALA A 1 62  ? -2.789  7.096   8.980   1.00 0.18 ? 62  ALA A O    1 
ATOM   955  C CB   . ALA A 1 62  ? -2.645  8.771   6.778   1.00 0.22 ? 62  ALA A CB   1 
ATOM   956  H H    . ALA A 1 62  ? -0.233  9.474   8.113   1.00 0.20 ? 62  ALA A H    1 
ATOM   957  H HA   . ALA A 1 62  ? -3.164  10.046  8.442   1.00 0.24 ? 62  ALA A HA   1 
ATOM   958  H HB1  . ALA A 1 62  ? -1.703  8.587   6.287   1.00 1.04 ? 62  ALA A HB1  1 
ATOM   959  H HB2  . ALA A 1 62  ? -3.203  7.847   6.840   1.00 1.05 ? 62  ALA A HB2  1 
ATOM   960  H HB3  . ALA A 1 62  ? -3.212  9.489   6.200   1.00 1.04 ? 62  ALA A HB3  1 
ATOM   961  N N    . GLN A 1 63  ? -1.931  8.501   10.433  1.00 0.20 ? 63  GLN A N    1 
ATOM   962  C CA   . GLN A 1 63  ? -1.900  7.451   11.497  1.00 0.21 ? 63  GLN A CA   1 
ATOM   963  C C    . GLN A 1 63  ? -3.310  6.876   11.687  1.00 0.19 ? 63  GLN A C    1 
ATOM   964  O O    . GLN A 1 63  ? -3.486  5.845   12.302  1.00 0.20 ? 63  GLN A O    1 
ATOM   965  C CB   . GLN A 1 63  ? -1.393  8.041   12.838  1.00 0.27 ? 63  GLN A CB   1 
ATOM   966  C CG   . GLN A 1 63  ? -0.680  9.374   12.606  1.00 1.10 ? 63  GLN A CG   1 
ATOM   967  C CD   . GLN A 1 63  ? -0.135  9.887   13.939  1.00 1.39 ? 63  GLN A CD   1 
ATOM   968  O OE1  . GLN A 1 63  ? 0.516   9.162   14.663  1.00 1.66 ? 63  GLN A OE1  1 
ATOM   969  N NE2  . GLN A 1 63  ? -0.383  11.117  14.300  1.00 2.04 ? 63  GLN A NE2  1 
ATOM   970  H H    . GLN A 1 63  ? -1.606  9.405   10.624  1.00 0.23 ? 63  GLN A H    1 
ATOM   971  H HA   . GLN A 1 63  ? -1.239  6.655   11.180  1.00 0.22 ? 63  GLN A HA   1 
ATOM   972  H HB2  . GLN A 1 63  ? -2.224  8.204   13.511  1.00 0.89 ? 63  GLN A HB2  1 
ATOM   973  H HB3  . GLN A 1 63  ? -0.700  7.348   13.297  1.00 0.89 ? 63  GLN A HB3  1 
ATOM   974  H HG2  . GLN A 1 63  ? 0.135   9.235   11.910  1.00 1.64 ? 63  GLN A HG2  1 
ATOM   975  H HG3  . GLN A 1 63  ? -1.379  10.093  12.208  1.00 1.61 ? 63  GLN A HG3  1 
ATOM   976  H HE21 . GLN A 1 63  ? -0.913  11.701  13.718  1.00 2.49 ? 63  GLN A HE21 1 
ATOM   977  H HE22 . GLN A 1 63  ? -0.042  11.455  15.155  1.00 2.32 ? 63  GLN A HE22 1 
ATOM   978  N N    . ASP A 1 64  ? -4.314  7.535   11.180  1.00 0.18 ? 64  ASP A N    1 
ATOM   979  C CA   . ASP A 1 64  ? -5.695  7.012   11.355  1.00 0.18 ? 64  ASP A CA   1 
ATOM   980  C C    . ASP A 1 64  ? -5.850  5.735   10.532  1.00 0.17 ? 64  ASP A C    1 
ATOM   981  O O    . ASP A 1 64  ? -6.476  4.783   10.955  1.00 0.18 ? 64  ASP A O    1 
ATOM   982  C CB   . ASP A 1 64  ? -6.708  8.060   10.886  1.00 0.20 ? 64  ASP A CB   1 
ATOM   983  C CG   . ASP A 1 64  ? -6.236  8.685   9.571   1.00 0.21 ? 64  ASP A CG   1 
ATOM   984  O OD1  . ASP A 1 64  ? -5.210  9.345   9.586   1.00 1.11 ? 64  ASP A OD1  1 
ATOM   985  O OD2  . ASP A 1 64  ? -6.913  8.499   8.573   1.00 1.08 ? 64  ASP A OD2  1 
ATOM   986  H H    . ASP A 1 64  ? -4.162  8.370   10.694  1.00 0.19 ? 64  ASP A H    1 
ATOM   987  H HA   . ASP A 1 64  ? -5.862  6.787   12.398  1.00 0.20 ? 64  ASP A HA   1 
ATOM   988  H HB2  . ASP A 1 64  ? -7.665  7.589   10.735  1.00 0.21 ? 64  ASP A HB2  1 
ATOM   989  H HB3  . ASP A 1 64  ? -6.804  8.829   11.633  1.00 0.23 ? 64  ASP A HB3  1 
ATOM   990  N N    . VAL A 1 65  ? -5.271  5.700   9.366   1.00 0.16 ? 65  VAL A N    1 
ATOM   991  C CA   . VAL A 1 65  ? -5.373  4.477   8.525   1.00 0.16 ? 65  VAL A CA   1 
ATOM   992  C C    . VAL A 1 65  ? -4.426  3.420   9.103   1.00 0.16 ? 65  VAL A C    1 
ATOM   993  O O    . VAL A 1 65  ? -4.791  2.276   9.289   1.00 0.18 ? 65  VAL A O    1 
ATOM   994  C CB   . VAL A 1 65  ? -4.968  4.796   7.077   1.00 0.16 ? 65  VAL A CB   1 
ATOM   995  C CG1  . VAL A 1 65  ? -5.302  3.588   6.191   1.00 0.20 ? 65  VAL A CG1  1 
ATOM   996  C CG2  . VAL A 1 65  ? -5.716  6.052   6.557   1.00 0.19 ? 65  VAL A CG2  1 
ATOM   997  H H    . VAL A 1 65  ? -4.762  6.473   9.047   1.00 0.16 ? 65  VAL A H    1 
ATOM   998  H HA   . VAL A 1 65  ? -6.387  4.107   8.547   1.00 0.17 ? 65  VAL A HA   1 
ATOM   999  H HB   . VAL A 1 65  ? -3.901  4.971   7.043   1.00 0.18 ? 65  VAL A HB   1 
ATOM   1000 H HG11 . VAL A 1 65  ? -4.849  2.701   6.608   1.00 1.04 ? 65  VAL A HG11 1 
ATOM   1001 H HG12 . VAL A 1 65  ? -6.374  3.455   6.151   1.00 1.02 ? 65  VAL A HG12 1 
ATOM   1002 H HG13 . VAL A 1 65  ? -4.921  3.754   5.195   1.00 1.05 ? 65  VAL A HG13 1 
ATOM   1003 H HG21 . VAL A 1 65  ? -5.950  6.714   7.376   1.00 1.02 ? 65  VAL A HG21 1 
ATOM   1004 H HG22 . VAL A 1 65  ? -5.088  6.576   5.851   1.00 1.06 ? 65  VAL A HG22 1 
ATOM   1005 H HG23 . VAL A 1 65  ? -6.634  5.761   6.064   1.00 1.02 ? 65  VAL A HG23 1 
ATOM   1006 N N    . ALA A 1 66  ? -3.210  3.805   9.394   1.00 0.15 ? 66  ALA A N    1 
ATOM   1007 C CA   . ALA A 1 66  ? -2.227  2.841   9.972   1.00 0.16 ? 66  ALA A CA   1 
ATOM   1008 C C    . ALA A 1 66  ? -2.722  2.382   11.349  1.00 0.18 ? 66  ALA A C    1 
ATOM   1009 O O    . ALA A 1 66  ? -2.507  1.257   11.755  1.00 0.21 ? 66  ALA A O    1 
ATOM   1010 C CB   . ALA A 1 66  ? -0.852  3.540   10.099  1.00 0.17 ? 66  ALA A CB   1 
ATOM   1011 H H    . ALA A 1 66  ? -2.945  4.736   9.241   1.00 0.15 ? 66  ALA A H    1 
ATOM   1012 H HA   . ALA A 1 66  ? -2.141  1.981   9.319   1.00 0.17 ? 66  ALA A HA   1 
ATOM   1013 H HB1  . ALA A 1 66  ? -0.943  4.565   9.772   1.00 1.05 ? 66  ALA A HB1  1 
ATOM   1014 H HB2  . ALA A 1 66  ? -0.513  3.527   11.128  1.00 1.01 ? 66  ALA A HB2  1 
ATOM   1015 H HB3  . ALA A 1 66  ? -0.124  3.034   9.481   1.00 1.03 ? 66  ALA A HB3  1 
ATOM   1016 N N    . SER A 1 67  ? -3.377  3.248   12.070  1.00 0.20 ? 67  SER A N    1 
ATOM   1017 C CA   . SER A 1 67  ? -3.878  2.868   13.419  1.00 0.23 ? 67  SER A CA   1 
ATOM   1018 C C    . SER A 1 67  ? -4.902  1.742   13.280  1.00 0.24 ? 67  SER A C    1 
ATOM   1019 O O    . SER A 1 67  ? -4.820  0.730   13.946  1.00 0.27 ? 67  SER A O    1 
ATOM   1020 C CB   . SER A 1 67  ? -4.536  4.082   14.078  1.00 0.27 ? 67  SER A CB   1 
ATOM   1021 O OG   . SER A 1 67  ? -3.529  4.988   14.508  1.00 0.35 ? 67  SER A OG   1 
ATOM   1022 H H    . SER A 1 67  ? -3.536  4.150   11.724  1.00 0.20 ? 67  SER A H    1 
ATOM   1023 H HA   . SER A 1 67  ? -3.053  2.533   14.027  1.00 0.25 ? 67  SER A HA   1 
ATOM   1024 H HB2  . SER A 1 67  ? -5.178  4.576   13.369  1.00 0.36 ? 67  SER A HB2  1 
ATOM   1025 H HB3  . SER A 1 67  ? -5.126  3.755   14.926  1.00 0.36 ? 67  SER A HB3  1 
ATOM   1026 H HG   . SER A 1 67  ? -2.675  4.596   14.312  1.00 0.57 ? 67  SER A HG   1 
ATOM   1027 N N    . GLU A 1 68  ? -5.866  1.910   12.419  1.00 0.26 ? 68  GLU A N    1 
ATOM   1028 C CA   . GLU A 1 68  ? -6.894  0.848   12.237  1.00 0.30 ? 68  GLU A CA   1 
ATOM   1029 C C    . GLU A 1 68  ? -6.241  -0.410  11.658  1.00 0.27 ? 68  GLU A C    1 
ATOM   1030 O O    . GLU A 1 68  ? -6.607  -1.519  11.993  1.00 0.30 ? 68  GLU A O    1 
ATOM   1031 C CB   . GLU A 1 68  ? -7.986  1.350   11.284  1.00 0.34 ? 68  GLU A CB   1 
ATOM   1032 C CG   . GLU A 1 68  ? -9.002  0.213   10.979  1.00 0.42 ? 68  GLU A CG   1 
ATOM   1033 C CD   . GLU A 1 68  ? -10.439 0.742   11.077  1.00 1.58 ? 68  GLU A CD   1 
ATOM   1034 O OE1  . GLU A 1 68  ? -10.757 1.349   12.086  1.00 2.35 ? 68  GLU A OE1  1 
ATOM   1035 O OE2  . GLU A 1 68  ? -11.195 0.527   10.143  1.00 2.38 ? 68  GLU A OE2  1 
ATOM   1036 H H    . GLU A 1 68  ? -5.915  2.734   11.891  1.00 0.27 ? 68  GLU A H    1 
ATOM   1037 H HA   . GLU A 1 68  ? -7.337  0.612   13.194  1.00 0.34 ? 68  GLU A HA   1 
ATOM   1038 H HB2  . GLU A 1 68  ? -8.493  2.188   11.746  1.00 0.38 ? 68  GLU A HB2  1 
ATOM   1039 H HB3  . GLU A 1 68  ? -7.527  1.681   10.362  1.00 0.36 ? 68  GLU A HB3  1 
ATOM   1040 H HG2  . GLU A 1 68  ? -8.832  -0.164  9.979   1.00 1.08 ? 68  GLU A HG2  1 
ATOM   1041 H HG3  . GLU A 1 68  ? -8.877  -0.596  11.686  1.00 1.05 ? 68  GLU A HG3  1 
ATOM   1042 N N    . ALA A 1 69  ? -5.274  -0.250  10.792  1.00 0.25 ? 69  ALA A N    1 
ATOM   1043 C CA   . ALA A 1 69  ? -4.598  -1.441  10.196  1.00 0.26 ? 69  ALA A CA   1 
ATOM   1044 C C    . ALA A 1 69  ? -3.458  -1.882  11.122  1.00 0.24 ? 69  ALA A C    1 
ATOM   1045 O O    . ALA A 1 69  ? -2.800  -2.875  10.886  1.00 0.28 ? 69  ALA A O    1 
ATOM   1046 C CB   . ALA A 1 69  ? -4.044  -1.065  8.808   1.00 0.28 ? 69  ALA A CB   1 
ATOM   1047 H H    . ALA A 1 69  ? -4.992  0.653   10.535  1.00 0.25 ? 69  ALA A H    1 
ATOM   1048 H HA   . ALA A 1 69  ? -5.310  -2.250  10.095  1.00 0.30 ? 69  ALA A HA   1 
ATOM   1049 H HB1  . ALA A 1 69  ? -3.857  -0.002  8.774   1.00 1.06 ? 69  ALA A HB1  1 
ATOM   1050 H HB2  . ALA A 1 69  ? -3.121  -1.597  8.620   1.00 1.04 ? 69  ALA A HB2  1 
ATOM   1051 H HB3  . ALA A 1 69  ? -4.766  -1.325  8.048   1.00 1.05 ? 69  ALA A HB3  1 
ATOM   1052 N N    . GLU A 1 70  ? -3.232  -1.154  12.181  1.00 0.24 ? 70  GLU A N    1 
ATOM   1053 C CA   . GLU A 1 70  ? -2.148  -1.526  13.135  1.00 0.27 ? 70  GLU A CA   1 
ATOM   1054 C C    . GLU A 1 70  ? -0.871  -1.888  12.369  1.00 0.22 ? 70  GLU A C    1 
ATOM   1055 O O    . GLU A 1 70  ? -0.306  -2.948  12.551  1.00 0.25 ? 70  GLU A O    1 
ATOM   1056 C CB   . GLU A 1 70  ? -2.601  -2.723  13.972  1.00 0.35 ? 70  GLU A CB   1 
ATOM   1057 C CG   . GLU A 1 70  ? -3.904  -2.372  14.694  1.00 0.54 ? 70  GLU A CG   1 
ATOM   1058 C CD   . GLU A 1 70  ? -4.299  -3.520  15.625  1.00 1.15 ? 70  GLU A CD   1 
ATOM   1059 O OE1  . GLU A 1 70  ? -4.234  -4.658  15.191  1.00 1.84 ? 70  GLU A OE1  1 
ATOM   1060 O OE2  . GLU A 1 70  ? -4.662  -3.241  16.756  1.00 1.87 ? 70  GLU A OE2  1 
ATOM   1061 H H    . GLU A 1 70  ? -3.782  -0.361  12.354  1.00 0.26 ? 70  GLU A H    1 
ATOM   1062 H HA   . GLU A 1 70  ? -1.947  -0.691  13.789  1.00 0.30 ? 70  GLU A HA   1 
ATOM   1063 H HB2  . GLU A 1 70  ? -2.763  -3.574  13.326  1.00 0.42 ? 70  GLU A HB2  1 
ATOM   1064 H HB3  . GLU A 1 70  ? -1.841  -2.962  14.701  1.00 0.46 ? 70  GLU A HB3  1 
ATOM   1065 H HG2  . GLU A 1 70  ? -3.762  -1.470  15.273  1.00 1.01 ? 70  GLU A HG2  1 
ATOM   1066 H HG3  . GLU A 1 70  ? -4.686  -2.214  13.968  1.00 1.03 ? 70  GLU A HG3  1 
ATOM   1067 N N    . VAL A 1 71  ? -0.407  -1.010  11.524  1.00 0.20 ? 71  VAL A N    1 
ATOM   1068 C CA   . VAL A 1 71  ? 0.841   -1.296  10.759  1.00 0.18 ? 71  VAL A CA   1 
ATOM   1069 C C    . VAL A 1 71  ? 2.039   -1.041  11.675  1.00 0.24 ? 71  VAL A C    1 
ATOM   1070 O O    . VAL A 1 71  ? 2.059   -0.086  12.426  1.00 0.34 ? 71  VAL A O    1 
ATOM   1071 C CB   . VAL A 1 71  ? 0.919   -0.381  9.533   1.00 0.21 ? 71  VAL A CB   1 
ATOM   1072 C CG1  . VAL A 1 71  ? 2.082   -0.822  8.643   1.00 0.24 ? 71  VAL A CG1  1 
ATOM   1073 C CG2  . VAL A 1 71  ? -0.387  -0.469  8.733   1.00 0.25 ? 71  VAL A CG2  1 
ATOM   1074 H H    . VAL A 1 71  ? -0.872  -0.156  11.399  1.00 0.23 ? 71  VAL A H    1 
ATOM   1075 H HA   . VAL A 1 71  ? 0.845   -2.328  10.442  1.00 0.16 ? 71  VAL A HA   1 
ATOM   1076 H HB   . VAL A 1 71  ? 1.077   0.637   9.855   1.00 0.27 ? 71  VAL A HB   1 
ATOM   1077 H HG11 . VAL A 1 71  ? 2.043   -1.893  8.508   1.00 1.06 ? 71  VAL A HG11 1 
ATOM   1078 H HG12 . VAL A 1 71  ? 2.004   -0.336  7.681   1.00 1.02 ? 71  VAL A HG12 1 
ATOM   1079 H HG13 . VAL A 1 71  ? 3.017   -0.552  9.109   1.00 1.02 ? 71  VAL A HG13 1 
ATOM   1080 H HG21 . VAL A 1 71  ? -1.230  -0.342  9.396   1.00 1.05 ? 71  VAL A HG21 1 
ATOM   1081 H HG22 . VAL A 1 71  ? -0.401  0.309   7.984   1.00 1.03 ? 71  VAL A HG22 1 
ATOM   1082 H HG23 . VAL A 1 71  ? -0.449  -1.433  8.251   1.00 1.06 ? 71  VAL A HG23 1 
ATOM   1083 N N    . LYS A 1 72  ? 3.031   -1.899  11.638  1.00 0.24 ? 72  LYS A N    1 
ATOM   1084 C CA   . LYS A 1 72  ? 4.224   -1.721  12.527  1.00 0.33 ? 72  LYS A CA   1 
ATOM   1085 C C    . LYS A 1 72  ? 5.512   -1.935  11.727  1.00 0.28 ? 72  LYS A C    1 
ATOM   1086 O O    . LYS A 1 72  ? 6.600   -1.911  12.266  1.00 0.26 ? 72  LYS A O    1 
ATOM   1087 C CB   . LYS A 1 72  ? 4.133   -2.733  13.670  1.00 0.43 ? 72  LYS A CB   1 
ATOM   1088 C CG   . LYS A 1 72  ? 2.709   -2.704  14.232  1.00 0.56 ? 72  LYS A CG   1 
ATOM   1089 C CD   . LYS A 1 72  ? 2.639   -3.501  15.539  1.00 1.14 ? 72  LYS A CD   1 
ATOM   1090 C CE   . LYS A 1 72  ? 1.214   -3.433  16.121  1.00 1.28 ? 72  LYS A CE   1 
ATOM   1091 N NZ   . LYS A 1 72  ? 1.279   -3.536  17.605  1.00 2.16 ? 72  LYS A NZ   1 
ATOM   1092 H H    . LYS A 1 72  ? 2.984   -2.670  11.035  1.00 0.23 ? 72  LYS A H    1 
ATOM   1093 H HA   . LYS A 1 72  ? 4.233   -0.721  12.940  1.00 0.41 ? 72  LYS A HA   1 
ATOM   1094 H HB2  . LYS A 1 72  ? 4.357   -3.723  13.295  1.00 0.44 ? 72  LYS A HB2  1 
ATOM   1095 H HB3  . LYS A 1 72  ? 4.834   -2.471  14.448  1.00 0.51 ? 72  LYS A HB3  1 
ATOM   1096 H HG2  . LYS A 1 72  ? 2.423   -1.679  14.421  1.00 1.17 ? 72  LYS A HG2  1 
ATOM   1097 H HG3  . LYS A 1 72  ? 2.032   -3.138  13.512  1.00 1.06 ? 72  LYS A HG3  1 
ATOM   1098 H HD2  . LYS A 1 72  ? 2.902   -4.531  15.345  1.00 1.71 ? 72  LYS A HD2  1 
ATOM   1099 H HD3  . LYS A 1 72  ? 3.334   -3.083  16.251  1.00 1.78 ? 72  LYS A HD3  1 
ATOM   1100 H HE2  . LYS A 1 72  ? 0.752   -2.492  15.853  1.00 1.70 ? 72  LYS A HE2  1 
ATOM   1101 H HE3  . LYS A 1 72  ? 0.622   -4.247  15.729  1.00 1.52 ? 72  LYS A HE3  1 
ATOM   1102 H HZ1  . LYS A 1 72  ? 2.272   -3.609  17.903  1.00 2.56 ? 72  LYS A HZ1  1 
ATOM   1103 H HZ2  . LYS A 1 72  ? 0.850   -2.690  18.027  1.00 2.61 ? 72  LYS A HZ2  1 
ATOM   1104 H HZ3  . LYS A 1 72  ? 0.757   -4.379  17.919  1.00 2.70 ? 72  LYS A HZ3  1 
ATOM   1105 N N    . ALA A 1 73  ? 5.398   -2.126  10.440  1.00 0.25 ? 73  ALA A N    1 
ATOM   1106 C CA   . ALA A 1 73  ? 6.619   -2.321  9.596   1.00 0.22 ? 73  ALA A CA   1 
ATOM   1107 C C    . ALA A 1 73  ? 6.306   -1.847  8.172   1.00 0.22 ? 73  ALA A C    1 
ATOM   1108 O O    . ALA A 1 73  ? 5.410   -2.354  7.538   1.00 0.30 ? 73  ALA A O    1 
ATOM   1109 C CB   . ALA A 1 73  ? 7.014   -3.818  9.595   1.00 0.21 ? 73  ALA A CB   1 
ATOM   1110 H H    . ALA A 1 73  ? 4.506   -2.129  10.024  1.00 0.27 ? 73  ALA A H    1 
ATOM   1111 H HA   . ALA A 1 73  ? 7.432   -1.730  9.994   1.00 0.22 ? 73  ALA A HA   1 
ATOM   1112 H HB1  . ALA A 1 73  ? 6.309   -4.371  10.196  1.00 1.04 ? 73  ALA A HB1  1 
ATOM   1113 H HB2  . ALA A 1 73  ? 7.004   -4.210  8.586   1.00 1.02 ? 73  ALA A HB2  1 
ATOM   1114 H HB3  . ALA A 1 73  ? 8.006   -3.935  10.010  1.00 1.03 ? 73  ALA A HB3  1 
ATOM   1115 N N    . THR A 1 74  ? 7.042   -0.887  7.661   1.00 0.17 ? 74  THR A N    1 
ATOM   1116 C CA   . THR A 1 74  ? 6.778   -0.390  6.269   1.00 0.17 ? 74  THR A CA   1 
ATOM   1117 C C    . THR A 1 74  ? 7.895   -0.909  5.344   1.00 0.16 ? 74  THR A C    1 
ATOM   1118 O O    . THR A 1 74  ? 9.010   -1.082  5.794   1.00 0.18 ? 74  THR A O    1 
ATOM   1119 C CB   . THR A 1 74  ? 6.809   1.153   6.256   1.00 0.20 ? 74  THR A CB   1 
ATOM   1120 O OG1  . THR A 1 74  ? 8.015   1.599   6.854   1.00 0.32 ? 74  THR A OG1  1 
ATOM   1121 C CG2  . THR A 1 74  ? 5.622   1.741   7.037   1.00 0.21 ? 74  THR A CG2  1 
ATOM   1122 H H    . THR A 1 74  ? 7.769   -0.493  8.191   1.00 0.21 ? 74  THR A H    1 
ATOM   1123 H HA   . THR A 1 74  ? 5.814   -0.739  5.937   1.00 0.17 ? 74  THR A HA   1 
ATOM   1124 H HB   . THR A 1 74  ? 6.776   1.502   5.236   1.00 0.22 ? 74  THR A HB   1 
ATOM   1125 H HG1  . THR A 1 74  ? 7.932   2.541   7.024   1.00 0.98 ? 74  THR A HG1  1 
ATOM   1126 H HG21 . THR A 1 74  ? 4.803   1.037   7.058   1.00 1.02 ? 74  THR A HG21 1 
ATOM   1127 H HG22 . THR A 1 74  ? 5.935   1.961   8.046   1.00 1.04 ? 74  THR A HG22 1 
ATOM   1128 H HG23 . THR A 1 74  ? 5.295   2.657   6.563   1.00 1.03 ? 74  THR A HG23 1 
ATOM   1129 N N    . PRO A 1 75  ? 7.600   -1.119  4.071   1.00 0.15 ? 75  PRO A N    1 
ATOM   1130 C CA   . PRO A 1 75  ? 6.259   -0.925  3.464   1.00 0.15 ? 75  PRO A CA   1 
ATOM   1131 C C    . PRO A 1 75  ? 5.361   -2.131  3.782   1.00 0.12 ? 75  PRO A C    1 
ATOM   1132 O O    . PRO A 1 75  ? 5.813   -3.259  3.781   1.00 0.14 ? 75  PRO A O    1 
ATOM   1133 C CB   . PRO A 1 75  ? 6.542   -0.853  1.945   1.00 0.16 ? 75  PRO A CB   1 
ATOM   1134 C CG   . PRO A 1 75  ? 7.991   -1.375  1.723   1.00 0.18 ? 75  PRO A CG   1 
ATOM   1135 C CD   . PRO A 1 75  ? 8.638   -1.550  3.116   1.00 0.17 ? 75  PRO A CD   1 
ATOM   1136 H HA   . PRO A 1 75  ? 5.803   -0.014  3.797   1.00 0.15 ? 75  PRO A HA   1 
ATOM   1137 H HB2  . PRO A 1 75  ? 5.833   -1.466  1.397   1.00 0.16 ? 75  PRO A HB2  1 
ATOM   1138 H HB3  . PRO A 1 75  ? 6.471   0.171   1.605   1.00 0.17 ? 75  PRO A HB3  1 
ATOM   1139 H HG2  . PRO A 1 75  ? 7.964   -2.325  1.202   1.00 0.19 ? 75  PRO A HG2  1 
ATOM   1140 H HG3  . PRO A 1 75  ? 8.559   -0.658  1.144   1.00 0.21 ? 75  PRO A HG3  1 
ATOM   1141 H HD2  . PRO A 1 75  ? 8.897   -2.587  3.287   1.00 0.17 ? 75  PRO A HD2  1 
ATOM   1142 H HD3  . PRO A 1 75  ? 9.512   -0.923  3.214   1.00 0.19 ? 75  PRO A HD3  1 
ATOM   1143 N N    . THR A 1 76  ? 4.088   -1.902  4.023   1.00 0.11 ? 76  THR A N    1 
ATOM   1144 C CA   . THR A 1 76  ? 3.148   -3.041  4.307   1.00 0.10 ? 76  THR A CA   1 
ATOM   1145 C C    . THR A 1 76  ? 2.149   -3.129  3.162   1.00 0.11 ? 76  THR A C    1 
ATOM   1146 O O    . THR A 1 76  ? 1.357   -2.233  2.954   1.00 0.15 ? 76  THR A O    1 
ATOM   1147 C CB   . THR A 1 76  ? 2.385   -2.796  5.626   1.00 0.12 ? 76  THR A CB   1 
ATOM   1148 O OG1  . THR A 1 76  ? 3.278   -2.235  6.567   1.00 0.13 ? 76  THR A OG1  1 
ATOM   1149 C CG2  . THR A 1 76  ? 1.806   -4.112  6.201   1.00 0.13 ? 76  THR A CG2  1 
ATOM   1150 H H    . THR A 1 76  ? 3.745   -0.982  3.997   1.00 0.12 ? 76  THR A H    1 
ATOM   1151 H HA   . THR A 1 76  ? 3.699   -3.965  4.370   1.00 0.10 ? 76  THR A HA   1 
ATOM   1152 H HB   . THR A 1 76  ? 1.572   -2.104  5.449   1.00 0.13 ? 76  THR A HB   1 
ATOM   1153 H HG1  . THR A 1 76  ? 3.916   -2.910  6.802   1.00 0.91 ? 76  THR A HG1  1 
ATOM   1154 H HG21 . THR A 1 76  ? 2.270   -4.972  5.741   1.00 1.00 ? 76  THR A HG21 1 
ATOM   1155 H HG22 . THR A 1 76  ? 1.988   -4.141  7.266   1.00 1.04 ? 76  THR A HG22 1 
ATOM   1156 H HG23 . THR A 1 76  ? 0.739   -4.150  6.024   1.00 1.02 ? 76  THR A HG23 1 
ATOM   1157 N N    . PHE A 1 77  ? 2.175   -4.193  2.409   1.00 0.09 ? 77  PHE A N    1 
ATOM   1158 C CA   . PHE A 1 77  ? 1.214   -4.309  1.278   1.00 0.10 ? 77  PHE A CA   1 
ATOM   1159 C C    . PHE A 1 77  ? -0.062  -4.974  1.770   1.00 0.10 ? 77  PHE A C    1 
ATOM   1160 O O    . PHE A 1 77  ? -0.061  -6.100  2.223   1.00 0.16 ? 77  PHE A O    1 
ATOM   1161 C CB   . PHE A 1 77  ? 1.826   -5.132  0.149   1.00 0.10 ? 77  PHE A CB   1 
ATOM   1162 C CG   . PHE A 1 77  ? 2.939   -4.334  -0.479  1.00 0.10 ? 77  PHE A CG   1 
ATOM   1163 C CD1  . PHE A 1 77  ? 2.631   -3.297  -1.379  1.00 0.09 ? 77  PHE A CD1  1 
ATOM   1164 C CD2  . PHE A 1 77  ? 4.280   -4.623  -0.163  1.00 0.11 ? 77  PHE A CD2  1 
ATOM   1165 C CE1  . PHE A 1 77  ? 3.668   -2.547  -1.965  1.00 0.10 ? 77  PHE A CE1  1 
ATOM   1166 C CE2  . PHE A 1 77  ? 5.317   -3.876  -0.749  1.00 0.12 ? 77  PHE A CE2  1 
ATOM   1167 C CZ   . PHE A 1 77  ? 5.015   -2.838  -1.651  1.00 0.11 ? 77  PHE A CZ   1 
ATOM   1168 H H    . PHE A 1 77  ? 2.823   -4.908  2.586   1.00 0.11 ? 77  PHE A H    1 
ATOM   1169 H HA   . PHE A 1 77  ? 0.975   -3.325  0.905   1.00 0.10 ? 77  PHE A HA   1 
ATOM   1170 H HB2  . PHE A 1 77  ? 2.215   -6.057  0.540   1.00 0.11 ? 77  PHE A HB2  1 
ATOM   1171 H HB3  . PHE A 1 77  ? 1.071   -5.341  -0.595  1.00 0.11 ? 77  PHE A HB3  1 
ATOM   1172 H HD1  . PHE A 1 77  ? 1.598   -3.080  -1.621  1.00 0.09 ? 77  PHE A HD1  1 
ATOM   1173 H HD2  . PHE A 1 77  ? 4.511   -5.417  0.532   1.00 0.13 ? 77  PHE A HD2  1 
ATOM   1174 H HE1  . PHE A 1 77  ? 3.430   -1.754  -2.660  1.00 0.11 ? 77  PHE A HE1  1 
ATOM   1175 H HE2  . PHE A 1 77  ? 6.346   -4.098  -0.509  1.00 0.14 ? 77  PHE A HE2  1 
ATOM   1176 H HZ   . PHE A 1 77  ? 5.816   -2.268  -2.101  1.00 0.12 ? 77  PHE A HZ   1 
ATOM   1177 N N    . GLN A 1 78  ? -1.153  -4.266  1.677   1.00 0.10 ? 78  GLN A N    1 
ATOM   1178 C CA   . GLN A 1 78  ? -2.465  -4.805  2.127   1.00 0.11 ? 78  GLN A CA   1 
ATOM   1179 C C    . GLN A 1 78  ? -3.363  -4.935  0.901   1.00 0.10 ? 78  GLN A C    1 
ATOM   1180 O O    . GLN A 1 78  ? -3.396  -4.066  0.052   1.00 0.12 ? 78  GLN A O    1 
ATOM   1181 C CB   . GLN A 1 78  ? -3.080  -3.822  3.125   1.00 0.14 ? 78  GLN A CB   1 
ATOM   1182 C CG   . GLN A 1 78  ? -2.053  -3.471  4.209   1.00 0.14 ? 78  GLN A CG   1 
ATOM   1183 C CD   . GLN A 1 78  ? -2.774  -2.899  5.434   1.00 0.20 ? 78  GLN A CD   1 
ATOM   1184 O OE1  . GLN A 1 78  ? -3.677  -2.097  5.304   1.00 1.03 ? 78  GLN A OE1  1 
ATOM   1185 N NE2  . GLN A 1 78  ? -2.414  -3.286  6.627   1.00 1.19 ? 78  GLN A NE2  1 
ATOM   1186 H H    . GLN A 1 78  ? -1.108  -3.362  1.307   1.00 0.12 ? 78  GLN A H    1 
ATOM   1187 H HA   . GLN A 1 78  ? -2.342  -5.773  2.594   1.00 0.11 ? 78  GLN A HA   1 
ATOM   1188 H HB2  . GLN A 1 78  ? -3.363  -2.919  2.607   1.00 0.16 ? 78  GLN A HB2  1 
ATOM   1189 H HB3  . GLN A 1 78  ? -3.952  -4.268  3.582   1.00 0.19 ? 78  GLN A HB3  1 
ATOM   1190 H HG2  . GLN A 1 78  ? -1.506  -4.358  4.492   1.00 0.17 ? 78  GLN A HG2  1 
ATOM   1191 H HG3  . GLN A 1 78  ? -1.365  -2.731  3.823   1.00 0.15 ? 78  GLN A HG3  1 
ATOM   1192 H HE21 . GLN A 1 78  ? -1.688  -3.936  6.735   1.00 2.01 ? 78  GLN A HE21 1 
ATOM   1193 H HE22 . GLN A 1 78  ? -2.870  -2.926  7.417   1.00 1.22 ? 78  GLN A HE22 1 
ATOM   1194 N N    . PHE A 1 79  ? -4.068  -6.029  0.787   1.00 0.10 ? 79  PHE A N    1 
ATOM   1195 C CA   . PHE A 1 79  ? -4.947  -6.253  -0.403  1.00 0.10 ? 79  PHE A CA   1 
ATOM   1196 C C    . PHE A 1 79  ? -6.413  -6.196  0.018   1.00 0.11 ? 79  PHE A C    1 
ATOM   1197 O O    . PHE A 1 79  ? -6.845  -6.912  0.900   1.00 0.15 ? 79  PHE A O    1 
ATOM   1198 C CB   . PHE A 1 79  ? -4.633  -7.632  -0.995  1.00 0.12 ? 79  PHE A CB   1 
ATOM   1199 C CG   . PHE A 1 79  ? -3.225  -7.620  -1.552  1.00 0.12 ? 79  PHE A CG   1 
ATOM   1200 C CD1  . PHE A 1 79  ? -2.127  -7.535  -0.680  1.00 0.11 ? 79  PHE A CD1  1 
ATOM   1201 C CD2  . PHE A 1 79  ? -3.013  -7.671  -2.940  1.00 0.13 ? 79  PHE A CD2  1 
ATOM   1202 C CE1  . PHE A 1 79  ? -0.816  -7.503  -1.189  1.00 0.12 ? 79  PHE A CE1  1 
ATOM   1203 C CE2  . PHE A 1 79  ? -1.705  -7.632  -3.457  1.00 0.14 ? 79  PHE A CE2  1 
ATOM   1204 C CZ   . PHE A 1 79  ? -0.607  -7.550  -2.583  1.00 0.13 ? 79  PHE A CZ   1 
ATOM   1205 H H    . PHE A 1 79  ? -3.997  -6.723  1.477   1.00 0.11 ? 79  PHE A H    1 
ATOM   1206 H HA   . PHE A 1 79  ? -4.763  -5.497  -1.154  1.00 0.11 ? 79  PHE A HA   1 
ATOM   1207 H HB2  . PHE A 1 79  ? -4.711  -8.383  -0.223  1.00 0.12 ? 79  PHE A HB2  1 
ATOM   1208 H HB3  . PHE A 1 79  ? -5.334  -7.855  -1.786  1.00 0.13 ? 79  PHE A HB3  1 
ATOM   1209 H HD1  . PHE A 1 79  ? -2.291  -7.501  0.377   1.00 0.12 ? 79  PHE A HD1  1 
ATOM   1210 H HD2  . PHE A 1 79  ? -3.850  -7.741  -3.605  1.00 0.15 ? 79  PHE A HD2  1 
ATOM   1211 H HE1  . PHE A 1 79  ? 0.029   -7.443  -0.511  1.00 0.13 ? 79  PHE A HE1  1 
ATOM   1212 H HE2  . PHE A 1 79  ? -1.545  -7.671  -4.524  1.00 0.16 ? 79  PHE A HE2  1 
ATOM   1213 H HZ   . PHE A 1 79  ? 0.392   -7.511  -2.982  1.00 0.14 ? 79  PHE A HZ   1 
ATOM   1214 N N    . PHE A 1 80  ? -7.180  -5.344  -0.618  1.00 0.10 ? 80  PHE A N    1 
ATOM   1215 C CA   . PHE A 1 80  ? -8.631  -5.216  -0.283  1.00 0.11 ? 80  PHE A CA   1 
ATOM   1216 C C    . PHE A 1 80  ? -9.454  -5.461  -1.544  1.00 0.10 ? 80  PHE A C    1 
ATOM   1217 O O    . PHE A 1 80  ? -8.971  -5.318  -2.650  1.00 0.10 ? 80  PHE A O    1 
ATOM   1218 C CB   . PHE A 1 80  ? -8.922  -3.803  0.235   1.00 0.12 ? 80  PHE A CB   1 
ATOM   1219 C CG   . PHE A 1 80  ? -8.369  -3.641  1.633   1.00 0.13 ? 80  PHE A CG   1 
ATOM   1220 C CD1  . PHE A 1 80  ? -9.140  -4.017  2.750   1.00 0.25 ? 80  PHE A CD1  1 
ATOM   1221 C CD2  . PHE A 1 80  ? -7.082  -3.105  1.815   1.00 0.11 ? 80  PHE A CD2  1 
ATOM   1222 C CE1  . PHE A 1 80  ? -8.622  -3.854  4.050   1.00 0.27 ? 80  PHE A CE1  1 
ATOM   1223 C CE2  . PHE A 1 80  ? -6.563  -2.943  3.114   1.00 0.12 ? 80  PHE A CE2  1 
ATOM   1224 C CZ   . PHE A 1 80  ? -7.332  -3.317  4.232   1.00 0.18 ? 80  PHE A CZ   1 
ATOM   1225 H H    . PHE A 1 80  ? -6.797  -4.784  -1.326  1.00 0.10 ? 80  PHE A H    1 
ATOM   1226 H HA   . PHE A 1 80  ? -8.907  -5.935  0.466   1.00 0.12 ? 80  PHE A HA   1 
ATOM   1227 H HB2  . PHE A 1 80  ? -8.460  -3.079  -0.419  1.00 0.12 ? 80  PHE A HB2  1 
ATOM   1228 H HB3  . PHE A 1 80  ? -9.990  -3.640  0.252   1.00 0.15 ? 80  PHE A HB3  1 
ATOM   1229 H HD1  . PHE A 1 80  ? -10.129 -4.429  2.610   1.00 0.33 ? 80  PHE A HD1  1 
ATOM   1230 H HD2  . PHE A 1 80  ? -6.494  -2.820  0.962   1.00 0.18 ? 80  PHE A HD2  1 
ATOM   1231 H HE1  . PHE A 1 80  ? -9.212  -4.142  4.907   1.00 0.38 ? 80  PHE A HE1  1 
ATOM   1232 H HE2  . PHE A 1 80  ? -5.575  -2.531  3.253   1.00 0.18 ? 80  PHE A HE2  1 
ATOM   1233 H HZ   . PHE A 1 80  ? -6.931  -3.191  5.227   1.00 0.21 ? 80  PHE A HZ   1 
ATOM   1234 N N    . LYS A 1 81  ? -10.695 -5.832  -1.391  1.00 0.10 ? 81  LYS A N    1 
ATOM   1235 C CA   . LYS A 1 81  ? -11.549 -6.086  -2.579  1.00 0.10 ? 81  LYS A CA   1 
ATOM   1236 C C    . LYS A 1 81  ? -12.995 -5.848  -2.147  1.00 0.11 ? 81  LYS A C    1 
ATOM   1237 O O    . LYS A 1 81  ? -13.461 -6.422  -1.183  1.00 0.13 ? 81  LYS A O    1 
ATOM   1238 C CB   . LYS A 1 81  ? -11.337 -7.541  -3.031  1.00 0.12 ? 81  LYS A CB   1 
ATOM   1239 C CG   . LYS A 1 81  ? -11.703 -7.713  -4.516  1.00 0.13 ? 81  LYS A CG   1 
ATOM   1240 C CD   . LYS A 1 81  ? -11.151 -9.058  -5.027  1.00 0.19 ? 81  LYS A CD   1 
ATOM   1241 C CE   . LYS A 1 81  ? -11.188 -9.110  -6.561  1.00 0.26 ? 81  LYS A CE   1 
ATOM   1242 N NZ   . LYS A 1 81  ? -12.556 -9.483  -7.017  1.00 1.50 ? 81  LYS A NZ   1 
ATOM   1243 H H    . LYS A 1 81  ? -11.070 -5.947  -0.490  1.00 0.11 ? 81  LYS A H    1 
ATOM   1244 H HA   . LYS A 1 81  ? -11.287 -5.402  -3.373  1.00 0.10 ? 81  LYS A HA   1 
ATOM   1245 H HB2  . LYS A 1 81  ? -10.301 -7.804  -2.882  1.00 0.13 ? 81  LYS A HB2  1 
ATOM   1246 H HB3  . LYS A 1 81  ? -11.956 -8.197  -2.434  1.00 0.13 ? 81  LYS A HB3  1 
ATOM   1247 H HG2  . LYS A 1 81  ? -12.778 -7.698  -4.625  1.00 0.15 ? 81  LYS A HG2  1 
ATOM   1248 H HG3  . LYS A 1 81  ? -11.271 -6.908  -5.088  1.00 0.14 ? 81  LYS A HG3  1 
ATOM   1249 H HD2  . LYS A 1 81  ? -10.131 -9.181  -4.696  1.00 0.23 ? 81  LYS A HD2  1 
ATOM   1250 H HD3  . LYS A 1 81  ? -11.753 -9.863  -4.631  1.00 0.24 ? 81  LYS A HD3  1 
ATOM   1251 H HE2  . LYS A 1 81  ? -10.922 -8.148  -6.970  1.00 0.92 ? 81  LYS A HE2  1 
ATOM   1252 H HE3  . LYS A 1 81  ? -10.482 -9.851  -6.910  1.00 0.94 ? 81  LYS A HE3  1 
ATOM   1253 H HZ1  . LYS A 1 81  ? -13.257 -9.117  -6.342  1.00 2.07 ? 81  LYS A HZ1  1 
ATOM   1254 H HZ2  . LYS A 1 81  ? -12.733 -9.071  -7.954  1.00 2.03 ? 81  LYS A HZ2  1 
ATOM   1255 H HZ3  . LYS A 1 81  ? -12.632 -10.520 -7.071  1.00 2.06 ? 81  LYS A HZ3  1 
ATOM   1256 N N    . LYS A 1 82  ? -13.699 -4.984  -2.823  1.00 0.12 ? 82  LYS A N    1 
ATOM   1257 C CA   . LYS A 1 82  ? -15.101 -4.694  -2.415  1.00 0.15 ? 82  LYS A CA   1 
ATOM   1258 C C    . LYS A 1 82  ? -15.144 -4.269  -0.938  1.00 0.16 ? 82  LYS A C    1 
ATOM   1259 O O    . LYS A 1 82  ? -16.113 -4.504  -0.245  1.00 0.25 ? 82  LYS A O    1 
ATOM   1260 C CB   . LYS A 1 82  ? -15.976 -5.943  -2.629  1.00 0.17 ? 82  LYS A CB   1 
ATOM   1261 C CG   . LYS A 1 82  ? -16.418 -6.023  -4.098  1.00 0.23 ? 82  LYS A CG   1 
ATOM   1262 C CD   . LYS A 1 82  ? -17.319 -7.260  -4.320  1.00 0.34 ? 82  LYS A CD   1 
ATOM   1263 C CE   . LYS A 1 82  ? -16.478 -8.473  -4.756  1.00 0.97 ? 82  LYS A CE   1 
ATOM   1264 N NZ   . LYS A 1 82  ? -17.192 -9.727  -4.393  1.00 1.69 ? 82  LYS A NZ   1 
ATOM   1265 H H    . LYS A 1 82  ? -13.303 -4.511  -3.587  1.00 0.13 ? 82  LYS A H    1 
ATOM   1266 H HA   . LYS A 1 82  ? -15.478 -3.881  -3.018  1.00 0.16 ? 82  LYS A HA   1 
ATOM   1267 H HB2  . LYS A 1 82  ? -15.408 -6.826  -2.380  1.00 0.21 ? 82  LYS A HB2  1 
ATOM   1268 H HB3  . LYS A 1 82  ? -16.845 -5.888  -1.995  1.00 0.18 ? 82  LYS A HB3  1 
ATOM   1269 H HG2  . LYS A 1 82  ? -16.969 -5.126  -4.348  1.00 0.31 ? 82  LYS A HG2  1 
ATOM   1270 H HG3  . LYS A 1 82  ? -15.544 -6.089  -4.732  1.00 0.31 ? 82  LYS A HG3  1 
ATOM   1271 H HD2  . LYS A 1 82  ? -17.839 -7.501  -3.403  1.00 1.01 ? 82  LYS A HD2  1 
ATOM   1272 H HD3  . LYS A 1 82  ? -18.047 -7.040  -5.088  1.00 0.95 ? 82  LYS A HD3  1 
ATOM   1273 H HE2  . LYS A 1 82  ? -16.322 -8.447  -5.824  1.00 1.62 ? 82  LYS A HE2  1 
ATOM   1274 H HE3  . LYS A 1 82  ? -15.523 -8.452  -4.253  1.00 1.56 ? 82  LYS A HE3  1 
ATOM   1275 H HZ1  . LYS A 1 82  ? -17.672 -9.596  -3.482  1.00 2.21 ? 82  LYS A HZ1  1 
ATOM   1276 H HZ2  . LYS A 1 82  ? -17.895 -9.954  -5.124  1.00 2.05 ? 82  LYS A HZ2  1 
ATOM   1277 H HZ3  . LYS A 1 82  ? -16.504 -10.503 -4.316  1.00 2.23 ? 82  LYS A HZ3  1 
ATOM   1278 N N    . GLY A 1 83  ? -14.116 -3.619  -0.459  1.00 0.15 ? 83  GLY A N    1 
ATOM   1279 C CA   . GLY A 1 83  ? -14.120 -3.155  0.962   1.00 0.16 ? 83  GLY A CA   1 
ATOM   1280 C C    . GLY A 1 83  ? -13.738 -4.290  1.913   1.00 0.17 ? 83  GLY A C    1 
ATOM   1281 O O    . GLY A 1 83  ? -13.776 -4.127  3.117   1.00 0.22 ? 83  GLY A O    1 
ATOM   1282 H H    . GLY A 1 83  ? -13.350 -3.418  -1.037  1.00 0.21 ? 83  GLY A H    1 
ATOM   1283 H HA2  . GLY A 1 83  ? -13.414 -2.348  1.075   1.00 0.17 ? 83  GLY A HA2  1 
ATOM   1284 H HA3  . GLY A 1 83  ? -15.108 -2.799  1.216   1.00 0.18 ? 83  GLY A HA3  1 
ATOM   1285 N N    . GLN A 1 84  ? -13.380 -5.442  1.396   1.00 0.16 ? 84  GLN A N    1 
ATOM   1286 C CA   . GLN A 1 84  ? -13.005 -6.593  2.290   1.00 0.18 ? 84  GLN A CA   1 
ATOM   1287 C C    . GLN A 1 84  ? -11.529 -6.959  2.109   1.00 0.15 ? 84  GLN A C    1 
ATOM   1288 O O    . GLN A 1 84  ? -10.970 -6.819  1.044   1.00 0.13 ? 84  GLN A O    1 
ATOM   1289 C CB   . GLN A 1 84  ? -13.862 -7.796  1.927   1.00 0.22 ? 84  GLN A CB   1 
ATOM   1290 C CG   . GLN A 1 84  ? -15.336 -7.454  2.145   1.00 0.28 ? 84  GLN A CG   1 
ATOM   1291 C CD   . GLN A 1 84  ? -16.146 -8.743  2.087   1.00 1.36 ? 84  GLN A CD   1 
ATOM   1292 O OE1  . GLN A 1 84  ? -17.235 -8.822  2.623   1.00 1.45 ? 84  GLN A OE1  1 
ATOM   1293 N NE2  . GLN A 1 84  ? -15.647 -9.764  1.453   1.00 2.43 ? 84  GLN A NE2  1 
ATOM   1294 H H    . GLN A 1 84  ? -13.370 -5.556  0.419   1.00 0.16 ? 84  GLN A H    1 
ATOM   1295 H HA   . GLN A 1 84  ? -13.179 -6.337  3.326   1.00 0.21 ? 84  GLN A HA   1 
ATOM   1296 H HB2  . GLN A 1 84  ? -13.699 -8.054  0.891   1.00 0.30 ? 84  GLN A HB2  1 
ATOM   1297 H HB3  . GLN A 1 84  ? -13.591 -8.632  2.555   1.00 0.34 ? 84  GLN A HB3  1 
ATOM   1298 H HG2  . GLN A 1 84  ? -15.462 -6.984  3.109   1.00 0.79 ? 84  GLN A HG2  1 
ATOM   1299 H HG3  . GLN A 1 84  ? -15.671 -6.783  1.367   1.00 0.95 ? 84  GLN A HG3  1 
ATOM   1300 H HE21 . GLN A 1 84  ? -14.765 -9.690  1.025   1.00 2.50 ? 84  GLN A HE21 1 
ATOM   1301 H HE22 . GLN A 1 84  ? -16.146 -10.603 1.403   1.00 3.22 ? 84  GLN A HE22 1 
ATOM   1302 N N    . LYS A 1 85  ? -10.900 -7.434  3.155   1.00 0.17 ? 85  LYS A N    1 
ATOM   1303 C CA   . LYS A 1 85  ? -9.457  -7.818  3.071   1.00 0.16 ? 85  LYS A CA   1 
ATOM   1304 C C    . LYS A 1 85  ? -9.324  -9.254  2.554   1.00 0.15 ? 85  LYS A C    1 
ATOM   1305 O O    . LYS A 1 85  ? -10.148 -10.101 2.838   1.00 0.19 ? 85  LYS A O    1 
ATOM   1306 C CB   . LYS A 1 85  ? -8.838  -7.714  4.467   1.00 0.20 ? 85  LYS A CB   1 
ATOM   1307 C CG   . LYS A 1 85  ? -7.345  -8.060  4.406   1.00 0.39 ? 85  LYS A CG   1 
ATOM   1308 C CD   . LYS A 1 85  ? -6.633  -7.512  5.650   1.00 0.23 ? 85  LYS A CD   1 
ATOM   1309 C CE   . LYS A 1 85  ? -7.393  -7.928  6.913   1.00 0.99 ? 85  LYS A CE   1 
ATOM   1310 N NZ   . LYS A 1 85  ? -6.543  -7.679  8.112   1.00 1.57 ? 85  LYS A NZ   1 
ATOM   1311 H H    . LYS A 1 85  ? -11.380 -7.539  4.002   1.00 0.20 ? 85  LYS A H    1 
ATOM   1312 H HA   . LYS A 1 85  ? -8.942  -7.148  2.405   1.00 0.14 ? 85  LYS A HA   1 
ATOM   1313 H HB2  . LYS A 1 85  ? -8.961  -6.706  4.836   1.00 0.18 ? 85  LYS A HB2  1 
ATOM   1314 H HB3  . LYS A 1 85  ? -9.337  -8.403  5.132   1.00 0.30 ? 85  LYS A HB3  1 
ATOM   1315 H HG2  . LYS A 1 85  ? -7.227  -9.134  4.369   1.00 0.62 ? 85  LYS A HG2  1 
ATOM   1316 H HG3  . LYS A 1 85  ? -6.907  -7.620  3.522   1.00 0.58 ? 85  LYS A HG3  1 
ATOM   1317 H HD2  . LYS A 1 85  ? -5.628  -7.907  5.690   1.00 0.53 ? 85  LYS A HD2  1 
ATOM   1318 H HD3  . LYS A 1 85  ? -6.593  -6.434  5.595   1.00 0.71 ? 85  LYS A HD3  1 
ATOM   1319 H HE2  . LYS A 1 85  ? -8.302  -7.349  6.993   1.00 1.57 ? 85  LYS A HE2  1 
ATOM   1320 H HE3  . LYS A 1 85  ? -7.640  -8.977  6.857   1.00 1.62 ? 85  LYS A HE3  1 
ATOM   1321 H HZ1  . LYS A 1 85  ? -6.104  -6.740  8.037   1.00 2.02 ? 85  LYS A HZ1  1 
ATOM   1322 H HZ2  . LYS A 1 85  ? -7.134  -7.719  8.968   1.00 2.03 ? 85  LYS A HZ2  1 
ATOM   1323 H HZ3  . LYS A 1 85  ? -5.801  -8.405  8.168   1.00 2.11 ? 85  LYS A HZ3  1 
ATOM   1324 N N    . VAL A 1 86  ? -8.292  -9.532  1.786   1.00 0.13 ? 86  VAL A N    1 
ATOM   1325 C CA   . VAL A 1 86  ? -8.096  -10.915 1.234   1.00 0.15 ? 86  VAL A CA   1 
ATOM   1326 C C    . VAL A 1 86  ? -6.659  -11.392 1.493   1.00 0.19 ? 86  VAL A C    1 
ATOM   1327 O O    . VAL A 1 86  ? -6.394  -12.577 1.518   1.00 0.30 ? 86  VAL A O    1 
ATOM   1328 C CB   . VAL A 1 86  ? -8.352  -10.900 -0.279  1.00 0.16 ? 86  VAL A CB   1 
ATOM   1329 C CG1  . VAL A 1 86  ? -9.855  -10.745 -0.567  1.00 0.22 ? 86  VAL A CG1  1 
ATOM   1330 C CG2  . VAL A 1 86  ? -7.587  -9.730  -0.908  1.00 0.22 ? 86  VAL A CG2  1 
ATOM   1331 H H    . VAL A 1 86  ? -7.647  -8.828  1.570   1.00 0.14 ? 86  VAL A H    1 
ATOM   1332 H HA   . VAL A 1 86  ? -8.780  -11.604 1.708   1.00 0.16 ? 86  VAL A HA   1 
ATOM   1333 H HB   . VAL A 1 86  ? -8.002  -11.828 -0.707  1.00 0.20 ? 86  VAL A HB   1 
ATOM   1334 H HG11 . VAL A 1 86  ? -10.427 -11.325 0.141   1.00 1.02 ? 86  VAL A HG11 1 
ATOM   1335 H HG12 . VAL A 1 86  ? -10.137 -9.704  -0.490  1.00 1.03 ? 86  VAL A HG12 1 
ATOM   1336 H HG13 . VAL A 1 86  ? -10.064 -11.099 -1.566  1.00 1.03 ? 86  VAL A HG13 1 
ATOM   1337 H HG21 . VAL A 1 86  ? -6.538  -9.815  -0.666  1.00 1.06 ? 86  VAL A HG21 1 
ATOM   1338 H HG22 . VAL A 1 86  ? -7.714  -9.753  -1.980  1.00 1.00 ? 86  VAL A HG22 1 
ATOM   1339 H HG23 . VAL A 1 86  ? -7.971  -8.799  -0.520  1.00 1.08 ? 86  VAL A HG23 1 
ATOM   1340 N N    . GLY A 1 87  ? -5.726  -10.494 1.678   1.00 0.17 ? 87  GLY A N    1 
ATOM   1341 C CA   . GLY A 1 87  ? -4.318  -10.936 1.926   1.00 0.21 ? 87  GLY A CA   1 
ATOM   1342 C C    . GLY A 1 87  ? -3.445  -9.738  2.309   1.00 0.15 ? 87  GLY A C    1 
ATOM   1343 O O    . GLY A 1 87  ? -3.889  -8.606  2.300   1.00 0.14 ? 87  GLY A O    1 
ATOM   1344 H H    . GLY A 1 87  ? -5.946  -9.539  1.651   1.00 0.20 ? 87  GLY A H    1 
ATOM   1345 H HA2  . GLY A 1 87  ? -4.306  -11.660 2.727   1.00 0.26 ? 87  GLY A HA2  1 
ATOM   1346 H HA3  . GLY A 1 87  ? -3.923  -11.388 1.028   1.00 0.26 ? 87  GLY A HA3  1 
ATOM   1347 N N    . GLU A 1 88  ? -2.203  -9.978  2.648   1.00 0.14 ? 88  GLU A N    1 
ATOM   1348 C CA   . GLU A 1 88  ? -1.304  -8.852  3.032   1.00 0.11 ? 88  GLU A CA   1 
ATOM   1349 C C    . GLU A 1 88  ? 0.118   -9.363  3.257   1.00 0.10 ? 88  GLU A C    1 
ATOM   1350 O O    . GLU A 1 88  ? 0.330   -10.500 3.629   1.00 0.11 ? 88  GLU A O    1 
ATOM   1351 C CB   . GLU A 1 88  ? -1.811  -8.213  4.324   1.00 0.13 ? 88  GLU A CB   1 
ATOM   1352 C CG   . GLU A 1 88  ? -2.093  -9.309  5.354   1.00 0.23 ? 88  GLU A CG   1 
ATOM   1353 C CD   . GLU A 1 88  ? -2.449  -8.670  6.698   1.00 1.17 ? 88  GLU A CD   1 
ATOM   1354 O OE1  . GLU A 1 88  ? -3.012  -7.588  6.687   1.00 1.94 ? 88  GLU A OE1  1 
ATOM   1355 O OE2  . GLU A 1 88  ? -2.152  -9.274  7.716   1.00 1.93 ? 88  GLU A OE2  1 
ATOM   1356 H H    . GLU A 1 88  ? -1.865  -10.898 2.649   1.00 0.16 ? 88  GLU A H    1 
ATOM   1357 H HA   . GLU A 1 88  ? -1.293  -8.114  2.250   1.00 0.11 ? 88  GLU A HA   1 
ATOM   1358 H HB2  . GLU A 1 88  ? -1.059  -7.540  4.710   1.00 0.20 ? 88  GLU A HB2  1 
ATOM   1359 H HB3  . GLU A 1 88  ? -2.717  -7.664  4.123   1.00 0.13 ? 88  GLU A HB3  1 
ATOM   1360 H HG2  . GLU A 1 88  ? -2.918  -9.920  5.014   1.00 1.00 ? 88  GLU A HG2  1 
ATOM   1361 H HG3  . GLU A 1 88  ? -1.215  -9.926  5.473   1.00 0.89 ? 88  GLU A HG3  1 
ATOM   1362 N N    . PHE A 1 89  ? 1.093   -8.518  3.056   1.00 0.09 ? 89  PHE A N    1 
ATOM   1363 C CA   . PHE A 1 89  ? 2.501   -8.946  3.285   1.00 0.09 ? 89  PHE A CA   1 
ATOM   1364 C C    . PHE A 1 89  ? 3.438   -7.736  3.248   1.00 0.08 ? 89  PHE A C    1 
ATOM   1365 O O    . PHE A 1 89  ? 3.375   -6.913  2.360   1.00 0.08 ? 89  PHE A O    1 
ATOM   1366 C CB   . PHE A 1 89  ? 2.925   -9.994  2.238   1.00 0.10 ? 89  PHE A CB   1 
ATOM   1367 C CG   . PHE A 1 89  ? 3.233   -9.349  0.901   1.00 0.10 ? 89  PHE A CG   1 
ATOM   1368 C CD1  . PHE A 1 89  ? 4.436   -8.635  0.714   1.00 0.10 ? 89  PHE A CD1  1 
ATOM   1369 C CD2  . PHE A 1 89  ? 2.321   -9.478  -0.166  1.00 0.11 ? 89  PHE A CD2  1 
ATOM   1370 C CE1  . PHE A 1 89  ? 4.721   -8.051  -0.533  1.00 0.11 ? 89  PHE A CE1  1 
ATOM   1371 C CE2  . PHE A 1 89  ? 2.609   -8.894  -1.412  1.00 0.12 ? 89  PHE A CE2  1 
ATOM   1372 C CZ   . PHE A 1 89  ? 3.809   -8.182  -1.598  1.00 0.12 ? 89  PHE A CZ   1 
ATOM   1373 H H    . PHE A 1 89  ? 0.895   -7.600  2.773   1.00 0.09 ? 89  PHE A H    1 
ATOM   1374 H HA   . PHE A 1 89  ? 2.561   -9.392  4.259   1.00 0.10 ? 89  PHE A HA   1 
ATOM   1375 H HB2  . PHE A 1 89  ? 3.807   -10.508 2.591   1.00 0.11 ? 89  PHE A HB2  1 
ATOM   1376 H HB3  . PHE A 1 89  ? 2.127   -10.712 2.113   1.00 0.12 ? 89  PHE A HB3  1 
ATOM   1377 H HD1  . PHE A 1 89  ? 5.142   -8.537  1.525   1.00 0.10 ? 89  PHE A HD1  1 
ATOM   1378 H HD2  . PHE A 1 89  ? 1.400   -10.022 -0.027  1.00 0.12 ? 89  PHE A HD2  1 
ATOM   1379 H HE1  . PHE A 1 89  ? 5.640   -7.505  -0.672  1.00 0.13 ? 89  PHE A HE1  1 
ATOM   1380 H HE2  . PHE A 1 89  ? 1.916   -9.003  -2.230  1.00 0.14 ? 89  PHE A HE2  1 
ATOM   1381 H HZ   . PHE A 1 89  ? 4.028   -7.733  -2.557  1.00 0.14 ? 89  PHE A HZ   1 
ATOM   1382 N N    . SER A 1 90  ? 4.315   -7.631  4.214   1.00 0.09 ? 90  SER A N    1 
ATOM   1383 C CA   . SER A 1 90  ? 5.280   -6.487  4.256   1.00 0.09 ? 90  SER A CA   1 
ATOM   1384 C C    . SER A 1 90  ? 6.658   -6.984  3.815   1.00 0.10 ? 90  SER A C    1 
ATOM   1385 O O    . SER A 1 90  ? 6.796   -8.074  3.296   1.00 0.15 ? 90  SER A O    1 
ATOM   1386 C CB   . SER A 1 90  ? 5.364   -5.950  5.686   1.00 0.10 ? 90  SER A CB   1 
ATOM   1387 O OG   . SER A 1 90  ? 6.229   -6.781  6.450   1.00 0.12 ? 90  SER A OG   1 
ATOM   1388 H H    . SER A 1 90  ? 4.345   -8.314  4.916   1.00 0.09 ? 90  SER A H    1 
ATOM   1389 H HA   . SER A 1 90  ? 4.959   -5.695  3.593   1.00 0.09 ? 90  SER A HA   1 
ATOM   1390 H HB2  . SER A 1 90  ? 5.752   -4.945  5.674   1.00 0.11 ? 90  SER A HB2  1 
ATOM   1391 H HB3  . SER A 1 90  ? 4.375   -5.945  6.125   1.00 0.11 ? 90  SER A HB3  1 
ATOM   1392 H HG   . SER A 1 90  ? 6.661   -6.233  7.109   1.00 0.80 ? 90  SER A HG   1 
ATOM   1393 N N    . GLY A 1 91  ? 7.677   -6.195  4.011   1.00 0.13 ? 91  GLY A N    1 
ATOM   1394 C CA   . GLY A 1 91  ? 9.048   -6.622  3.596   1.00 0.14 ? 91  GLY A CA   1 
ATOM   1395 C C    . GLY A 1 91  ? 9.289   -6.205  2.145   1.00 0.13 ? 91  GLY A C    1 
ATOM   1396 O O    . GLY A 1 91  ? 8.473   -6.441  1.277   1.00 0.16 ? 91  GLY A O    1 
ATOM   1397 H H    . GLY A 1 91  ? 7.543   -5.318  4.428   1.00 0.17 ? 91  GLY A H    1 
ATOM   1398 H HA2  . GLY A 1 91  ? 9.780   -6.148  4.236   1.00 0.15 ? 91  GLY A HA2  1 
ATOM   1399 H HA3  . GLY A 1 91  ? 9.138   -7.696  3.680   1.00 0.15 ? 91  GLY A HA3  1 
ATOM   1400 N N    . ALA A 1 92  ? 10.397  -5.570  1.877   1.00 0.12 ? 92  ALA A N    1 
ATOM   1401 C CA   . ALA A 1 92  ? 10.683  -5.117  0.482   1.00 0.13 ? 92  ALA A CA   1 
ATOM   1402 C C    . ALA A 1 92  ? 10.669  -6.299  -0.501  1.00 0.14 ? 92  ALA A C    1 
ATOM   1403 O O    . ALA A 1 92  ? 11.665  -6.966  -0.694  1.00 0.18 ? 92  ALA A O    1 
ATOM   1404 C CB   . ALA A 1 92  ? 12.063  -4.447  0.439   1.00 0.16 ? 92  ALA A CB   1 
ATOM   1405 H H    . ALA A 1 92  ? 11.038  -5.375  2.599   1.00 0.14 ? 92  ALA A H    1 
ATOM   1406 H HA   . ALA A 1 92  ? 9.929   -4.401  0.182   1.00 0.13 ? 92  ALA A HA   1 
ATOM   1407 H HB1  . ALA A 1 92  ? 12.734  -4.963  1.109   1.00 1.02 ? 92  ALA A HB1  1 
ATOM   1408 H HB2  . ALA A 1 92  ? 12.460  -4.483  -0.567  1.00 1.02 ? 92  ALA A HB2  1 
ATOM   1409 H HB3  . ALA A 1 92  ? 11.971  -3.420  0.745   1.00 1.02 ? 92  ALA A HB3  1 
ATOM   1410 N N    . ASN A 1 93  ? 9.561   -6.530  -1.157  1.00 0.14 ? 93  ASN A N    1 
ATOM   1411 C CA   . ASN A 1 93  ? 9.493   -7.631  -2.170  1.00 0.17 ? 93  ASN A CA   1 
ATOM   1412 C C    . ASN A 1 93  ? 8.631   -7.148  -3.340  1.00 0.14 ? 93  ASN A C    1 
ATOM   1413 O O    . ASN A 1 93  ? 7.473   -7.496  -3.458  1.00 0.15 ? 93  ASN A O    1 
ATOM   1414 C CB   . ASN A 1 93  ? 8.877   -8.899  -1.560  1.00 0.21 ? 93  ASN A CB   1 
ATOM   1415 C CG   . ASN A 1 93  ? 9.279   -10.109 -2.410  1.00 0.26 ? 93  ASN A CG   1 
ATOM   1416 O OD1  . ASN A 1 93  ? 8.806   -10.273 -3.516  1.00 1.12 ? 93  ASN A OD1  1 
ATOM   1417 N ND2  . ASN A 1 93  ? 10.155  -10.957 -1.944  1.00 1.10 ? 93  ASN A ND2  1 
ATOM   1418 H H    . ASN A 1 93  ? 8.780   -5.957  -1.011  1.00 0.13 ? 93  ASN A H    1 
ATOM   1419 H HA   . ASN A 1 93  ? 10.491  -7.848  -2.535  1.00 0.20 ? 93  ASN A HA   1 
ATOM   1420 H HB2  . ASN A 1 93  ? 9.239   -9.030  -0.552  1.00 0.22 ? 93  ASN A HB2  1 
ATOM   1421 H HB3  . ASN A 1 93  ? 7.801   -8.814  -1.545  1.00 0.20 ? 93  ASN A HB3  1 
ATOM   1422 H HD21 . ASN A 1 93  ? 10.548  -10.819 -1.057  1.00 1.92 ? 93  ASN A HD21 1 
ATOM   1423 H HD22 . ASN A 1 93  ? 10.420  -11.734 -2.481  1.00 1.10 ? 93  ASN A HD22 1 
ATOM   1424 N N    . LYS A 1 94  ? 9.178   -6.325  -4.192  1.00 0.15 ? 94  LYS A N    1 
ATOM   1425 C CA   . LYS A 1 94  ? 8.376   -5.799  -5.333  1.00 0.15 ? 94  LYS A CA   1 
ATOM   1426 C C    . LYS A 1 94  ? 7.984   -6.925  -6.288  1.00 0.15 ? 94  LYS A C    1 
ATOM   1427 O O    . LYS A 1 94  ? 6.934   -6.890  -6.898  1.00 0.16 ? 94  LYS A O    1 
ATOM   1428 C CB   . LYS A 1 94  ? 9.184   -4.744  -6.098  1.00 0.20 ? 94  LYS A CB   1 
ATOM   1429 C CG   . LYS A 1 94  ? 10.611  -5.269  -6.416  1.00 0.28 ? 94  LYS A CG   1 
ATOM   1430 C CD   . LYS A 1 94  ? 11.647  -4.638  -5.468  1.00 0.78 ? 94  LYS A CD   1 
ATOM   1431 C CE   . LYS A 1 94  ? 12.044  -3.250  -5.983  1.00 0.39 ? 94  LYS A CE   1 
ATOM   1432 N NZ   . LYS A 1 94  ? 13.011  -2.625  -5.036  1.00 1.20 ? 94  LYS A NZ   1 
ATOM   1433 H H    . LYS A 1 94  ? 10.107  -6.038  -4.071  1.00 0.18 ? 94  LYS A H    1 
ATOM   1434 H HA   . LYS A 1 94  ? 7.486   -5.343  -4.944  1.00 0.14 ? 94  LYS A HA   1 
ATOM   1435 H HB2  . LYS A 1 94  ? 8.669   -4.516  -7.023  1.00 0.24 ? 94  LYS A HB2  1 
ATOM   1436 H HB3  . LYS A 1 94  ? 9.243   -3.847  -5.501  1.00 0.19 ? 94  LYS A HB3  1 
ATOM   1437 H HG2  . LYS A 1 94  ? 10.640  -6.346  -6.304  1.00 0.86 ? 94  LYS A HG2  1 
ATOM   1438 H HG3  . LYS A 1 94  ? 10.867  -5.020  -7.438  1.00 0.86 ? 94  LYS A HG3  1 
ATOM   1439 H HD2  . LYS A 1 94  ? 11.224  -4.548  -4.478  1.00 1.54 ? 94  LYS A HD2  1 
ATOM   1440 H HD3  . LYS A 1 94  ? 12.524  -5.267  -5.425  1.00 1.47 ? 94  LYS A HD3  1 
ATOM   1441 H HE2  . LYS A 1 94  ? 12.505  -3.347  -6.955  1.00 0.91 ? 94  LYS A HE2  1 
ATOM   1442 H HE3  . LYS A 1 94  ? 11.164  -2.630  -6.063  1.00 0.86 ? 94  LYS A HE3  1 
ATOM   1443 H HZ1  . LYS A 1 94  ? 12.586  -2.575  -4.090  1.00 1.78 ? 94  LYS A HZ1  1 
ATOM   1444 H HZ2  . LYS A 1 94  ? 13.879  -3.198  -4.999  1.00 1.79 ? 94  LYS A HZ2  1 
ATOM   1445 H HZ3  . LYS A 1 94  ? 13.242  -1.665  -5.361  1.00 1.66 ? 94  LYS A HZ3  1 
ATOM   1446 N N    . GLU A 1 95  ? 8.814   -7.915  -6.442  1.00 0.16 ? 95  GLU A N    1 
ATOM   1447 C CA   . GLU A 1 95  ? 8.475   -9.019  -7.376  1.00 0.18 ? 95  GLU A CA   1 
ATOM   1448 C C    . GLU A 1 95  ? 7.261   -9.788  -6.854  1.00 0.16 ? 95  GLU A C    1 
ATOM   1449 O O    . GLU A 1 95  ? 6.501   -10.352 -7.616  1.00 0.18 ? 95  GLU A O    1 
ATOM   1450 C CB   . GLU A 1 95  ? 9.673   -9.962  -7.499  1.00 0.21 ? 95  GLU A CB   1 
ATOM   1451 C CG   . GLU A 1 95  ? 10.864  -9.203  -8.100  1.00 0.31 ? 95  GLU A CG   1 
ATOM   1452 C CD   . GLU A 1 95  ? 11.892  -10.200 -8.640  1.00 1.11 ? 95  GLU A CD   1 
ATOM   1453 O OE1  . GLU A 1 95  ? 11.732  -11.382 -8.387  1.00 1.85 ? 95  GLU A OE1  1 
ATOM   1454 O OE2  . GLU A 1 95  ? 12.821  -9.763  -9.300  1.00 1.84 ? 95  GLU A OE2  1 
ATOM   1455 H H    . GLU A 1 95  ? 9.663   -7.929  -5.954  1.00 0.16 ? 95  GLU A H    1 
ATOM   1456 H HA   . GLU A 1 95  ? 8.245   -8.606  -8.347  1.00 0.20 ? 95  GLU A HA   1 
ATOM   1457 H HB2  . GLU A 1 95  ? 9.938   -10.335 -6.520  1.00 0.26 ? 95  GLU A HB2  1 
ATOM   1458 H HB3  . GLU A 1 95  ? 9.412   -10.788 -8.140  1.00 0.25 ? 95  GLU A HB3  1 
ATOM   1459 H HG2  . GLU A 1 95  ? 10.521  -8.570  -8.905  1.00 0.93 ? 95  GLU A HG2  1 
ATOM   1460 H HG3  . GLU A 1 95  ? 11.323  -8.595  -7.335  1.00 0.82 ? 95  GLU A HG3  1 
ATOM   1461 N N    . LYS A 1 96  ? 7.065   -9.814  -5.565  1.00 0.14 ? 96  LYS A N    1 
ATOM   1462 C CA   . LYS A 1 96  ? 5.893   -10.547 -5.017  1.00 0.15 ? 96  LYS A CA   1 
ATOM   1463 C C    . LYS A 1 96  ? 4.608   -9.796  -5.379  1.00 0.13 ? 96  LYS A C    1 
ATOM   1464 O O    . LYS A 1 96  ? 3.577   -10.401 -5.579  1.00 0.13 ? 96  LYS A O    1 
ATOM   1465 C CB   . LYS A 1 96  ? 6.011   -10.691 -3.489  1.00 0.17 ? 96  LYS A CB   1 
ATOM   1466 C CG   . LYS A 1 96  ? 4.683   -11.203 -2.917  1.00 0.23 ? 96  LYS A CG   1 
ATOM   1467 C CD   . LYS A 1 96  ? 4.858   -11.629 -1.451  1.00 0.19 ? 96  LYS A CD   1 
ATOM   1468 C CE   . LYS A 1 96  ? 5.557   -12.995 -1.353  1.00 0.82 ? 96  LYS A CE   1 
ATOM   1469 N NZ   . LYS A 1 96  ? 5.165   -13.655 -0.075  1.00 1.69 ? 96  LYS A NZ   1 
ATOM   1470 H H    . LYS A 1 96  ? 7.679   -9.351  -4.965  1.00 0.14 ? 96  LYS A H    1 
ATOM   1471 H HA   . LYS A 1 96  ? 5.858   -11.531 -5.462  1.00 0.17 ? 96  LYS A HA   1 
ATOM   1472 H HB2  . LYS A 1 96  ? 6.793   -11.397 -3.254  1.00 0.27 ? 96  LYS A HB2  1 
ATOM   1473 H HB3  . LYS A 1 96  ? 6.244   -9.732  -3.051  1.00 0.25 ? 96  LYS A HB3  1 
ATOM   1474 H HG2  . LYS A 1 96  ? 3.953   -10.416 -2.969  1.00 0.36 ? 96  LYS A HG2  1 
ATOM   1475 H HG3  . LYS A 1 96  ? 4.341   -12.040 -3.501  1.00 0.39 ? 96  LYS A HG3  1 
ATOM   1476 H HD2  . LYS A 1 96  ? 5.449   -10.888 -0.934  1.00 0.58 ? 96  LYS A HD2  1 
ATOM   1477 H HD3  . LYS A 1 96  ? 3.886   -11.696 -0.985  1.00 0.53 ? 96  LYS A HD3  1 
ATOM   1478 H HE2  . LYS A 1 96  ? 5.265   -13.626 -2.180  1.00 1.44 ? 96  LYS A HE2  1 
ATOM   1479 H HE3  . LYS A 1 96  ? 6.628   -12.855 -1.370  1.00 1.48 ? 96  LYS A HE3  1 
ATOM   1480 H HZ1  . LYS A 1 96  ? 4.323   -13.184 0.314   1.00 2.24 ? 96  LYS A HZ1  1 
ATOM   1481 H HZ2  . LYS A 1 96  ? 4.948   -14.658 -0.255  1.00 2.21 ? 96  LYS A HZ2  1 
ATOM   1482 H HZ3  . LYS A 1 96  ? 5.945   -13.584 0.608   1.00 2.15 ? 96  LYS A HZ3  1 
ATOM   1483 N N    . LEU A 1 97  ? 4.637   -8.486  -5.459  1.00 0.12 ? 97  LEU A N    1 
ATOM   1484 C CA   . LEU A 1 97  ? 3.374   -7.767  -5.803  1.00 0.12 ? 97  LEU A CA   1 
ATOM   1485 C C    . LEU A 1 97  ? 2.805   -8.373  -7.086  1.00 0.11 ? 97  LEU A C    1 
ATOM   1486 O O    . LEU A 1 97  ? 1.606   -8.470  -7.263  1.00 0.11 ? 97  LEU A O    1 
ATOM   1487 C CB   . LEU A 1 97  ? 3.623   -6.260  -6.042  1.00 0.16 ? 97  LEU A CB   1 
ATOM   1488 C CG   . LEU A 1 97  ? 3.850   -5.497  -4.720  1.00 0.22 ? 97  LEU A CG   1 
ATOM   1489 C CD1  . LEU A 1 97  ? 4.473   -4.112  -5.041  1.00 0.25 ? 97  LEU A CD1  1 
ATOM   1490 C CD2  . LEU A 1 97  ? 2.507   -5.308  -3.954  1.00 0.44 ? 97  LEU A CD2  1 
ATOM   1491 H H    . LEU A 1 97  ? 5.469   -7.990  -5.292  1.00 0.13 ? 97  LEU A H    1 
ATOM   1492 H HA   . LEU A 1 97  ? 2.667   -7.908  -5.005  1.00 0.13 ? 97  LEU A HA   1 
ATOM   1493 H HB2  . LEU A 1 97  ? 4.493   -6.140  -6.670  1.00 0.27 ? 97  LEU A HB2  1 
ATOM   1494 H HB3  . LEU A 1 97  ? 2.766   -5.836  -6.547  1.00 0.35 ? 97  LEU A HB3  1 
ATOM   1495 H HG   . LEU A 1 97  ? 4.541   -6.060  -4.106  1.00 0.29 ? 97  LEU A HG   1 
ATOM   1496 H HD11 . LEU A 1 97  ? 4.133   -3.768  -6.008  1.00 1.05 ? 97  LEU A HD11 1 
ATOM   1497 H HD12 . LEU A 1 97  ? 4.186   -3.395  -4.295  1.00 1.06 ? 97  LEU A HD12 1 
ATOM   1498 H HD13 . LEU A 1 97  ? 5.545   -4.191  -5.052  1.00 1.02 ? 97  LEU A HD13 1 
ATOM   1499 H HD21 . LEU A 1 97  ? 1.792   -6.054  -4.252  1.00 1.16 ? 97  LEU A HD21 1 
ATOM   1500 H HD22 . LEU A 1 97  ? 2.686   -5.397  -2.892  1.00 1.16 ? 97  LEU A HD22 1 
ATOM   1501 H HD23 . LEU A 1 97  ? 2.092   -4.332  -4.162  1.00 1.06 ? 97  LEU A HD23 1 
ATOM   1502 N N    . GLU A 1 98  ? 3.657   -8.778  -7.984  1.00 0.12 ? 98  GLU A N    1 
ATOM   1503 C CA   . GLU A 1 98  ? 3.164   -9.376  -9.257  1.00 0.13 ? 98  GLU A CA   1 
ATOM   1504 C C    . GLU A 1 98  ? 2.496   -10.722 -8.966  1.00 0.12 ? 98  GLU A C    1 
ATOM   1505 O O    . GLU A 1 98  ? 1.356   -10.953 -9.319  1.00 0.12 ? 98  GLU A O    1 
ATOM   1506 C CB   . GLU A 1 98  ? 4.336   -9.591  -10.217 1.00 0.17 ? 98  GLU A CB   1 
ATOM   1507 C CG   . GLU A 1 98  ? 3.798   -9.996  -11.592 1.00 0.27 ? 98  GLU A CG   1 
ATOM   1508 C CD   . GLU A 1 98  ? 4.966   -10.298 -12.532 1.00 1.24 ? 98  GLU A CD   1 
ATOM   1509 O OE1  . GLU A 1 98  ? 6.097   -10.227 -12.082 1.00 1.95 ? 98  GLU A OE1  1 
ATOM   1510 O OE2  . GLU A 1 98  ? 4.710   -10.594 -13.688 1.00 2.05 ? 98  GLU A OE2  1 
ATOM   1511 H H    . GLU A 1 98  ? 4.624   -8.691  -7.817  1.00 0.13 ? 98  GLU A H    1 
ATOM   1512 H HA   . GLU A 1 98  ? 2.444   -8.708  -9.713  1.00 0.14 ? 98  GLU A HA   1 
ATOM   1513 H HB2  . GLU A 1 98  ? 4.901   -8.674  -10.306 1.00 0.22 ? 98  GLU A HB2  1 
ATOM   1514 H HB3  . GLU A 1 98  ? 4.975   -10.373 -9.838  1.00 0.21 ? 98  GLU A HB3  1 
ATOM   1515 H HG2  . GLU A 1 98  ? 3.179   -10.877 -11.490 1.00 0.97 ? 98  GLU A HG2  1 
ATOM   1516 H HG3  . GLU A 1 98  ? 3.208   -9.189  -12.000 1.00 0.94 ? 98  GLU A HG3  1 
ATOM   1517 N N    . ALA A 1 99  ? 3.204   -11.614 -8.330  1.00 0.13 ? 99  ALA A N    1 
ATOM   1518 C CA   . ALA A 1 99  ? 2.626   -12.952 -8.019  1.00 0.14 ? 99  ALA A CA   1 
ATOM   1519 C C    . ALA A 1 99  ? 1.362   -12.800 -7.167  1.00 0.12 ? 99  ALA A C    1 
ATOM   1520 O O    . ALA A 1 99  ? 0.383   -13.484 -7.375  1.00 0.14 ? 99  ALA A O    1 
ATOM   1521 C CB   . ALA A 1 99  ? 3.656   -13.783 -7.251  1.00 0.17 ? 99  ALA A CB   1 
ATOM   1522 H H    . ALA A 1 99  ? 4.124   -11.407 -8.061  1.00 0.14 ? 99  ALA A H    1 
ATOM   1523 H HA   . ALA A 1 99  ? 2.377   -13.457 -8.940  1.00 0.16 ? 99  ALA A HA   1 
ATOM   1524 H HB1  . ALA A 1 99  ? 4.621   -13.691 -7.729  1.00 1.04 ? 99  ALA A HB1  1 
ATOM   1525 H HB2  . ALA A 1 99  ? 3.723   -13.424 -6.235  1.00 1.00 ? 99  ALA A HB2  1 
ATOM   1526 H HB3  . ALA A 1 99  ? 3.354   -14.820 -7.249  1.00 1.05 ? 99  ALA A HB3  1 
ATOM   1527 N N    . THR A 1 100 ? 1.377   -11.916 -6.205  1.00 0.11 ? 100 THR A N    1 
ATOM   1528 C CA   . THR A 1 100 ? 0.177   -11.736 -5.335  1.00 0.12 ? 100 THR A CA   1 
ATOM   1529 C C    . THR A 1 100 ? -0.975  -11.151 -6.156  1.00 0.11 ? 100 THR A C    1 
ATOM   1530 O O    . THR A 1 100 ? -2.099  -11.600 -6.071  1.00 0.13 ? 100 THR A O    1 
ATOM   1531 C CB   . THR A 1 100 ? 0.522   -10.789 -4.180  1.00 0.13 ? 100 THR A CB   1 
ATOM   1532 O OG1  . THR A 1 100 ? 1.811   -11.111 -3.677  1.00 0.17 ? 100 THR A OG1  1 
ATOM   1533 C CG2  . THR A 1 100 ? -0.515  -10.939 -3.063  1.00 0.16 ? 100 THR A CG2  1 
ATOM   1534 H H    . THR A 1 100 ? 2.179   -11.379 -6.049  1.00 0.12 ? 100 THR A H    1 
ATOM   1535 H HA   . THR A 1 100 ? -0.118  -12.695 -4.936  1.00 0.14 ? 100 THR A HA   1 
ATOM   1536 H HB   . THR A 1 100 ? 0.519   -9.769  -4.534  1.00 0.15 ? 100 THR A HB   1 
ATOM   1537 H HG1  . THR A 1 100 ? 1.767   -11.989 -3.291  1.00 0.89 ? 100 THR A HG1  1 
ATOM   1538 H HG21 . THR A 1 100 ? -1.508  -10.889 -3.485  1.00 1.04 ? 100 THR A HG21 1 
ATOM   1539 H HG22 . THR A 1 100 ? -0.380  -11.892 -2.574  1.00 1.03 ? 100 THR A HG22 1 
ATOM   1540 H HG23 . THR A 1 100 ? -0.388  -10.143 -2.345  1.00 1.02 ? 100 THR A HG23 1 
ATOM   1541 N N    . ILE A 1 101 ? -0.709  -10.158 -6.951  1.00 0.09 ? 101 ILE A N    1 
ATOM   1542 C CA   . ILE A 1 101 ? -1.798  -9.559  -7.776  1.00 0.11 ? 101 ILE A CA   1 
ATOM   1543 C C    . ILE A 1 101 ? -2.346  -10.636 -8.724  1.00 0.14 ? 101 ILE A C    1 
ATOM   1544 O O    . ILE A 1 101 ? -3.539  -10.857 -8.800  1.00 0.16 ? 101 ILE A O    1 
ATOM   1545 C CB   . ILE A 1 101 ? -1.234  -8.374  -8.581  1.00 0.13 ? 101 ILE A CB   1 
ATOM   1546 C CG1  . ILE A 1 101 ? -1.003  -7.175  -7.632  1.00 0.12 ? 101 ILE A CG1  1 
ATOM   1547 C CG2  . ILE A 1 101 ? -2.230  -7.979  -9.682  1.00 0.17 ? 101 ILE A CG2  1 
ATOM   1548 C CD1  . ILE A 1 101 ? 0.001   -6.185  -8.242  1.00 0.17 ? 101 ILE A CD1  1 
ATOM   1549 H H    . ILE A 1 101 ? 0.205   -9.806  -7.008  1.00 0.09 ? 101 ILE A H    1 
ATOM   1550 H HA   . ILE A 1 101 ? -2.594  -9.214  -7.130  1.00 0.12 ? 101 ILE A HA   1 
ATOM   1551 H HB   . ILE A 1 101 ? -0.300  -8.668  -9.033  1.00 0.14 ? 101 ILE A HB   1 
ATOM   1552 H HG12 . ILE A 1 101 ? -1.942  -6.668  -7.463  1.00 0.15 ? 101 ILE A HG12 1 
ATOM   1553 H HG13 . ILE A 1 101 ? -0.618  -7.530  -6.687  1.00 0.11 ? 101 ILE A HG13 1 
ATOM   1554 H HG21 . ILE A 1 101 ? -3.231  -7.972  -9.277  1.00 1.04 ? 101 ILE A HG21 1 
ATOM   1555 H HG22 . ILE A 1 101 ? -1.988  -6.998  -10.058 1.00 1.00 ? 101 ILE A HG22 1 
ATOM   1556 H HG23 . ILE A 1 101 ? -2.175  -8.695  -10.489 1.00 1.01 ? 101 ILE A HG23 1 
ATOM   1557 H HD11 . ILE A 1 101 ? 0.840   -6.721  -8.657  1.00 1.03 ? 101 ILE A HD11 1 
ATOM   1558 H HD12 . ILE A 1 101 ? -0.480  -5.610  -9.019  1.00 1.05 ? 101 ILE A HD12 1 
ATOM   1559 H HD13 . ILE A 1 101 ? 0.352   -5.516  -7.470  1.00 1.00 ? 101 ILE A HD13 1 
ATOM   1560 N N    . ASN A 1 102 ? -1.487  -11.310 -9.438  1.00 0.14 ? 102 ASN A N    1 
ATOM   1561 C CA   . ASN A 1 102 ? -1.963  -12.373 -10.369 1.00 0.18 ? 102 ASN A CA   1 
ATOM   1562 C C    . ASN A 1 102 ? -2.633  -13.491 -9.565  1.00 0.19 ? 102 ASN A C    1 
ATOM   1563 O O    . ASN A 1 102 ? -3.294  -14.352 -10.109 1.00 0.22 ? 102 ASN A O    1 
ATOM   1564 C CB   . ASN A 1 102 ? -0.774  -12.941 -11.150 1.00 0.20 ? 102 ASN A CB   1 
ATOM   1565 C CG   . ASN A 1 102 ? -1.287  -13.770 -12.331 1.00 0.28 ? 102 ASN A CG   1 
ATOM   1566 O OD1  . ASN A 1 102 ? -2.368  -14.318 -12.281 1.00 0.89 ? 102 ASN A OD1  1 
ATOM   1567 N ND2  . ASN A 1 102 ? -0.548  -13.883 -13.402 1.00 0.85 ? 102 ASN A ND2  1 
ATOM   1568 H H    . ASN A 1 102 ? -0.529  -11.120 -9.359  1.00 0.14 ? 102 ASN A H    1 
ATOM   1569 H HA   . ASN A 1 102 ? -2.678  -11.950 -11.060 1.00 0.21 ? 102 ASN A HA   1 
ATOM   1570 H HB2  . ASN A 1 102 ? -0.165  -12.129 -11.517 1.00 0.22 ? 102 ASN A HB2  1 
ATOM   1571 H HB3  . ASN A 1 102 ? -0.185  -13.571 -10.501 1.00 0.21 ? 102 ASN A HB3  1 
ATOM   1572 H HD21 . ASN A 1 102 ? 0.325   -13.440 -13.445 1.00 1.44 ? 102 ASN A HD21 1 
ATOM   1573 H HD22 . ASN A 1 102 ? -0.868  -14.411 -14.164 1.00 0.89 ? 102 ASN A HD22 1 
ATOM   1574 N N    . GLU A 1 103 ? -2.461  -13.490 -8.271  1.00 0.17 ? 103 GLU A N    1 
ATOM   1575 C CA   . GLU A 1 103 ? -3.088  -14.554 -7.436  1.00 0.19 ? 103 GLU A CA   1 
ATOM   1576 C C    . GLU A 1 103 ? -4.567  -14.236 -7.211  1.00 0.22 ? 103 GLU A C    1 
ATOM   1577 O O    . GLU A 1 103 ? -5.443  -15.001 -7.564  1.00 0.26 ? 103 GLU A O    1 
ATOM   1578 C CB   . GLU A 1 103 ? -2.384  -14.623 -6.071  1.00 0.19 ? 103 GLU A CB   1 
ATOM   1579 C CG   . GLU A 1 103 ? -2.763  -15.935 -5.319  1.00 0.24 ? 103 GLU A CG   1 
ATOM   1580 C CD   . GLU A 1 103 ? -1.519  -16.807 -5.092  1.00 1.16 ? 103 GLU A CD   1 
ATOM   1581 O OE1  . GLU A 1 103 ? -0.476  -16.249 -4.791  1.00 1.90 ? 103 GLU A OE1  1 
ATOM   1582 O OE2  . GLU A 1 103 ? -1.633  -18.014 -5.220  1.00 1.93 ? 103 GLU A OE2  1 
ATOM   1583 H H    . GLU A 1 103 ? -1.921  -12.790 -7.849  1.00 0.15 ? 103 GLU A H    1 
ATOM   1584 H HA   . GLU A 1 103 ? -2.994  -15.506 -7.939  1.00 0.21 ? 103 GLU A HA   1 
ATOM   1585 H HB2  . GLU A 1 103 ? -1.316  -14.574 -6.223  1.00 0.18 ? 103 GLU A HB2  1 
ATOM   1586 H HB3  . GLU A 1 103 ? -2.689  -13.773 -5.476  1.00 0.19 ? 103 GLU A HB3  1 
ATOM   1587 H HG2  . GLU A 1 103 ? -3.196  -15.688 -4.359  1.00 0.91 ? 103 GLU A HG2  1 
ATOM   1588 H HG3  . GLU A 1 103 ? -3.486  -16.500 -5.892  1.00 0.83 ? 103 GLU A HG3  1 
ATOM   1589 N N    . LEU A 1 104 ? -4.844  -13.120 -6.590  1.00 0.21 ? 104 LEU A N    1 
ATOM   1590 C CA   . LEU A 1 104 ? -6.258  -12.740 -6.289  1.00 0.25 ? 104 LEU A CA   1 
ATOM   1591 C C    . LEU A 1 104 ? -6.820  -11.825 -7.384  1.00 0.26 ? 104 LEU A C    1 
ATOM   1592 O O    . LEU A 1 104 ? -7.750  -11.079 -7.151  1.00 0.30 ? 104 LEU A O    1 
ATOM   1593 C CB   . LEU A 1 104 ? -6.298  -12.000 -4.942  1.00 0.26 ? 104 LEU A CB   1 
ATOM   1594 C CG   . LEU A 1 104 ? -5.612  -12.843 -3.845  1.00 0.33 ? 104 LEU A CG   1 
ATOM   1595 C CD1  . LEU A 1 104 ? -5.236  -11.927 -2.671  1.00 0.32 ? 104 LEU A CD1  1 
ATOM   1596 C CD2  . LEU A 1 104 ? -6.558  -13.977 -3.352  1.00 0.50 ? 104 LEU A CD2  1 
ATOM   1597 H H    . LEU A 1 104 ? -4.113  -12.537 -6.296  1.00 0.20 ? 104 LEU A H    1 
ATOM   1598 H HA   . LEU A 1 104 ? -6.866  -13.630 -6.225  1.00 0.27 ? 104 LEU A HA   1 
ATOM   1599 H HB2  . LEU A 1 104 ? -5.783  -11.060 -5.043  1.00 0.27 ? 104 LEU A HB2  1 
ATOM   1600 H HB3  . LEU A 1 104 ? -7.322  -11.815 -4.662  1.00 0.29 ? 104 LEU A HB3  1 
ATOM   1601 H HG   . LEU A 1 104 ? -4.706  -13.276 -4.246  1.00 0.44 ? 104 LEU A HG   1 
ATOM   1602 H HD11 . LEU A 1 104 ? -6.126  -11.451 -2.288  1.00 1.08 ? 104 LEU A HD11 1 
ATOM   1603 H HD12 . LEU A 1 104 ? -4.776  -12.513 -1.889  1.00 1.10 ? 104 LEU A HD12 1 
ATOM   1604 H HD13 . LEU A 1 104 ? -4.542  -11.172 -3.011  1.00 1.02 ? 104 LEU A HD13 1 
ATOM   1605 H HD21 . LEU A 1 104 ? -7.393  -14.089 -4.026  1.00 1.18 ? 104 LEU A HD21 1 
ATOM   1606 H HD22 . LEU A 1 104 ? -6.010  -14.910 -3.311  1.00 1.15 ? 104 LEU A HD22 1 
ATOM   1607 H HD23 . LEU A 1 104 ? -6.934  -13.746 -2.364  1.00 1.14 ? 104 LEU A HD23 1 
ATOM   1608 N N    . VAL A 1 105 ? -6.277  -11.864 -8.572  1.00 0.25 ? 105 VAL A N    1 
ATOM   1609 C CA   . VAL A 1 105 ? -6.813  -10.979 -9.649  1.00 0.29 ? 105 VAL A CA   1 
ATOM   1610 C C    . VAL A 1 105 ? -8.259  -11.373 -9.965  1.00 0.35 ? 105 VAL A C    1 
ATOM   1611 O O    . VAL A 1 105 ? -8.995  -10.519 -10.432 1.00 1.11 ? 105 VAL A O    1 
ATOM   1612 C CB   . VAL A 1 105 ? -5.950  -11.100 -10.913 1.00 0.29 ? 105 VAL A CB   1 
ATOM   1613 C CG1  . VAL A 1 105 ? -5.851  -12.567 -11.354 1.00 0.32 ? 105 VAL A CG1  1 
ATOM   1614 C CG2  . VAL A 1 105 ? -6.580  -10.268 -12.035 1.00 0.34 ? 105 VAL A CG2  1 
ATOM   1615 O OXT  . VAL A 1 105 ? -8.603  -12.520 -9.735  1.00 1.10 ? 105 VAL A OXT  1 
ATOM   1616 H H    . VAL A 1 105 ? -5.527  -12.468 -8.754  1.00 0.24 ? 105 VAL A H    1 
ATOM   1617 H HA   . VAL A 1 105 ? -6.797  -9.957  -9.306  1.00 0.29 ? 105 VAL A HA   1 
ATOM   1618 H HB   . VAL A 1 105 ? -4.960  -10.725 -10.703 1.00 0.27 ? 105 VAL A HB   1 
ATOM   1619 H HG11 . VAL A 1 105 ? -6.814  -13.044 -11.267 1.00 1.05 ? 105 VAL A HG11 1 
ATOM   1620 H HG12 . VAL A 1 105 ? -5.520  -12.614 -12.382 1.00 1.13 ? 105 VAL A HG12 1 
ATOM   1621 H HG13 . VAL A 1 105 ? -5.141  -13.080 -10.727 1.00 1.02 ? 105 VAL A HG13 1 
ATOM   1622 H HG21 . VAL A 1 105 ? -6.818  -9.283  -11.661 1.00 1.02 ? 105 VAL A HG21 1 
ATOM   1623 H HG22 . VAL A 1 105 ? -5.882  -10.184 -12.854 1.00 1.10 ? 105 VAL A HG22 1 
ATOM   1624 H HG23 . VAL A 1 105 ? -7.483  -10.751 -12.379 1.00 1.09 ? 105 VAL A HG23 1 
ATOM   1625 N N    . PHE B 2 1   ? 7.119   17.205  12.329  1.00 1.51 ? 1   PHE B N    1 
ATOM   1626 C CA   . PHE B 2 1   ? 7.961   16.023  11.987  1.00 0.88 ? 1   PHE B CA   1 
ATOM   1627 C C    . PHE B 2 1   ? 7.058   14.861  11.549  1.00 0.66 ? 1   PHE B C    1 
ATOM   1628 O O    . PHE B 2 1   ? 5.859   14.894  11.745  1.00 0.79 ? 1   PHE B O    1 
ATOM   1629 C CB   . PHE B 2 1   ? 8.813   15.635  13.210  1.00 1.55 ? 1   PHE B CB   1 
ATOM   1630 C CG   . PHE B 2 1   ? 8.010   14.814  14.201  1.00 2.06 ? 1   PHE B CG   1 
ATOM   1631 C CD1  . PHE B 2 1   ? 7.832   13.435  13.987  1.00 2.21 ? 1   PHE B CD1  1 
ATOM   1632 C CD2  . PHE B 2 1   ? 7.458   15.426  15.344  1.00 2.70 ? 1   PHE B CD2  1 
ATOM   1633 C CE1  . PHE B 2 1   ? 7.102   12.665  14.912  1.00 2.87 ? 1   PHE B CE1  1 
ATOM   1634 C CE2  . PHE B 2 1   ? 6.724   14.655  16.270  1.00 3.40 ? 1   PHE B CE2  1 
ATOM   1635 C CZ   . PHE B 2 1   ? 6.548   13.275  16.054  1.00 3.44 ? 1   PHE B CZ   1 
ATOM   1636 H H1   . PHE B 2 1   ? 6.236   17.171  11.782  1.00 1.96 ? 1   PHE B H1   1 
ATOM   1637 H H2   . PHE B 2 1   ? 6.897   17.191  13.344  1.00 1.90 ? 1   PHE B H2   1 
ATOM   1638 H H3   . PHE B 2 1   ? 7.638   18.078  12.098  1.00 2.06 ? 1   PHE B H3   1 
ATOM   1639 H HA   . PHE B 2 1   ? 8.617   16.285  11.168  1.00 0.94 ? 1   PHE B HA   1 
ATOM   1640 H HB2  . PHE B 2 1   ? 9.664   15.058  12.881  1.00 1.86 ? 1   PHE B HB2  1 
ATOM   1641 H HB3  . PHE B 2 1   ? 9.163   16.534  13.697  1.00 1.89 ? 1   PHE B HB3  1 
ATOM   1642 H HD1  . PHE B 2 1   ? 8.252   12.967  13.113  1.00 2.06 ? 1   PHE B HD1  1 
ATOM   1643 H HD2  . PHE B 2 1   ? 7.592   16.484  15.511  1.00 2.80 ? 1   PHE B HD2  1 
ATOM   1644 H HE1  . PHE B 2 1   ? 6.968   11.606  14.746  1.00 3.08 ? 1   PHE B HE1  1 
ATOM   1645 H HE2  . PHE B 2 1   ? 6.300   15.123  17.145  1.00 4.00 ? 1   PHE B HE2  1 
ATOM   1646 H HZ   . PHE B 2 1   ? 5.989   12.684  16.765  1.00 4.02 ? 1   PHE B HZ   1 
ATOM   1647 N N    . ARG B 2 2   ? 7.618   13.839  10.947  1.00 0.48 ? 2   ARG B N    1 
ATOM   1648 C CA   . ARG B 2 2   ? 6.782   12.683  10.489  1.00 0.39 ? 2   ARG B CA   1 
ATOM   1649 C C    . ARG B 2 2   ? 7.547   11.367  10.674  1.00 0.31 ? 2   ARG B C    1 
ATOM   1650 O O    . ARG B 2 2   ? 7.944   10.742  9.716   1.00 0.40 ? 2   ARG B O    1 
ATOM   1651 C CB   . ARG B 2 2   ? 6.457   12.837  9.000   1.00 0.52 ? 2   ARG B CB   1 
ATOM   1652 C CG   . ARG B 2 2   ? 5.457   13.976  8.768   1.00 0.72 ? 2   ARG B CG   1 
ATOM   1653 C CD   . ARG B 2 2   ? 5.254   14.159  7.255   1.00 1.12 ? 2   ARG B CD   1 
ATOM   1654 N NE   . ARG B 2 2   ? 3.912   14.762  7.008   1.00 1.17 ? 2   ARG B NE   1 
ATOM   1655 C CZ   . ARG B 2 2   ? 3.547   15.067  5.793   1.00 1.10 ? 2   ARG B CZ   1 
ATOM   1656 N NH1  . ARG B 2 2   ? 4.315   14.747  4.786   1.00 1.49 ? 2   ARG B NH1  1 
ATOM   1657 N NH2  . ARG B 2 2   ? 2.408   15.665  5.579   1.00 1.80 ? 2   ARG B NH2  1 
ATOM   1658 H H    . ARG B 2 2   ? 8.585   13.836  10.791  1.00 0.57 ? 2   ARG B H    1 
ATOM   1659 H HA   . ARG B 2 2   ? 5.861   12.644  11.055  1.00 0.54 ? 2   ARG B HA   1 
ATOM   1660 H HB2  . ARG B 2 2   ? 7.364   13.047  8.456   1.00 0.93 ? 2   ARG B HB2  1 
ATOM   1661 H HB3  . ARG B 2 2   ? 6.028   11.914  8.631   1.00 0.90 ? 2   ARG B HB3  1 
ATOM   1662 H HG2  . ARG B 2 2   ? 4.513   13.728  9.234   1.00 1.27 ? 2   ARG B HG2  1 
ATOM   1663 H HG3  . ARG B 2 2   ? 5.842   14.890  9.195   1.00 1.31 ? 2   ARG B HG3  1 
ATOM   1664 H HD2  . ARG B 2 2   ? 6.002   14.817  6.863   1.00 1.85 ? 2   ARG B HD2  1 
ATOM   1665 H HD3  . ARG B 2 2   ? 5.340   13.197  6.755   1.00 1.81 ? 2   ARG B HD3  1 
ATOM   1666 H HE   . ARG B 2 2   ? 3.316   14.958  7.761   1.00 1.94 ? 2   ARG B HE   1 
ATOM   1667 H HH11 . ARG B 2 2   ? 5.178   14.267  4.948   1.00 1.82 ? 2   ARG B HH11 1 
ATOM   1668 H HH12 . ARG B 2 2   ? 4.036   14.973  3.853   1.00 2.03 ? 2   ARG B HH12 1 
ATOM   1669 H HH21 . ARG B 2 2   ? 1.810   15.892  6.348   1.00 2.46 ? 2   ARG B HH21 1 
ATOM   1670 H HH22 . ARG B 2 2   ? 2.131   15.893  4.645   1.00 2.01 ? 2   ARG B HH22 1 
ATOM   1671 N N    . PHE B 2 3   ? 7.736   10.930  11.891  1.00 0.34 ? 3   PHE B N    1 
ATOM   1672 C CA   . PHE B 2 3   ? 8.455   9.635   12.144  1.00 0.29 ? 3   PHE B CA   1 
ATOM   1673 C C    . PHE B 2 3   ? 7.500   8.680   12.866  1.00 0.28 ? 3   PHE B C    1 
ATOM   1674 O O    . PHE B 2 3   ? 6.673   9.099   13.652  1.00 0.37 ? 3   PHE B O    1 
ATOM   1675 C CB   . PHE B 2 3   ? 9.696   9.897   13.007  1.00 0.31 ? 3   PHE B CB   1 
ATOM   1676 C CG   . PHE B 2 3   ? 10.841  10.376  12.132  1.00 0.34 ? 3   PHE B CG   1 
ATOM   1677 C CD1  . PHE B 2 3   ? 10.799  11.653  11.536  1.00 0.41 ? 3   PHE B CD1  1 
ATOM   1678 C CD2  . PHE B 2 3   ? 11.953  9.540   11.919  1.00 0.38 ? 3   PHE B CD2  1 
ATOM   1679 C CE1  . PHE B 2 3   ? 11.869  12.091  10.731  1.00 0.48 ? 3   PHE B CE1  1 
ATOM   1680 C CE2  . PHE B 2 3   ? 13.022  9.977   11.113  1.00 0.44 ? 3   PHE B CE2  1 
ATOM   1681 C CZ   . PHE B 2 3   ? 12.981  11.252  10.520  1.00 0.48 ? 3   PHE B CZ   1 
ATOM   1682 H H    . PHE B 2 3   ? 7.389   11.445  12.649  1.00 0.49 ? 3   PHE B H    1 
ATOM   1683 H HA   . PHE B 2 3   ? 8.759   9.182   11.207  1.00 0.32 ? 3   PHE B HA   1 
ATOM   1684 H HB2  . PHE B 2 3   ? 9.465   10.654  13.742  1.00 0.35 ? 3   PHE B HB2  1 
ATOM   1685 H HB3  . PHE B 2 3   ? 9.985   8.985   13.511  1.00 0.33 ? 3   PHE B HB3  1 
ATOM   1686 H HD1  . PHE B 2 3   ? 9.949   12.296  11.696  1.00 0.44 ? 3   PHE B HD1  1 
ATOM   1687 H HD2  . PHE B 2 3   ? 11.981  8.561   12.369  1.00 0.40 ? 3   PHE B HD2  1 
ATOM   1688 H HE1  . PHE B 2 3   ? 11.836  13.069  10.274  1.00 0.56 ? 3   PHE B HE1  1 
ATOM   1689 H HE2  . PHE B 2 3   ? 13.875  9.334   10.953  1.00 0.50 ? 3   PHE B HE2  1 
ATOM   1690 H HZ   . PHE B 2 3   ? 13.801  11.587  9.902   1.00 0.55 ? 3   PHE B HZ   1 
ATOM   1691 N N    . ARG B 2 4   ? 7.596   7.400   12.594  1.00 0.27 ? 4   ARG B N    1 
ATOM   1692 C CA   . ARG B 2 4   ? 6.683   6.409   13.252  1.00 0.28 ? 4   ARG B CA   1 
ATOM   1693 C C    . ARG B 2 4   ? 7.507   5.180   13.696  1.00 0.26 ? 4   ARG B C    1 
ATOM   1694 O O    . ARG B 2 4   ? 8.132   5.205   14.738  1.00 0.39 ? 4   ARG B O    1 
ATOM   1695 C CB   . ARG B 2 4   ? 5.574   6.019   12.240  1.00 0.35 ? 4   ARG B CB   1 
ATOM   1696 C CG   . ARG B 2 4   ? 4.226   6.666   12.618  1.00 0.83 ? 4   ARG B CG   1 
ATOM   1697 C CD   . ARG B 2 4   ? 3.735   6.169   13.996  1.00 0.81 ? 4   ARG B CD   1 
ATOM   1698 N NE   . ARG B 2 4   ? 2.450   5.408   13.772  1.00 0.93 ? 4   ARG B NE   1 
ATOM   1699 C CZ   . ARG B 2 4   ? 1.342   5.689   14.389  1.00 0.90 ? 4   ARG B CZ   1 
ATOM   1700 N NH1  . ARG B 2 4   ? 1.261   6.741   15.160  1.00 1.67 ? 4   ARG B NH1  1 
ATOM   1701 N NH2  . ARG B 2 4   ? 0.294   4.929   14.219  1.00 1.20 ? 4   ARG B NH2  1 
ATOM   1702 H H    . ARG B 2 4   ? 8.264   7.090   11.948  1.00 0.33 ? 4   ARG B H    1 
ATOM   1703 H HA   . ARG B 2 4   ? 6.240   6.858   14.131  1.00 0.29 ? 4   ARG B HA   1 
ATOM   1704 H HB2  . ARG B 2 4   ? 5.860   6.360   11.257  1.00 0.66 ? 4   ARG B HB2  1 
ATOM   1705 H HB3  . ARG B 2 4   ? 5.448   4.956   12.213  1.00 0.52 ? 4   ARG B HB3  1 
ATOM   1706 H HG2  . ARG B 2 4   ? 4.343   7.742   12.637  1.00 1.59 ? 4   ARG B HG2  1 
ATOM   1707 H HG3  . ARG B 2 4   ? 3.496   6.407   11.868  1.00 1.54 ? 4   ARG B HG3  1 
ATOM   1708 H HD2  . ARG B 2 4   ? 4.417   5.476   14.421  1.00 1.35 ? 4   ARG B HD2  1 
ATOM   1709 H HD3  . ARG B 2 4   ? 3.653   7.025   14.682  1.00 1.47 ? 4   ARG B HD3  1 
ATOM   1710 H HE   . ARG B 2 4   ? 2.461   4.643   13.159  1.00 1.67 ? 4   ARG B HE   1 
ATOM   1711 H HH11 . ARG B 2 4   ? 2.050   7.339   15.279  1.00 1.93 ? 4   ARG B HH11 1 
ATOM   1712 H HH12 . ARG B 2 4   ? 0.402   6.950   15.629  1.00 2.28 ? 4   ARG B HH12 1 
ATOM   1713 H HH21 . ARG B 2 4   ? 0.346   4.133   13.617  1.00 1.69 ? 4   ARG B HH21 1 
ATOM   1714 H HH22 . ARG B 2 4   ? -0.560  5.142   14.694  1.00 1.46 ? 4   ARG B HH22 1 
ATOM   1715 N N    . TYR B 2 5   ? 7.523   4.110   12.919  1.00 0.18 ? 5   TYR B N    1 
ATOM   1716 C CA   . TYR B 2 5   ? 8.318   2.888   13.303  1.00 0.17 ? 5   TYR B CA   1 
ATOM   1717 C C    . TYR B 2 5   ? 9.419   2.619   12.266  1.00 0.17 ? 5   TYR B C    1 
ATOM   1718 O O    . TYR B 2 5   ? 9.748   3.467   11.460  1.00 0.22 ? 5   TYR B O    1 
ATOM   1719 C CB   . TYR B 2 5   ? 7.389   1.663   13.464  1.00 0.17 ? 5   TYR B CB   1 
ATOM   1720 C CG   . TYR B 2 5   ? 6.270   1.685   12.452  1.00 0.18 ? 5   TYR B CG   1 
ATOM   1721 C CD1  . TYR B 2 5   ? 5.137   2.488   12.678  1.00 0.23 ? 5   TYR B CD1  1 
ATOM   1722 C CD2  . TYR B 2 5   ? 6.347   0.887   11.298  1.00 0.24 ? 5   TYR B CD2  1 
ATOM   1723 C CE1  . TYR B 2 5   ? 4.085   2.501   11.746  1.00 0.26 ? 5   TYR B CE1  1 
ATOM   1724 C CE2  . TYR B 2 5   ? 5.292   0.896   10.364  1.00 0.29 ? 5   TYR B CE2  1 
ATOM   1725 C CZ   . TYR B 2 5   ? 4.162   1.707   10.587  1.00 0.27 ? 5   TYR B CZ   1 
ATOM   1726 O OH   . TYR B 2 5   ? 3.133   1.723   9.672   1.00 0.33 ? 5   TYR B OH   1 
ATOM   1727 H H    . TYR B 2 5   ? 7.018   4.114   12.081  1.00 0.23 ? 5   TYR B H    1 
ATOM   1728 H HA   . TYR B 2 5   ? 8.808   3.066   14.252  1.00 0.20 ? 5   TYR B HA   1 
ATOM   1729 H HB2  . TYR B 2 5   ? 7.962   0.760   13.326  1.00 0.18 ? 5   TYR B HB2  1 
ATOM   1730 H HB3  . TYR B 2 5   ? 6.965   1.665   14.460  1.00 0.20 ? 5   TYR B HB3  1 
ATOM   1731 H HD1  . TYR B 2 5   ? 5.074   3.097   13.567  1.00 0.29 ? 5   TYR B HD1  1 
ATOM   1732 H HD2  . TYR B 2 5   ? 7.216   0.274   11.126  1.00 0.29 ? 5   TYR B HD2  1 
ATOM   1733 H HE1  . TYR B 2 5   ? 3.219   3.124   11.916  1.00 0.32 ? 5   TYR B HE1  1 
ATOM   1734 H HE2  . TYR B 2 5   ? 5.348   0.275   9.483   1.00 0.38 ? 5   TYR B HE2  1 
ATOM   1735 H HH   . TYR B 2 5   ? 2.966   2.638   9.432   1.00 0.95 ? 5   TYR B HH   1 
ATOM   1736 N N    . VAL B 2 6   ? 10.027  1.463   12.323  1.00 0.16 ? 6   VAL B N    1 
ATOM   1737 C CA   . VAL B 2 6   ? 11.154  1.150   11.390  1.00 0.17 ? 6   VAL B CA   1 
ATOM   1738 C C    . VAL B 2 6   ? 10.665  0.872   9.967   1.00 0.14 ? 6   VAL B C    1 
ATOM   1739 O O    . VAL B 2 6   ? 9.601   0.326   9.748   1.00 0.14 ? 6   VAL B O    1 
ATOM   1740 C CB   . VAL B 2 6   ? 11.899  -0.093  11.898  1.00 0.21 ? 6   VAL B CB   1 
ATOM   1741 C CG1  . VAL B 2 6   ? 13.298  -0.149  11.277  1.00 0.27 ? 6   VAL B CG1  1 
ATOM   1742 C CG2  . VAL B 2 6   ? 12.019  -0.034  13.420  1.00 0.26 ? 6   VAL B CG2  1 
ATOM   1743 H H    . VAL B 2 6   ? 9.770   0.814   13.010  1.00 0.19 ? 6   VAL B H    1 
ATOM   1744 H HA   . VAL B 2 6   ? 11.837  1.985   11.373  1.00 0.21 ? 6   VAL B HA   1 
ATOM   1745 H HB   . VAL B 2 6   ? 11.350  -0.984  11.618  1.00 0.21 ? 6   VAL B HB   1 
ATOM   1746 H HG11 . VAL B 2 6   ? 13.238  0.101   10.228  1.00 1.04 ? 6   VAL B HG11 1 
ATOM   1747 H HG12 . VAL B 2 6   ? 13.944  0.558   11.778  1.00 1.07 ? 6   VAL B HG12 1 
ATOM   1748 H HG13 . VAL B 2 6   ? 13.701  -1.145  11.387  1.00 1.04 ? 6   VAL B HG13 1 
ATOM   1749 H HG21 . VAL B 2 6   ? 12.469  0.904   13.707  1.00 1.06 ? 6   VAL B HG21 1 
ATOM   1750 H HG22 . VAL B 2 6   ? 11.038  -0.116  13.861  1.00 1.05 ? 6   VAL B HG22 1 
ATOM   1751 H HG23 . VAL B 2 6   ? 12.637  -0.851  13.761  1.00 1.04 ? 6   VAL B HG23 1 
ATOM   1752 N N    . CYS B 2 7   ? 11.482  1.207   8.998   1.00 0.15 ? 7   CYS B N    1 
ATOM   1753 C CA   . CYS B 2 7   ? 11.135  0.933   7.572   1.00 0.15 ? 7   CYS B CA   1 
ATOM   1754 C C    . CYS B 2 7   ? 11.897  -0.319  7.138   1.00 0.13 ? 7   CYS B C    1 
ATOM   1755 O O    . CYS B 2 7   ? 13.047  -0.247  6.753   1.00 0.13 ? 7   CYS B O    1 
ATOM   1756 C CB   . CYS B 2 7   ? 11.555  2.116   6.687   1.00 0.20 ? 7   CYS B CB   1 
ATOM   1757 S SG   . CYS B 2 7   ? 11.200  3.679   7.528   1.00 0.18 ? 7   CYS B SG   1 
ATOM   1758 H H    . CYS B 2 7   ? 12.348  1.611   9.214   1.00 0.17 ? 7   CYS B H    1 
ATOM   1759 H HA   . CYS B 2 7   ? 10.077  0.758   7.473   1.00 0.16 ? 7   CYS B HA   1 
ATOM   1760 H HB2  . CYS B 2 7   ? 12.614  2.060   6.480   1.00 0.25 ? 7   CYS B HB2  1 
ATOM   1761 H HB3  . CYS B 2 7   ? 11.006  2.079   5.757   1.00 0.26 ? 7   CYS B HB3  1 
ATOM   1762 N N    . GLU B 2 8   ? 11.286  -1.470  7.213   1.00 0.13 ? 8   GLU B N    1 
ATOM   1763 C CA   . GLU B 2 8   ? 12.012  -2.711  6.818   1.00 0.13 ? 8   GLU B CA   1 
ATOM   1764 C C    . GLU B 2 8   ? 11.955  -2.892  5.302   1.00 0.14 ? 8   GLU B C    1 
ATOM   1765 O O    . GLU B 2 8   ? 11.772  -3.987  4.794   1.00 0.16 ? 8   GLU B O    1 
ATOM   1766 C CB   . GLU B 2 8   ? 11.394  -3.928  7.512   1.00 0.17 ? 8   GLU B CB   1 
ATOM   1767 C CG   . GLU B 2 8   ? 9.864   -3.820  7.492   1.00 0.21 ? 8   GLU B CG   1 
ATOM   1768 C CD   . GLU B 2 8   ? 9.248   -5.206  7.709   1.00 0.37 ? 8   GLU B CD   1 
ATOM   1769 O OE1  . GLU B 2 8   ? 9.693   -5.895  8.612   1.00 1.13 ? 8   GLU B OE1  1 
ATOM   1770 O OE2  . GLU B 2 8   ? 8.346   -5.554  6.965   1.00 1.22 ? 8   GLU B OE2  1 
ATOM   1771 H H    . GLU B 2 8   ? 10.364  -1.519  7.544   1.00 0.15 ? 8   GLU B H    1 
ATOM   1772 H HA   . GLU B 2 8   ? 13.048  -2.622  7.117   1.00 0.12 ? 8   GLU B HA   1 
ATOM   1773 H HB2  . GLU B 2 8   ? 11.704  -4.828  6.997   1.00 0.18 ? 8   GLU B HB2  1 
ATOM   1774 H HB3  . GLU B 2 8   ? 11.735  -3.968  8.535   1.00 0.18 ? 8   GLU B HB3  1 
ATOM   1775 H HG2  . GLU B 2 8   ? 9.543   -3.157  8.282   1.00 0.39 ? 8   GLU B HG2  1 
ATOM   1776 H HG3  . GLU B 2 8   ? 9.539   -3.430  6.540   1.00 0.36 ? 8   GLU B HG3  1 
ATOM   1777 N N    . GLY B 2 9   ? 12.154  -1.835  4.572   1.00 0.14 ? 9   GLY B N    1 
ATOM   1778 C CA   . GLY B 2 9   ? 12.163  -1.961  3.095   1.00 0.16 ? 9   GLY B CA   1 
ATOM   1779 C C    . GLY B 2 9   ? 13.449  -2.727  2.732   1.00 0.13 ? 9   GLY B C    1 
ATOM   1780 O O    . GLY B 2 9   ? 13.744  -3.714  3.378   1.00 0.14 ? 9   GLY B O    1 
ATOM   1781 H H    . GLY B 2 9   ? 12.333  -0.970  4.995   1.00 0.14 ? 9   GLY B H    1 
ATOM   1782 H HA2  . GLY B 2 9   ? 11.290  -2.517  2.776   1.00 0.19 ? 9   GLY B HA2  1 
ATOM   1783 H HA3  . GLY B 2 9   ? 12.158  -0.986  2.656   1.00 0.18 ? 9   GLY B HA3  1 
ATOM   1784 N N    . PRO B 2 10  ? 14.213  -2.279  1.753   1.00 0.14 ? 10  PRO B N    1 
ATOM   1785 C CA   . PRO B 2 10  ? 15.467  -2.973  1.409   1.00 0.16 ? 10  PRO B CA   1 
ATOM   1786 C C    . PRO B 2 10  ? 16.467  -2.832  2.571   1.00 0.19 ? 10  PRO B C    1 
ATOM   1787 O O    . PRO B 2 10  ? 17.663  -2.950  2.393   1.00 0.25 ? 10  PRO B O    1 
ATOM   1788 C CB   . PRO B 2 10  ? 15.978  -2.271  0.128   1.00 0.20 ? 10  PRO B CB   1 
ATOM   1789 C CG   . PRO B 2 10  ? 15.008  -1.092  -0.173  1.00 0.23 ? 10  PRO B CG   1 
ATOM   1790 C CD   . PRO B 2 10  ? 13.911  -1.100  0.915   1.00 0.18 ? 10  PRO B CD   1 
ATOM   1791 H HA   . PRO B 2 10  ? 15.271  -4.014  1.215   1.00 0.16 ? 10  PRO B HA   1 
ATOM   1792 H HB2  . PRO B 2 10  ? 16.985  -1.898  0.279   1.00 0.23 ? 10  PRO B HB2  1 
ATOM   1793 H HB3  . PRO B 2 10  ? 15.971  -2.967  -0.701  1.00 0.22 ? 10  PRO B HB3  1 
ATOM   1794 H HG2  . PRO B 2 10  ? 15.551  -0.153  -0.148  1.00 0.27 ? 10  PRO B HG2  1 
ATOM   1795 H HG3  . PRO B 2 10  ? 14.556  -1.222  -1.148  1.00 0.25 ? 10  PRO B HG3  1 
ATOM   1796 H HD2  . PRO B 2 10  ? 13.965  -0.200  1.508   1.00 0.20 ? 10  PRO B HD2  1 
ATOM   1797 H HD3  . PRO B 2 10  ? 12.931  -1.202  0.471   1.00 0.18 ? 10  PRO B HD3  1 
ATOM   1798 N N    . SER B 2 11  ? 15.979  -2.592  3.760   1.00 0.17 ? 11  SER B N    1 
ATOM   1799 C CA   . SER B 2 11  ? 16.882  -2.456  4.936   1.00 0.23 ? 11  SER B CA   1 
ATOM   1800 C C    . SER B 2 11  ? 17.189  -3.853  5.472   1.00 0.31 ? 11  SER B C    1 
ATOM   1801 O O    . SER B 2 11  ? 18.275  -4.132  5.942   1.00 0.55 ? 11  SER B O    1 
ATOM   1802 C CB   . SER B 2 11  ? 16.179  -1.634  6.021   1.00 0.26 ? 11  SER B CB   1 
ATOM   1803 O OG   . SER B 2 11  ? 17.066  -1.439  7.115   1.00 0.51 ? 11  SER B OG   1 
ATOM   1804 H H    . SER B 2 11  ? 15.015  -2.513  3.883   1.00 0.15 ? 11  SER B H    1 
ATOM   1805 H HA   . SER B 2 11  ? 17.798  -1.967  4.641   1.00 0.28 ? 11  SER B HA   1 
ATOM   1806 H HB2  . SER B 2 11  ? 15.892  -0.675  5.622   1.00 0.36 ? 11  SER B HB2  1 
ATOM   1807 H HB3  . SER B 2 11  ? 15.292  -2.160  6.353   1.00 0.38 ? 11  SER B HB3  1 
ATOM   1808 H HG   . SER B 2 11  ? 17.963  -1.531  6.789   1.00 1.11 ? 11  SER B HG   1 
ATOM   1809 N N    . HIS B 2 12  ? 16.227  -4.734  5.390   1.00 0.44 ? 12  HIS B N    1 
ATOM   1810 C CA   . HIS B 2 12  ? 16.414  -6.135  5.874   1.00 0.55 ? 12  HIS B CA   1 
ATOM   1811 C C    . HIS B 2 12  ? 16.527  -7.062  4.660   1.00 1.03 ? 12  HIS B C    1 
ATOM   1812 O O    . HIS B 2 12  ? 16.091  -6.729  3.575   1.00 1.71 ? 12  HIS B O    1 
ATOM   1813 C CB   . HIS B 2 12  ? 15.192  -6.529  6.709   1.00 1.21 ? 12  HIS B CB   1 
ATOM   1814 C CG   . HIS B 2 12  ? 15.421  -7.859  7.373   1.00 1.32 ? 12  HIS B CG   1 
ATOM   1815 N ND1  . HIS B 2 12  ? 16.657  -8.485  7.380   1.00 1.62 ? 12  HIS B ND1  1 
ATOM   1816 C CD2  . HIS B 2 12  ? 14.574  -8.694  8.061   1.00 1.87 ? 12  HIS B CD2  1 
ATOM   1817 C CE1  . HIS B 2 12  ? 16.520  -9.644  8.053   1.00 1.59 ? 12  HIS B CE1  1 
ATOM   1818 N NE2  . HIS B 2 12  ? 15.271  -9.819  8.489   1.00 1.71 ? 12  HIS B NE2  1 
ATOM   1819 H H    . HIS B 2 12  ? 15.367  -4.472  4.999   1.00 0.62 ? 12  HIS B H    1 
ATOM   1820 H HA   . HIS B 2 12  ? 17.308  -6.210  6.477   1.00 0.96 ? 12  HIS B HA   1 
ATOM   1821 H HB2  . HIS B 2 12  ? 15.018  -5.778  7.465   1.00 1.67 ? 12  HIS B HB2  1 
ATOM   1822 H HB3  . HIS B 2 12  ? 14.326  -6.594  6.066   1.00 1.58 ? 12  HIS B HB3  1 
ATOM   1823 H HD1  . HIS B 2 12  ? 17.481  -8.147  6.971   1.00 2.21 ? 12  HIS B HD1  1 
ATOM   1824 H HD2  . HIS B 2 12  ? 13.527  -8.504  8.242   1.00 2.65 ? 12  HIS B HD2  1 
ATOM   1825 H HE1  . HIS B 2 12  ? 17.323  -10.346 8.220   1.00 1.98 ? 12  HIS B HE1  1 
ATOM   1826 N N    . GLY B 2 13  ? 17.109  -8.217  4.823   1.00 1.54 ? 13  GLY B N    1 
ATOM   1827 C CA   . GLY B 2 13  ? 17.242  -9.150  3.667   1.00 2.32 ? 13  GLY B CA   1 
ATOM   1828 C C    . GLY B 2 13  ? 18.341  -10.174 3.955   1.00 2.84 ? 13  GLY B C    1 
ATOM   1829 O O    . GLY B 2 13  ? 18.053  -11.357 3.882   1.00 3.28 ? 13  GLY B O    1 
ATOM   1830 O OXT  . GLY B 2 13  ? 19.451  -9.757  4.239   1.00 3.41 ? 13  GLY B OXT  1 
ATOM   1831 H H    . GLY B 2 13  ? 17.458  -8.470  5.702   1.00 1.79 ? 13  GLY B H    1 
ATOM   1832 H HA2  . GLY B 2 13  ? 16.304  -9.662  3.508   1.00 2.81 ? 13  GLY B HA2  1 
ATOM   1833 H HA3  . GLY B 2 13  ? 17.501  -8.591  2.781   1.00 2.71 ? 13  GLY B HA3  1 
HETATM 1834 O O    . HOH C 3 .   ? -13.652 -2.406  -3.975  1.00 0.35 ? 106 HOH A O    1 
HETATM 1835 H H1   . HOH C 3 .   ? -14.008 -2.806  -4.768  1.00 0.42 ? 106 HOH A H1   1 
HETATM 1836 H H2   . HOH C 3 .   ? -12.771 -2.772  -3.897  1.00 0.58 ? 106 HOH A H2   1 
HETATM 1837 O O    . HOH C 3 .   ? -1.329  9.805   3.103   1.00 0.74 ? 107 HOH A O    1 
HETATM 1838 H H1   . HOH C 3 .   ? -2.051  9.339   3.526   1.00 0.83 ? 107 HOH A H1   1 
HETATM 1839 H H2   . HOH C 3 .   ? -0.568  9.243   3.242   1.00 1.21 ? 107 HOH A H2   1 
HETATM 1840 O O    . HOH C 3 .   ? 4.295   8.074   6.588   1.00 0.32 ? 108 HOH A O    1 
HETATM 1841 H H1   . HOH C 3 .   ? 4.068   8.498   5.760   1.00 0.78 ? 108 HOH A H1   1 
HETATM 1842 H H2   . HOH C 3 .   ? 4.492   7.169   6.348   1.00 0.83 ? 108 HOH A H2   1 
HETATM 1843 O O    . HOH C 3 .   ? -12.631 -3.037  -6.700  1.00 0.28 ? 109 HOH A O    1 
HETATM 1844 H H1   . HOH C 3 .   ? -12.495 -2.252  -7.228  1.00 0.74 ? 109 HOH A H1   1 
HETATM 1845 H H2   . HOH C 3 .   ? -12.007 -2.952  -5.979  1.00 0.97 ? 109 HOH A H2   1 
HETATM 1846 O O    . HOH C 3 .   ? -16.097 -0.801  -4.957  1.00 0.24 ? 110 HOH A O    1 
HETATM 1847 H H1   . HOH C 3 .   ? -15.323 -0.484  -4.490  1.00 0.69 ? 110 HOH A H1   1 
HETATM 1848 H H2   . HOH C 3 .   ? -16.597 -0.010  -5.159  1.00 0.73 ? 110 HOH A H2   1 
HETATM 1849 O O    . HOH C 3 .   ? -8.141  -5.967  -10.776 1.00 0.28 ? 111 HOH A O    1 
HETATM 1850 H H1   . HOH C 3 .   ? -8.079  -5.420  -11.558 1.00 0.76 ? 111 HOH A H1   1 
HETATM 1851 H H2   . HOH C 3 .   ? -8.185  -5.344  -10.050 1.00 0.75 ? 111 HOH A H2   1 
# 
